data_6ZN3
#
_entry.id   6ZN3
#
_cell.length_a   211.880
_cell.length_b   211.880
_cell.length_c   75.460
_cell.angle_alpha   90.00
_cell.angle_beta   90.00
_cell.angle_gamma   90.00
#
_symmetry.space_group_name_H-M   'P 43'
#
loop_
_entity.id
_entity.type
_entity.pdbx_description
1 polymer 'Myosin essential light chain ELC'
2 polymer 'Myosin A tail domain interacting protein'
3 polymer Myosin-A
4 water water
#
loop_
_entity_poly.entity_id
_entity_poly.type
_entity_poly.pdbx_seq_one_letter_code
_entity_poly.pdbx_strand_id
1 'polypeptide(L)'
;SMASDMEEKFREAFILFSSCSDHIEMYKFFELMNSFGIILTNDEKAALPNDINMDYWLNFAKKHYNYEQPFKHINNVNEQ
NTNVQIKIDNFLGIMKALDTRLTESDLNILLQITNPENKSTLNLKTVSQKLTESI
;
A,D,G,J,M
2 'polypeptide(L)'
;SMESVADIQQLEEKVDESDVRIYFNEKSSGGKISIDNASYNARKLGLAPSSIDEKKIKELYGDNLTYEQYLEYLSICVHD
KDNVEELIKMFAHFDNNCTGYLTKSQMKNILTTWGDALTDQEAIDALNAFSSEDNIDYKLFCEDILQ
;
B,E,H,K,N
3 'polypeptide(L)' SVEWENCVSVIEAAILKHKYKQKVNKNIPSLLRVQAHIRKKMV C,F,I,L,O
#
# COMPACT_ATOMS: atom_id res chain seq x y z
N SER A 1 52.51 -6.92 17.30
CA SER A 1 53.54 -5.96 16.86
C SER A 1 53.14 -4.56 17.32
N MET A 2 54.10 -3.66 17.48
CA MET A 2 53.79 -2.23 17.65
C MET A 2 52.59 -1.85 16.76
N ALA A 3 52.56 -2.28 15.50
CA ALA A 3 51.47 -1.87 14.59
C ALA A 3 50.14 -2.51 14.99
N SER A 4 50.13 -3.82 15.18
CA SER A 4 48.92 -4.59 15.58
C SER A 4 48.42 -4.10 16.94
N ASP A 5 49.29 -3.78 17.91
CA ASP A 5 48.83 -3.27 19.24
C ASP A 5 48.26 -1.87 19.07
N MET A 6 48.74 -1.05 18.12
CA MET A 6 48.10 0.26 17.88
C MET A 6 46.73 0.08 17.23
N GLU A 7 46.44 -1.03 16.57
CA GLU A 7 45.23 -1.07 15.71
C GLU A 7 44.01 -0.83 16.62
N GLU A 8 44.02 -1.33 17.86
CA GLU A 8 42.91 -1.13 18.84
C GLU A 8 42.64 0.37 19.00
N LYS A 9 43.69 1.17 19.26
CA LYS A 9 43.58 2.63 19.55
C LYS A 9 43.21 3.37 18.27
N PHE A 10 43.70 2.91 17.11
CA PHE A 10 43.28 3.51 15.83
C PHE A 10 41.80 3.25 15.59
N ARG A 11 41.29 2.04 15.88
CA ARG A 11 39.85 1.72 15.63
C ARG A 11 38.99 2.58 16.56
N GLU A 12 39.36 2.62 17.85
CA GLU A 12 38.62 3.39 18.87
C GLU A 12 38.46 4.83 18.35
N ALA A 13 39.55 5.42 17.86
CA ALA A 13 39.64 6.86 17.53
C ALA A 13 38.82 7.11 16.28
N PHE A 14 38.79 6.18 15.34
CA PHE A 14 37.93 6.38 14.15
C PHE A 14 36.46 6.43 14.60
N ILE A 15 36.11 5.55 15.52
CA ILE A 15 34.70 5.49 15.99
C ILE A 15 34.37 6.80 16.73
N LEU A 16 35.20 7.24 17.66
CA LEU A 16 35.03 8.53 18.37
C LEU A 16 34.92 9.73 17.43
N PHE A 17 35.71 9.84 16.36
CA PHE A 17 35.81 11.06 15.51
C PHE A 17 34.79 11.02 14.37
N SER A 18 34.32 9.84 14.01
CA SER A 18 33.27 9.65 12.97
C SER A 18 31.88 9.69 13.61
N SER A 19 31.81 9.75 14.95
CA SER A 19 30.61 9.47 15.80
C SER A 19 29.99 8.15 15.34
N CYS A 20 30.81 7.11 15.34
CA CYS A 20 30.40 5.73 15.01
C CYS A 20 29.69 5.68 13.65
N SER A 21 30.21 6.34 12.64
CA SER A 21 29.75 6.19 11.24
C SER A 21 30.71 5.33 10.41
N ASP A 22 30.24 4.87 9.26
CA ASP A 22 31.04 4.06 8.31
C ASP A 22 32.08 4.94 7.60
N HIS A 23 31.72 6.19 7.36
CA HIS A 23 32.49 7.20 6.58
C HIS A 23 32.73 8.40 7.49
N ILE A 24 33.89 9.03 7.39
CA ILE A 24 34.32 10.13 8.28
C ILE A 24 34.47 11.37 7.43
N GLU A 25 33.87 12.48 7.79
CA GLU A 25 34.05 13.80 7.10
C GLU A 25 35.54 14.13 7.04
N MET A 26 35.97 14.80 5.99
CA MET A 26 37.42 15.12 5.86
C MET A 26 37.88 16.00 7.05
N TYR A 27 37.16 17.05 7.45
CA TYR A 27 37.77 17.92 8.50
C TYR A 27 38.04 17.06 9.74
N LYS A 28 37.21 16.04 9.96
CA LYS A 28 37.31 15.12 11.12
C LYS A 28 38.48 14.16 10.93
N PHE A 29 38.76 13.79 9.67
CA PHE A 29 39.90 12.90 9.35
C PHE A 29 41.18 13.67 9.62
N PHE A 30 41.23 14.97 9.34
CA PHE A 30 42.47 15.75 9.67
C PHE A 30 42.67 15.74 11.19
N GLU A 31 41.61 15.86 11.97
CA GLU A 31 41.75 15.89 13.44
C GLU A 31 42.20 14.50 13.86
N LEU A 32 41.58 13.48 13.27
CA LEU A 32 41.85 12.08 13.63
C LEU A 32 43.35 11.82 13.44
N MET A 33 43.92 12.18 12.28
CA MET A 33 45.33 11.83 12.07
C MET A 33 46.19 12.72 12.94
N ASN A 34 45.80 13.99 13.12
CA ASN A 34 46.64 14.92 13.90
C ASN A 34 46.71 14.41 15.33
N SER A 35 45.61 13.82 15.82
CA SER A 35 45.47 13.33 17.22
C SER A 35 46.52 12.25 17.51
N PHE A 36 47.02 11.55 16.48
CA PHE A 36 48.12 10.55 16.60
C PHE A 36 49.45 11.13 16.08
N GLY A 37 49.53 12.46 15.99
CA GLY A 37 50.74 13.22 15.61
C GLY A 37 51.07 13.19 14.13
N ILE A 38 50.18 12.73 13.28
CA ILE A 38 50.44 12.60 11.82
C ILE A 38 50.07 13.90 11.13
N ILE A 39 50.98 14.38 10.30
CA ILE A 39 50.76 15.59 9.47
C ILE A 39 51.19 15.29 8.06
N LEU A 40 50.32 15.54 7.10
CA LEU A 40 50.66 15.30 5.69
C LEU A 40 51.13 16.61 5.08
N THR A 41 51.86 16.48 3.97
CA THR A 41 52.09 17.54 2.96
C THR A 41 50.82 17.72 2.16
N ASN A 42 50.68 18.90 1.57
CA ASN A 42 49.53 19.24 0.72
C ASN A 42 49.49 18.25 -0.47
N ASP A 43 50.63 17.75 -0.94
CA ASP A 43 50.65 16.80 -2.08
C ASP A 43 50.12 15.45 -1.62
N GLU A 44 50.46 15.00 -0.43
CA GLU A 44 49.85 13.76 0.12
C GLU A 44 48.34 13.99 0.34
N LYS A 45 47.92 15.19 0.77
CA LYS A 45 46.47 15.41 0.99
C LYS A 45 45.72 15.24 -0.32
N ALA A 46 46.29 15.70 -1.43
CA ALA A 46 45.65 15.64 -2.76
C ALA A 46 45.37 14.19 -3.18
N ALA A 47 46.13 13.21 -2.69
CA ALA A 47 45.95 11.78 -3.01
C ALA A 47 44.89 11.08 -2.13
N LEU A 48 44.56 11.58 -0.93
CA LEU A 48 43.44 11.05 -0.09
C LEU A 48 42.15 10.92 -0.90
N PRO A 49 41.40 9.80 -0.72
CA PRO A 49 40.01 9.72 -1.19
C PRO A 49 39.10 10.59 -0.32
N ASN A 50 37.99 11.04 -0.90
CA ASN A 50 36.94 11.79 -0.16
C ASN A 50 36.09 10.83 0.68
N ASP A 51 36.05 9.56 0.34
CA ASP A 51 35.18 8.60 1.06
C ASP A 51 36.11 7.73 1.90
N ILE A 52 36.24 8.08 3.16
CA ILE A 52 37.21 7.40 4.03
C ILE A 52 36.45 6.54 5.00
N ASN A 53 36.89 5.31 5.05
CA ASN A 53 36.26 4.26 5.84
C ASN A 53 37.32 3.77 6.83
N MET A 54 36.91 2.89 7.71
CA MET A 54 37.79 2.34 8.76
C MET A 54 39.02 1.71 8.09
N ASP A 55 38.86 0.91 7.03
CA ASP A 55 40.05 0.12 6.53
C ASP A 55 41.09 1.07 5.95
N TYR A 56 40.67 2.10 5.23
CA TYR A 56 41.62 3.08 4.67
C TYR A 56 42.42 3.65 5.87
N TRP A 57 41.69 4.11 6.89
CA TRP A 57 42.29 4.77 8.06
C TRP A 57 43.34 3.85 8.67
N LEU A 58 42.99 2.59 8.90
CA LEU A 58 43.89 1.62 9.56
C LEU A 58 45.15 1.44 8.72
N ASN A 59 45.11 1.32 7.40
CA ASN A 59 46.36 1.20 6.59
C ASN A 59 47.13 2.53 6.64
N PHE A 60 46.43 3.65 6.52
CA PHE A 60 47.03 4.99 6.56
C PHE A 60 47.75 5.17 7.89
N ALA A 61 47.10 4.83 9.00
CA ALA A 61 47.65 5.04 10.33
C ALA A 61 48.90 4.18 10.53
N LYS A 62 48.90 2.91 10.08
CA LYS A 62 50.01 1.94 10.36
C LYS A 62 51.24 2.41 9.61
N LYS A 63 51.06 3.07 8.47
CA LYS A 63 52.18 3.59 7.66
C LYS A 63 52.65 4.96 8.19
N HIS A 64 51.76 5.89 8.57
CA HIS A 64 52.21 7.28 8.82
C HIS A 64 52.52 7.49 10.30
N TYR A 65 52.17 6.58 11.18
CA TYR A 65 52.43 6.78 12.62
C TYR A 65 53.92 6.58 12.81
N ASN A 66 54.50 7.39 13.67
CA ASN A 66 55.90 7.36 14.11
C ASN A 66 55.96 6.53 15.38
N TYR A 67 56.32 5.25 15.26
CA TYR A 67 56.31 4.28 16.38
C TYR A 67 57.26 4.71 17.48
N GLU A 68 58.42 5.31 17.17
CA GLU A 68 59.41 5.70 18.20
C GLU A 68 59.09 7.08 18.79
N GLN A 69 58.60 8.04 18.00
CA GLN A 69 58.34 9.41 18.52
C GLN A 69 56.99 9.89 17.98
N PRO A 70 55.91 9.36 18.56
CA PRO A 70 54.58 9.64 18.02
C PRO A 70 54.31 11.14 17.83
N PHE A 71 54.79 11.95 18.76
CA PHE A 71 54.56 13.42 18.78
C PHE A 71 55.81 14.19 18.38
N LYS A 72 56.54 13.69 17.38
CA LYS A 72 57.77 14.34 16.84
C LYS A 72 57.44 15.80 16.55
N HIS A 73 56.28 16.12 16.00
CA HIS A 73 56.01 17.49 15.50
C HIS A 73 55.95 18.48 16.66
N ILE A 74 55.76 18.02 17.89
CA ILE A 74 55.81 18.92 19.07
C ILE A 74 57.28 19.27 19.35
N ASN A 75 58.17 18.27 19.30
CA ASN A 75 59.63 18.41 19.58
C ASN A 75 60.38 18.96 18.36
N ASN A 76 59.75 19.08 17.19
CA ASN A 76 60.40 19.67 15.99
C ASN A 76 60.43 21.19 16.11
N VAL A 77 59.59 21.75 16.99
CA VAL A 77 59.62 23.20 17.30
C VAL A 77 60.79 23.46 18.25
N ASN A 78 61.28 22.42 18.95
CA ASN A 78 62.45 22.54 19.85
C ASN A 78 63.69 22.91 19.03
N GLU A 79 63.76 22.53 17.75
CA GLU A 79 64.87 22.98 16.85
C GLU A 79 64.76 24.50 16.68
N GLN A 80 63.54 25.02 16.50
CA GLN A 80 63.26 26.48 16.45
C GLN A 80 63.53 27.09 17.83
N ASN A 81 62.67 26.80 18.82
CA ASN A 81 62.85 27.22 20.24
C ASN A 81 63.33 26.02 21.06
N THR A 82 64.60 26.03 21.52
CA THR A 82 65.21 24.86 22.21
C THR A 82 64.44 24.63 23.53
N ASN A 83 64.68 23.48 24.18
CA ASN A 83 63.96 23.11 25.43
C ASN A 83 64.01 24.29 26.39
N VAL A 84 62.85 24.89 26.69
CA VAL A 84 62.76 26.09 27.58
C VAL A 84 61.55 25.87 28.48
N GLN A 85 61.61 26.40 29.70
CA GLN A 85 60.50 26.21 30.66
C GLN A 85 59.51 27.36 30.47
N ILE A 86 58.64 27.24 29.47
CA ILE A 86 57.66 28.31 29.09
C ILE A 86 56.80 28.57 30.32
N LYS A 87 56.49 29.84 30.59
CA LYS A 87 55.60 30.19 31.73
C LYS A 87 54.20 29.65 31.41
N ILE A 88 53.53 29.03 32.38
CA ILE A 88 52.14 28.49 32.21
C ILE A 88 51.28 29.54 31.48
N ASP A 89 51.52 30.84 31.74
CA ASP A 89 50.84 32.00 31.08
C ASP A 89 51.32 32.15 29.61
N ASN A 90 52.64 32.19 29.39
CA ASN A 90 53.29 32.37 28.05
C ASN A 90 52.86 31.25 27.10
N PHE A 91 52.64 30.05 27.63
CA PHE A 91 52.27 28.85 26.85
C PHE A 91 50.80 28.95 26.41
N LEU A 92 49.92 29.47 27.29
CA LEU A 92 48.48 29.80 27.02
C LEU A 92 48.41 30.91 25.95
N GLY A 93 49.32 31.89 26.02
CA GLY A 93 49.49 32.98 25.03
C GLY A 93 49.86 32.45 23.66
N ILE A 94 50.80 31.51 23.59
CA ILE A 94 51.23 30.85 22.33
C ILE A 94 50.05 30.09 21.70
N MET A 95 49.14 29.54 22.52
CA MET A 95 48.00 28.67 22.10
C MET A 95 46.84 29.52 21.54
N LYS A 96 46.38 30.53 22.29
CA LYS A 96 45.26 31.42 21.88
C LYS A 96 45.68 32.33 20.72
N ALA A 97 46.99 32.61 20.58
CA ALA A 97 47.55 33.44 19.48
C ALA A 97 47.37 32.67 18.16
N LEU A 98 48.06 31.54 18.02
CA LEU A 98 47.85 30.65 16.86
C LEU A 98 46.36 30.27 16.86
N ASP A 99 45.68 30.36 15.72
CA ASP A 99 44.22 30.03 15.70
C ASP A 99 44.05 28.62 16.27
N THR A 100 43.29 28.50 17.37
CA THR A 100 43.14 27.22 18.11
C THR A 100 41.67 26.92 18.37
N ARG A 101 41.31 25.63 18.41
CA ARG A 101 39.93 25.18 18.66
C ARG A 101 39.79 24.82 20.15
N LEU A 102 40.82 25.05 20.97
CA LEU A 102 40.78 24.63 22.40
C LEU A 102 40.42 25.84 23.31
N THR A 103 39.40 25.63 24.15
CA THR A 103 38.87 26.62 25.12
C THR A 103 39.86 26.70 26.29
N GLU A 104 39.61 27.62 27.24
CA GLU A 104 40.41 27.67 28.50
C GLU A 104 40.14 26.41 29.33
N SER A 105 38.91 25.89 29.27
CA SER A 105 38.51 24.62 29.93
C SER A 105 39.31 23.46 29.30
N ASP A 106 39.45 23.47 27.97
CA ASP A 106 40.28 22.47 27.23
C ASP A 106 41.75 22.72 27.59
N LEU A 107 42.15 23.97 27.75
CA LEU A 107 43.54 24.28 28.19
C LEU A 107 43.80 23.64 29.56
N ASN A 108 42.78 23.56 30.44
CA ASN A 108 42.94 22.99 31.81
C ASN A 108 43.19 21.48 31.70
N ILE A 109 42.46 20.82 30.80
CA ILE A 109 42.62 19.37 30.47
C ILE A 109 44.06 19.16 29.96
N LEU A 110 44.58 20.10 29.17
CA LEU A 110 45.97 20.04 28.65
C LEU A 110 46.96 20.17 29.82
N LEU A 111 46.76 21.19 30.67
CA LEU A 111 47.46 21.38 31.97
C LEU A 111 47.28 20.12 32.84
N GLN A 112 46.06 19.55 32.96
CA GLN A 112 45.78 18.34 33.79
C GLN A 112 46.56 17.11 33.32
N ILE A 113 47.05 17.01 32.06
CA ILE A 113 47.82 15.83 31.52
C ILE A 113 49.33 16.10 31.59
N THR A 114 49.74 17.37 31.58
CA THR A 114 51.15 17.78 31.30
C THR A 114 51.86 18.31 32.57
N ASN A 115 51.20 19.12 33.41
CA ASN A 115 51.82 19.90 34.52
C ASN A 115 52.48 18.94 35.53
N PRO A 116 51.87 17.79 35.95
CA PRO A 116 50.49 17.71 36.44
C PRO A 116 50.17 18.70 37.55
N GLU A 117 50.97 18.73 38.63
CA GLU A 117 50.74 19.62 39.81
C GLU A 117 51.88 20.61 40.03
N ASN A 118 52.97 20.57 39.26
CA ASN A 118 54.16 21.44 39.50
C ASN A 118 53.77 22.91 39.37
N LYS A 119 52.90 23.23 38.40
CA LYS A 119 52.35 24.60 38.17
C LYS A 119 53.50 25.61 38.12
N SER A 120 54.66 25.21 37.57
CA SER A 120 55.87 26.06 37.54
C SER A 120 56.50 26.04 36.15
N THR A 121 57.25 24.98 35.82
CA THR A 121 58.07 24.89 34.60
C THR A 121 57.54 23.79 33.67
N LEU A 122 57.31 24.12 32.40
CA LEU A 122 56.82 23.15 31.39
C LEU A 122 57.67 23.19 30.12
N ASN A 123 58.36 22.08 29.80
CA ASN A 123 59.16 21.97 28.55
C ASN A 123 58.34 21.14 27.56
N LEU A 124 58.49 21.43 26.26
CA LEU A 124 57.72 20.72 25.21
C LEU A 124 58.00 19.21 25.22
N LYS A 125 59.15 18.74 25.73
CA LYS A 125 59.53 17.31 25.75
C LYS A 125 58.73 16.55 26.82
N THR A 126 58.31 17.20 27.90
CA THR A 126 57.37 16.57 28.89
C THR A 126 56.00 16.50 28.20
N VAL A 127 55.49 17.60 27.62
CA VAL A 127 54.11 17.59 27.05
C VAL A 127 54.01 16.54 25.94
N SER A 128 55.03 16.34 25.12
CA SER A 128 55.03 15.22 24.14
C SER A 128 55.03 13.90 24.92
N GLN A 129 55.85 13.78 25.96
CA GLN A 129 55.94 12.52 26.76
C GLN A 129 54.59 12.28 27.44
N LYS A 130 53.99 13.31 28.01
CA LYS A 130 52.72 13.16 28.75
C LYS A 130 51.65 12.69 27.77
N LEU A 131 51.64 13.28 26.57
CA LEU A 131 50.58 13.03 25.56
C LEU A 131 50.77 11.65 24.95
N THR A 132 52.00 11.13 24.85
CA THR A 132 52.21 9.75 24.36
C THR A 132 51.70 8.81 25.45
N GLU A 133 51.95 9.16 26.73
CA GLU A 133 51.64 8.27 27.88
C GLU A 133 50.12 8.03 27.86
N SER A 134 49.32 9.04 27.52
CA SER A 134 47.82 9.02 27.53
C SER A 134 47.21 8.57 26.19
N ILE A 135 48.00 7.93 25.31
CA ILE A 135 47.49 7.19 24.13
C ILE A 135 46.99 5.82 24.63
N ILE B 8 21.74 -13.51 51.17
CA ILE B 8 20.92 -12.34 50.72
C ILE B 8 19.55 -12.86 50.25
N GLN B 9 18.49 -12.11 50.59
CA GLN B 9 17.06 -12.45 50.30
C GLN B 9 16.70 -12.08 48.86
N GLN B 10 17.53 -11.29 48.19
CA GLN B 10 17.40 -10.96 46.74
C GLN B 10 17.85 -12.14 45.87
N LEU B 11 18.86 -12.91 46.29
CA LEU B 11 19.39 -14.11 45.57
C LEU B 11 18.37 -15.26 45.63
N GLU B 12 17.95 -15.64 46.85
CA GLU B 12 17.04 -16.78 47.12
C GLU B 12 15.74 -16.62 46.31
N GLU B 13 15.28 -15.38 46.09
CA GLU B 13 14.00 -15.08 45.37
C GLU B 13 14.17 -15.22 43.85
N LYS B 14 15.33 -14.89 43.28
CA LYS B 14 15.55 -14.83 41.80
C LYS B 14 16.01 -16.20 41.24
N VAL B 15 16.80 -16.99 41.98
CA VAL B 15 17.40 -18.25 41.45
C VAL B 15 16.80 -19.48 42.17
N ASP B 16 16.67 -20.59 41.42
CA ASP B 16 16.27 -21.95 41.87
C ASP B 16 17.37 -22.53 42.77
N GLU B 17 17.08 -22.86 44.04
CA GLU B 17 18.16 -23.18 45.03
C GLU B 17 18.78 -24.55 44.68
N SER B 18 18.01 -25.46 44.08
CA SER B 18 18.48 -26.82 43.71
C SER B 18 19.45 -26.68 42.54
N ASP B 19 19.10 -25.88 41.52
CA ASP B 19 20.00 -25.61 40.37
C ASP B 19 21.32 -24.91 40.82
N VAL B 20 21.37 -24.21 41.95
CA VAL B 20 22.64 -23.61 42.43
C VAL B 20 23.59 -24.72 42.85
N ARG B 21 23.14 -25.60 43.73
CA ARG B 21 23.88 -26.82 44.18
C ARG B 21 24.29 -27.63 42.95
N ILE B 22 23.36 -27.86 42.04
CA ILE B 22 23.59 -28.85 40.96
C ILE B 22 24.64 -28.31 40.00
N TYR B 23 24.43 -27.09 39.50
CA TYR B 23 25.36 -26.43 38.57
C TYR B 23 26.77 -26.43 39.20
N PHE B 24 26.86 -26.27 40.51
CA PHE B 24 28.19 -26.33 41.14
C PHE B 24 28.77 -27.74 40.95
N ASN B 25 28.01 -28.78 41.26
CA ASN B 25 28.46 -30.19 41.12
C ASN B 25 28.82 -30.47 39.67
N GLU B 26 28.11 -29.84 38.72
CA GLU B 26 28.37 -30.04 37.28
C GLU B 26 29.76 -29.53 36.89
N LYS B 27 30.41 -28.66 37.68
CA LYS B 27 31.65 -27.95 37.28
C LYS B 27 32.69 -27.98 38.39
N SER B 28 32.37 -28.37 39.61
CA SER B 28 33.34 -28.34 40.74
C SER B 28 34.52 -29.27 40.48
N SER B 29 35.58 -29.11 41.24
CA SER B 29 36.75 -30.03 41.21
C SER B 29 37.56 -29.78 42.47
N GLY B 30 37.79 -30.84 43.24
CA GLY B 30 38.42 -30.79 44.57
C GLY B 30 37.67 -29.88 45.53
N GLY B 31 36.34 -29.83 45.45
CA GLY B 31 35.53 -29.03 46.39
C GLY B 31 35.49 -27.55 46.05
N LYS B 32 36.08 -27.16 44.91
CA LYS B 32 36.20 -25.74 44.47
C LYS B 32 35.70 -25.59 43.02
N ILE B 33 35.17 -24.41 42.65
CA ILE B 33 34.78 -24.03 41.27
C ILE B 33 35.58 -22.79 40.80
N SER B 34 36.01 -22.83 39.54
CA SER B 34 36.78 -21.76 38.85
C SER B 34 35.85 -20.56 38.69
N ILE B 35 36.42 -19.35 38.71
CA ILE B 35 35.59 -18.13 38.49
C ILE B 35 34.86 -18.30 37.16
N ASP B 36 35.54 -18.79 36.12
CA ASP B 36 34.95 -18.84 34.77
C ASP B 36 33.66 -19.68 34.85
N ASN B 37 33.77 -20.85 35.48
CA ASN B 37 32.63 -21.76 35.71
C ASN B 37 31.57 -21.10 36.61
N ALA B 38 31.96 -20.39 37.65
CA ALA B 38 30.94 -19.75 38.50
C ALA B 38 30.14 -18.73 37.67
N SER B 39 30.77 -18.09 36.69
CA SER B 39 30.09 -17.07 35.85
C SER B 39 29.17 -17.76 34.86
N TYR B 40 29.57 -18.95 34.41
CA TYR B 40 28.76 -19.78 33.48
C TYR B 40 27.49 -20.21 34.25
N ASN B 41 27.69 -20.72 35.47
CA ASN B 41 26.56 -21.12 36.35
C ASN B 41 25.65 -19.91 36.56
N ALA B 42 26.23 -18.75 36.87
CA ALA B 42 25.46 -17.53 37.17
C ALA B 42 24.58 -17.21 35.96
N ARG B 43 25.11 -17.40 34.77
CA ARG B 43 24.33 -17.08 33.55
C ARG B 43 23.24 -18.13 33.41
N LYS B 44 23.56 -19.41 33.66
CA LYS B 44 22.53 -20.48 33.53
C LYS B 44 21.40 -20.23 34.54
N LEU B 45 21.69 -19.65 35.70
CA LEU B 45 20.68 -19.29 36.72
C LEU B 45 19.91 -18.04 36.34
N GLY B 46 20.20 -17.37 35.22
CA GLY B 46 19.55 -16.08 34.83
C GLY B 46 20.18 -14.82 35.43
N LEU B 47 21.40 -14.87 35.99
CA LEU B 47 22.21 -13.68 36.38
C LEU B 47 23.12 -13.21 35.24
N ALA B 48 23.76 -12.05 35.43
CA ALA B 48 24.60 -11.43 34.40
C ALA B 48 25.78 -10.80 35.12
N PRO B 49 26.83 -11.59 35.46
CA PRO B 49 28.08 -11.03 35.96
C PRO B 49 28.84 -10.32 34.84
N SER B 50 29.62 -9.31 35.23
CA SER B 50 30.60 -8.56 34.42
C SER B 50 31.99 -8.87 34.95
N SER B 51 33.03 -8.32 34.34
CA SER B 51 34.44 -8.41 34.83
C SER B 51 34.58 -7.71 36.20
N ILE B 52 33.75 -6.69 36.48
CA ILE B 52 33.76 -6.03 37.81
C ILE B 52 33.46 -7.09 38.87
N ASP B 53 32.41 -7.89 38.63
CA ASP B 53 31.95 -8.93 39.58
C ASP B 53 33.04 -10.01 39.67
N GLU B 54 33.72 -10.34 38.56
CA GLU B 54 34.82 -11.35 38.63
C GLU B 54 35.99 -10.75 39.41
N LYS B 55 36.35 -9.48 39.19
CA LYS B 55 37.49 -8.83 39.92
C LYS B 55 37.18 -8.77 41.44
N LYS B 56 35.96 -8.42 41.83
CA LYS B 56 35.61 -8.30 43.27
C LYS B 56 35.86 -9.66 43.97
N ILE B 57 35.30 -10.76 43.47
CA ILE B 57 35.46 -12.10 44.11
C ILE B 57 36.93 -12.56 44.04
N LYS B 58 37.68 -12.20 43.00
CA LYS B 58 39.09 -12.66 42.88
C LYS B 58 39.93 -11.98 43.97
N GLU B 59 39.78 -10.66 44.18
CA GLU B 59 40.48 -9.92 45.27
C GLU B 59 40.21 -10.62 46.61
N LEU B 60 38.96 -11.05 46.89
CA LEU B 60 38.61 -11.77 48.15
C LEU B 60 39.25 -13.17 48.20
N TYR B 61 38.94 -14.07 47.26
CA TYR B 61 39.14 -15.54 47.44
C TYR B 61 40.11 -16.15 46.41
N GLY B 62 40.54 -15.44 45.39
CA GLY B 62 41.42 -16.07 44.38
C GLY B 62 40.65 -16.67 43.21
N ASP B 63 41.27 -17.60 42.48
CA ASP B 63 40.71 -18.08 41.19
C ASP B 63 39.67 -19.19 41.42
N ASN B 64 39.72 -19.82 42.60
CA ASN B 64 39.06 -21.12 42.85
C ASN B 64 38.18 -20.93 44.10
N LEU B 65 36.89 -21.22 43.97
CA LEU B 65 35.88 -20.87 45.01
C LEU B 65 35.36 -22.14 45.66
N THR B 66 35.33 -22.16 46.98
CA THR B 66 34.53 -23.07 47.80
C THR B 66 33.06 -22.84 47.52
N TYR B 67 32.22 -23.78 47.97
CA TYR B 67 30.77 -23.71 47.75
C TYR B 67 30.28 -22.38 48.34
N GLU B 68 30.70 -22.03 49.56
CA GLU B 68 30.23 -20.79 50.26
C GLU B 68 30.71 -19.54 49.50
N GLN B 69 31.97 -19.51 49.10
CA GLN B 69 32.53 -18.41 48.29
C GLN B 69 31.68 -18.27 47.01
N TYR B 70 31.29 -19.40 46.41
CA TYR B 70 30.46 -19.43 45.18
C TYR B 70 29.10 -18.81 45.48
N LEU B 71 28.52 -19.03 46.67
CA LEU B 71 27.18 -18.45 47.01
C LEU B 71 27.33 -16.92 47.13
N GLU B 72 28.45 -16.45 47.66
CA GLU B 72 28.71 -15.01 47.81
C GLU B 72 28.77 -14.40 46.40
N TYR B 73 29.56 -15.01 45.52
CA TYR B 73 29.72 -14.55 44.12
C TYR B 73 28.32 -14.44 43.51
N LEU B 74 27.44 -15.43 43.71
CA LEU B 74 26.10 -15.33 43.08
C LEU B 74 25.36 -14.13 43.68
N SER B 75 25.59 -13.75 44.94
CA SER B 75 24.84 -12.62 45.56
C SER B 75 25.30 -11.29 44.92
N ILE B 76 26.57 -11.13 44.57
CA ILE B 76 27.02 -9.83 43.98
C ILE B 76 26.70 -9.77 42.47
N CYS B 77 26.17 -10.84 41.87
CA CYS B 77 25.86 -10.92 40.42
C CYS B 77 24.39 -10.54 40.18
N VAL B 78 23.69 -10.15 41.24
CA VAL B 78 22.22 -9.95 41.14
C VAL B 78 21.90 -8.71 40.29
N HIS B 79 22.53 -7.55 40.59
CA HIS B 79 22.34 -6.31 39.78
C HIS B 79 20.86 -6.00 39.57
N ASP B 80 20.15 -5.64 40.65
CA ASP B 80 18.68 -5.40 40.70
C ASP B 80 18.31 -4.13 39.90
N LYS B 81 19.21 -3.14 39.78
CA LYS B 81 18.88 -1.78 39.25
C LYS B 81 18.79 -1.75 37.72
N ASP B 82 19.13 -2.85 37.05
CA ASP B 82 19.29 -2.89 35.58
C ASP B 82 17.92 -2.75 34.92
N ASN B 83 17.73 -1.75 34.04
CA ASN B 83 16.50 -1.52 33.25
C ASN B 83 16.90 -0.99 31.87
N VAL B 84 15.97 -0.74 30.94
CA VAL B 84 16.30 -0.22 29.57
C VAL B 84 16.95 1.17 29.66
N GLU B 85 16.49 2.07 30.54
CA GLU B 85 17.09 3.42 30.71
C GLU B 85 18.60 3.25 31.00
N GLU B 86 19.03 2.34 31.88
CA GLU B 86 20.45 2.28 32.33
C GLU B 86 21.31 1.54 31.30
N LEU B 87 20.74 0.66 30.46
CA LEU B 87 21.51 -0.11 29.45
C LEU B 87 21.81 0.73 28.19
N ILE B 88 20.90 1.64 27.80
CA ILE B 88 21.02 2.33 26.47
C ILE B 88 22.01 3.49 26.50
N LYS B 89 22.65 3.79 27.61
CA LYS B 89 23.46 5.04 27.69
C LYS B 89 24.48 5.08 26.53
N MET B 90 25.18 3.99 26.20
CA MET B 90 26.24 4.06 25.15
C MET B 90 25.59 4.18 23.77
N PHE B 91 24.47 3.52 23.52
CA PHE B 91 23.80 3.62 22.18
C PHE B 91 23.24 5.03 21.98
N ALA B 92 22.76 5.66 23.05
CA ALA B 92 22.12 6.99 22.98
C ALA B 92 23.20 8.00 22.58
N HIS B 93 24.41 7.82 23.14
CA HIS B 93 25.63 8.64 22.87
C HIS B 93 25.92 8.74 21.37
N PHE B 94 25.76 7.62 20.64
CA PHE B 94 26.21 7.45 19.24
C PHE B 94 25.04 7.55 18.29
N ASP B 95 23.82 7.77 18.77
CA ASP B 95 22.63 7.93 17.88
C ASP B 95 22.61 9.35 17.31
N ASN B 96 23.09 9.57 16.08
CA ASN B 96 23.39 10.94 15.61
C ASN B 96 22.17 11.62 15.00
N ASN B 97 21.15 10.85 14.63
CA ASN B 97 19.93 11.31 13.89
C ASN B 97 18.71 11.42 14.83
N CYS B 98 18.90 11.15 16.12
CA CYS B 98 17.81 11.04 17.14
C CYS B 98 16.63 10.21 16.61
N THR B 99 16.88 9.01 16.10
CA THR B 99 15.84 8.09 15.55
C THR B 99 15.59 6.89 16.47
N GLY B 100 16.49 6.61 17.40
CA GLY B 100 16.36 5.45 18.31
C GLY B 100 16.76 4.12 17.66
N TYR B 101 17.36 4.17 16.47
CA TYR B 101 17.89 3.01 15.70
C TYR B 101 19.40 3.21 15.53
N LEU B 102 20.11 2.09 15.43
CA LEU B 102 21.55 2.05 15.03
C LEU B 102 21.67 0.87 14.07
N THR B 103 22.61 0.89 13.12
CA THR B 103 22.80 -0.25 12.22
C THR B 103 23.49 -1.38 12.99
N LYS B 104 23.43 -2.58 12.43
CA LYS B 104 24.15 -3.74 13.01
C LYS B 104 25.64 -3.38 13.07
N SER B 105 26.23 -2.71 12.06
CA SER B 105 27.68 -2.41 12.11
C SER B 105 27.98 -1.53 13.34
N GLN B 106 27.15 -0.51 13.58
CA GLN B 106 27.33 0.47 14.68
C GLN B 106 27.31 -0.27 16.02
N MET B 107 26.35 -1.17 16.20
CA MET B 107 26.22 -1.88 17.49
C MET B 107 27.41 -2.81 17.64
N LYS B 108 27.79 -3.48 16.54
CA LYS B 108 28.91 -4.44 16.57
C LYS B 108 30.16 -3.69 17.04
N ASN B 109 30.45 -2.55 16.41
CA ASN B 109 31.62 -1.70 16.76
C ASN B 109 31.52 -1.30 18.24
N ILE B 110 30.34 -0.88 18.69
CA ILE B 110 30.20 -0.39 20.09
C ILE B 110 30.48 -1.57 21.02
N LEU B 111 29.91 -2.74 20.76
CA LEU B 111 29.99 -3.91 21.66
C LEU B 111 31.39 -4.53 21.67
N THR B 112 32.16 -4.35 20.60
CA THR B 112 33.48 -5.03 20.41
C THR B 112 34.66 -4.12 20.74
N THR B 113 34.44 -2.82 20.93
CA THR B 113 35.52 -1.86 21.20
C THR B 113 35.72 -1.63 22.69
N TRP B 114 34.67 -1.58 23.48
CA TRP B 114 34.83 -1.09 24.86
C TRP B 114 34.27 -2.08 25.88
N GLY B 115 34.68 -1.89 27.11
CA GLY B 115 34.14 -2.69 28.22
C GLY B 115 34.58 -4.12 28.08
N ASP B 116 33.70 -5.08 28.39
CA ASP B 116 34.07 -6.51 28.37
C ASP B 116 33.84 -6.93 26.94
N ALA B 117 34.73 -6.58 26.03
CA ALA B 117 34.36 -6.56 24.61
C ALA B 117 34.00 -7.98 24.18
N LEU B 118 32.88 -8.11 23.50
CA LEU B 118 32.53 -9.27 22.66
C LEU B 118 33.52 -9.44 21.50
N THR B 119 33.60 -10.65 20.96
CA THR B 119 34.26 -10.96 19.67
C THR B 119 33.30 -10.55 18.55
N ASP B 120 33.78 -10.46 17.32
CA ASP B 120 32.92 -10.04 16.17
C ASP B 120 31.78 -11.06 16.07
N GLN B 121 32.11 -12.34 16.25
CA GLN B 121 31.12 -13.45 16.16
C GLN B 121 30.11 -13.26 17.30
N GLU B 122 30.52 -13.26 18.57
CA GLU B 122 29.55 -13.15 19.69
C GLU B 122 28.58 -11.97 19.40
N ALA B 123 29.10 -10.81 18.98
CA ALA B 123 28.30 -9.58 18.71
C ALA B 123 27.34 -9.81 17.54
N ILE B 124 27.83 -10.29 16.39
CA ILE B 124 26.96 -10.47 15.20
C ILE B 124 25.89 -11.53 15.53
N ASP B 125 26.23 -12.59 16.27
CA ASP B 125 25.25 -13.64 16.67
C ASP B 125 24.12 -13.06 17.50
N ALA B 126 24.44 -12.27 18.53
CA ALA B 126 23.48 -11.67 19.48
C ALA B 126 22.49 -10.75 18.74
N LEU B 127 23.00 -10.03 17.76
CA LEU B 127 22.24 -9.06 16.95
C LEU B 127 21.36 -9.80 15.94
N ASN B 128 21.86 -10.86 15.30
CA ASN B 128 21.07 -11.66 14.30
C ASN B 128 19.95 -12.38 15.07
N ALA B 129 20.25 -12.93 16.24
CA ALA B 129 19.27 -13.51 17.19
C ALA B 129 18.16 -12.51 17.51
N PHE B 130 18.44 -11.21 17.57
CA PHE B 130 17.38 -10.24 17.94
C PHE B 130 16.58 -9.84 16.71
N SER B 131 17.20 -9.70 15.54
CA SER B 131 16.52 -9.13 14.35
C SER B 131 17.26 -9.53 13.07
N SER B 132 16.55 -9.51 11.96
CA SER B 132 17.05 -9.92 10.63
C SER B 132 17.19 -8.67 9.79
N GLU B 133 16.91 -7.52 10.41
CA GLU B 133 16.89 -6.18 9.77
C GLU B 133 18.15 -5.43 10.19
N ASP B 134 18.66 -4.55 9.32
CA ASP B 134 19.94 -3.79 9.55
C ASP B 134 19.75 -2.77 10.67
N ASN B 135 18.63 -2.05 10.66
CA ASN B 135 18.30 -1.07 11.74
C ASN B 135 17.71 -1.79 12.96
N ILE B 136 18.30 -1.52 14.12
CA ILE B 136 18.03 -2.14 15.45
C ILE B 136 17.50 -1.06 16.37
N ASP B 137 16.27 -1.21 16.86
CA ASP B 137 15.74 -0.36 17.96
C ASP B 137 16.55 -0.74 19.19
N TYR B 138 17.52 0.08 19.56
CA TYR B 138 18.40 -0.30 20.67
C TYR B 138 17.60 -0.40 21.97
N LYS B 139 16.52 0.36 22.15
CA LYS B 139 15.67 0.20 23.38
C LYS B 139 15.11 -1.23 23.40
N LEU B 140 14.50 -1.68 22.29
CA LEU B 140 13.98 -3.08 22.18
C LEU B 140 15.08 -4.14 22.37
N PHE B 141 16.27 -3.95 21.82
CA PHE B 141 17.37 -4.93 21.94
C PHE B 141 17.69 -5.14 23.42
N CYS B 142 17.77 -4.07 24.17
CA CYS B 142 18.08 -4.10 25.62
C CYS B 142 16.91 -4.72 26.40
N GLU B 143 15.67 -4.51 25.94
CA GLU B 143 14.48 -5.14 26.55
C GLU B 143 14.64 -6.67 26.39
N ASP B 144 14.90 -7.13 25.16
CA ASP B 144 15.03 -8.56 24.86
C ASP B 144 16.13 -9.17 25.74
N ILE B 145 17.34 -8.59 25.86
CA ILE B 145 18.45 -9.26 26.61
C ILE B 145 18.18 -9.17 28.11
N LEU B 146 17.23 -8.36 28.53
CA LEU B 146 16.99 -8.19 29.99
C LEU B 146 16.05 -9.30 30.49
N GLN B 147 15.21 -9.85 29.60
CA GLN B 147 14.05 -10.72 29.93
C GLN B 147 14.39 -12.16 29.53
N SER C 1 55.05 30.60 11.30
CA SER C 1 55.87 29.37 11.46
C SER C 1 54.99 28.15 11.17
N VAL C 2 55.34 27.36 10.16
CA VAL C 2 54.70 26.03 9.92
C VAL C 2 55.01 25.09 11.11
N GLU C 3 56.23 25.08 11.65
CA GLU C 3 56.61 24.26 12.83
C GLU C 3 55.70 24.54 14.01
N TRP C 4 55.30 25.79 14.22
CA TRP C 4 54.38 26.13 15.34
C TRP C 4 52.98 25.61 14.99
N GLU C 5 52.46 25.95 13.81
CA GLU C 5 51.13 25.50 13.30
C GLU C 5 50.98 23.98 13.44
N ASN C 6 52.00 23.22 13.05
CA ASN C 6 52.11 21.76 13.27
C ASN C 6 51.97 21.39 14.75
N CYS C 7 52.88 21.85 15.59
CA CYS C 7 52.80 21.68 17.07
C CYS C 7 51.39 21.96 17.62
N VAL C 8 50.68 23.02 17.23
CA VAL C 8 49.39 23.26 17.93
C VAL C 8 48.35 22.29 17.36
N SER C 9 48.45 21.92 16.08
CA SER C 9 47.47 21.04 15.40
C SER C 9 47.38 19.72 16.15
N VAL C 10 48.56 19.24 16.48
CA VAL C 10 48.73 17.92 17.14
C VAL C 10 48.33 18.03 18.60
N ILE C 11 48.61 19.14 19.27
CA ILE C 11 48.14 19.29 20.67
C ILE C 11 46.63 19.44 20.65
N GLU C 12 46.04 20.33 19.86
CA GLU C 12 44.56 20.48 19.93
C GLU C 12 43.92 19.11 19.64
N ALA C 13 44.38 18.42 18.62
CA ALA C 13 43.73 17.16 18.18
C ALA C 13 43.87 16.10 19.27
N ALA C 14 45.00 16.02 19.95
CA ALA C 14 45.25 15.04 21.02
C ALA C 14 44.36 15.35 22.23
N ILE C 15 44.05 16.61 22.48
CA ILE C 15 43.12 16.97 23.59
C ILE C 15 41.68 16.63 23.19
N LEU C 16 41.29 17.03 22.00
CA LEU C 16 40.00 16.58 21.45
C LEU C 16 39.83 15.06 21.68
N LYS C 17 40.83 14.24 21.34
CA LYS C 17 40.66 12.76 21.40
C LYS C 17 40.46 12.38 22.87
N HIS C 18 41.22 13.01 23.75
CA HIS C 18 41.09 12.77 25.21
C HIS C 18 39.66 13.14 25.66
N LYS C 19 39.11 14.26 25.20
CA LYS C 19 37.76 14.65 25.63
C LYS C 19 36.78 13.57 25.17
N TYR C 20 36.82 13.19 23.89
CA TYR C 20 35.92 12.16 23.36
C TYR C 20 36.05 10.85 24.17
N LYS C 21 37.26 10.48 24.58
CA LYS C 21 37.54 9.21 25.29
C LYS C 21 36.93 9.26 26.70
N GLN C 22 37.04 10.40 27.37
CA GLN C 22 36.63 10.55 28.79
C GLN C 22 35.09 10.64 28.77
N LYS C 23 34.49 11.12 27.70
CA LYS C 23 33.00 11.08 27.61
C LYS C 23 32.48 9.66 27.29
N VAL C 24 33.13 8.82 26.49
CA VAL C 24 32.61 7.43 26.36
C VAL C 24 32.93 6.67 27.64
N ASN C 25 34.03 6.96 28.34
CA ASN C 25 34.29 6.17 29.58
C ASN C 25 33.13 6.31 30.56
N LYS C 26 32.44 7.46 30.58
CA LYS C 26 31.30 7.71 31.50
C LYS C 26 30.20 6.68 31.23
N ASN C 27 30.19 6.10 30.05
CA ASN C 27 29.09 5.24 29.59
C ASN C 27 29.47 3.76 29.68
N ILE C 28 30.69 3.45 30.08
CA ILE C 28 31.17 2.05 30.05
C ILE C 28 30.45 1.22 31.11
N PRO C 29 30.28 1.68 32.36
CA PRO C 29 29.56 0.87 33.36
C PRO C 29 28.22 0.33 32.80
N SER C 30 27.44 1.20 32.19
CA SER C 30 26.24 0.87 31.38
C SER C 30 26.58 -0.25 30.37
N LEU C 31 27.62 -0.07 29.56
CA LEU C 31 27.89 -1.00 28.44
C LEU C 31 28.25 -2.37 29.01
N LEU C 32 28.88 -2.43 30.20
CA LEU C 32 29.24 -3.74 30.82
C LEU C 32 27.97 -4.53 31.14
N ARG C 33 26.90 -3.85 31.53
CA ARG C 33 25.58 -4.45 31.81
C ARG C 33 24.97 -4.97 30.48
N VAL C 34 25.01 -4.20 29.39
CA VAL C 34 24.56 -4.75 28.08
C VAL C 34 25.34 -6.03 27.78
N GLN C 35 26.66 -5.96 27.84
CA GLN C 35 27.53 -7.12 27.49
C GLN C 35 27.21 -8.26 28.45
N ALA C 36 26.97 -7.99 29.72
CA ALA C 36 26.74 -9.05 30.71
C ALA C 36 25.46 -9.83 30.36
N HIS C 37 24.38 -9.10 30.06
CA HIS C 37 23.07 -9.68 29.70
C HIS C 37 23.20 -10.38 28.35
N ILE C 38 24.03 -9.91 27.43
CA ILE C 38 24.18 -10.64 26.14
C ILE C 38 24.84 -11.98 26.47
N ARG C 39 25.91 -11.94 27.23
CA ARG C 39 26.60 -13.20 27.55
C ARG C 39 25.63 -14.15 28.26
N LYS C 40 24.76 -13.64 29.12
CA LYS C 40 23.76 -14.48 29.82
C LYS C 40 22.76 -15.04 28.80
N LYS C 41 22.16 -14.22 27.95
CA LYS C 41 21.16 -14.68 26.93
C LYS C 41 21.76 -15.80 26.08
N MET C 42 23.05 -15.75 25.75
CA MET C 42 23.64 -16.60 24.69
C MET C 42 24.40 -17.78 25.33
N VAL C 43 24.32 -17.95 26.65
CA VAL C 43 25.22 -18.91 27.36
C VAL C 43 25.15 -20.28 26.67
N SER D 1 -5.84 -32.80 -49.51
CA SER D 1 -7.21 -32.32 -49.69
C SER D 1 -7.27 -30.83 -49.39
N MET D 2 -8.26 -30.14 -49.96
CA MET D 2 -8.51 -28.70 -49.69
C MET D 2 -8.59 -28.52 -48.17
N ALA D 3 -9.22 -29.48 -47.50
CA ALA D 3 -9.36 -29.46 -46.03
C ALA D 3 -8.00 -29.59 -45.34
N SER D 4 -7.22 -30.59 -45.74
CA SER D 4 -5.92 -30.91 -45.09
C SER D 4 -4.88 -29.81 -45.41
N ASP D 5 -4.95 -29.16 -46.57
CA ASP D 5 -4.00 -28.05 -46.89
C ASP D 5 -4.38 -26.77 -46.12
N MET D 6 -5.55 -26.70 -45.49
CA MET D 6 -5.96 -25.48 -44.73
C MET D 6 -5.62 -25.63 -43.25
N GLU D 7 -5.17 -26.82 -42.83
CA GLU D 7 -5.13 -27.17 -41.40
C GLU D 7 -4.02 -26.34 -40.73
N GLU D 8 -2.86 -26.27 -41.37
CA GLU D 8 -1.67 -25.48 -40.93
C GLU D 8 -2.15 -24.02 -40.70
N LYS D 9 -2.94 -23.43 -41.63
CA LYS D 9 -3.46 -22.03 -41.50
C LYS D 9 -4.55 -21.92 -40.43
N PHE D 10 -5.46 -22.89 -40.28
CA PHE D 10 -6.44 -22.79 -39.18
C PHE D 10 -5.72 -22.84 -37.83
N ARG D 11 -4.71 -23.70 -37.68
CA ARG D 11 -3.94 -23.87 -36.42
C ARG D 11 -3.27 -22.53 -36.14
N GLU D 12 -2.53 -22.00 -37.10
CA GLU D 12 -1.69 -20.80 -36.86
C GLU D 12 -2.65 -19.71 -36.38
N ALA D 13 -3.85 -19.62 -36.96
CA ALA D 13 -4.74 -18.48 -36.73
C ALA D 13 -5.29 -18.59 -35.32
N PHE D 14 -5.60 -19.79 -34.85
CA PHE D 14 -6.13 -19.93 -33.47
C PHE D 14 -5.07 -19.42 -32.49
N ILE D 15 -3.86 -19.88 -32.71
CA ILE D 15 -2.69 -19.51 -31.88
C ILE D 15 -2.59 -17.98 -31.88
N LEU D 16 -2.71 -17.30 -33.03
CA LEU D 16 -2.60 -15.82 -33.09
C LEU D 16 -3.74 -15.15 -32.33
N PHE D 17 -4.94 -15.70 -32.38
CA PHE D 17 -6.15 -15.08 -31.77
C PHE D 17 -6.25 -15.44 -30.30
N SER D 18 -5.53 -16.47 -29.84
CA SER D 18 -5.63 -17.06 -28.47
C SER D 18 -4.40 -16.72 -27.63
N SER D 19 -3.41 -16.03 -28.20
CA SER D 19 -2.07 -15.76 -27.58
C SER D 19 -1.41 -17.09 -27.19
N CYS D 20 -1.43 -18.04 -28.10
CA CYS D 20 -0.71 -19.33 -28.00
C CYS D 20 -1.26 -20.26 -26.91
N SER D 21 -2.36 -19.91 -26.18
CA SER D 21 -3.19 -20.94 -25.45
C SER D 21 -3.77 -21.98 -26.42
N ASP D 22 -4.16 -23.11 -25.84
CA ASP D 22 -5.00 -24.14 -26.50
C ASP D 22 -6.47 -23.86 -26.12
N HIS D 23 -6.75 -22.83 -25.29
CA HIS D 23 -8.09 -22.25 -24.97
C HIS D 23 -8.23 -20.83 -25.56
N ILE D 24 -9.44 -20.47 -26.00
CA ILE D 24 -9.75 -19.15 -26.65
C ILE D 24 -11.04 -18.60 -26.04
N GLU D 25 -11.02 -17.32 -25.70
CA GLU D 25 -12.24 -16.61 -25.25
C GLU D 25 -13.24 -16.57 -26.41
N MET D 26 -14.54 -16.54 -26.10
CA MET D 26 -15.62 -16.57 -27.12
C MET D 26 -15.46 -15.38 -28.08
N TYR D 27 -15.27 -14.14 -27.63
CA TYR D 27 -15.28 -12.97 -28.56
C TYR D 27 -14.14 -13.11 -29.58
N LYS D 28 -13.05 -13.74 -29.17
CA LYS D 28 -11.87 -14.02 -30.03
C LYS D 28 -12.19 -15.18 -30.98
N PHE D 29 -13.06 -16.09 -30.58
CA PHE D 29 -13.42 -17.25 -31.45
C PHE D 29 -14.22 -16.71 -32.63
N PHE D 30 -15.12 -15.75 -32.38
CA PHE D 30 -15.88 -15.04 -33.43
C PHE D 30 -14.91 -14.27 -34.34
N GLU D 31 -13.99 -13.48 -33.84
CA GLU D 31 -13.03 -12.81 -34.76
C GLU D 31 -12.35 -13.92 -35.57
N LEU D 32 -11.92 -14.99 -34.91
CA LEU D 32 -11.17 -16.08 -35.58
C LEU D 32 -11.99 -16.61 -36.75
N MET D 33 -13.24 -17.04 -36.51
CA MET D 33 -14.06 -17.66 -37.58
C MET D 33 -14.39 -16.59 -38.65
N ASN D 34 -14.74 -15.36 -38.24
CA ASN D 34 -14.93 -14.21 -39.17
C ASN D 34 -13.67 -13.98 -40.05
N SER D 35 -12.44 -14.17 -39.57
CA SER D 35 -11.20 -13.97 -40.38
C SER D 35 -11.15 -14.94 -41.57
N PHE D 36 -11.76 -16.12 -41.44
CA PHE D 36 -11.83 -17.12 -42.54
C PHE D 36 -13.17 -17.02 -43.30
N GLY D 37 -13.93 -15.93 -43.09
CA GLY D 37 -15.17 -15.64 -43.82
C GLY D 37 -16.37 -16.42 -43.30
N ILE D 38 -16.26 -16.99 -42.10
CA ILE D 38 -17.33 -17.80 -41.47
C ILE D 38 -18.19 -16.89 -40.62
N ILE D 39 -19.50 -16.98 -40.86
CA ILE D 39 -20.55 -16.30 -40.09
C ILE D 39 -21.59 -17.37 -39.80
N LEU D 40 -21.94 -17.57 -38.55
CA LEU D 40 -23.00 -18.55 -38.20
C LEU D 40 -24.31 -17.80 -38.03
N THR D 41 -25.36 -18.59 -38.04
CA THR D 41 -26.71 -18.17 -37.64
C THR D 41 -26.79 -18.24 -36.12
N ASN D 42 -27.60 -17.40 -35.53
CA ASN D 42 -27.87 -17.44 -34.07
C ASN D 42 -28.21 -18.87 -33.64
N ASP D 43 -28.92 -19.69 -34.40
CA ASP D 43 -29.30 -21.06 -33.94
C ASP D 43 -28.08 -21.99 -34.00
N GLU D 44 -27.16 -21.75 -34.92
CA GLU D 44 -25.86 -22.46 -34.94
C GLU D 44 -25.03 -22.06 -33.70
N LYS D 45 -24.97 -20.77 -33.36
CA LYS D 45 -24.18 -20.24 -32.21
C LYS D 45 -24.69 -20.82 -30.90
N ALA D 46 -25.98 -21.07 -30.80
CA ALA D 46 -26.57 -21.65 -29.59
C ALA D 46 -25.94 -23.01 -29.26
N ALA D 47 -25.36 -23.72 -30.24
CA ALA D 47 -24.91 -25.11 -30.11
C ALA D 47 -23.42 -25.14 -29.80
N LEU D 48 -22.72 -24.03 -30.04
CA LEU D 48 -21.30 -23.88 -29.64
C LEU D 48 -21.16 -24.19 -28.16
N PRO D 49 -20.08 -24.91 -27.78
CA PRO D 49 -19.69 -25.05 -26.38
C PRO D 49 -19.18 -23.71 -25.86
N ASN D 50 -19.24 -23.44 -24.54
CA ASN D 50 -18.64 -22.20 -23.98
C ASN D 50 -17.11 -22.38 -23.86
N ASP D 51 -16.59 -23.62 -23.87
CA ASP D 51 -15.13 -23.93 -23.77
C ASP D 51 -14.57 -24.42 -25.11
N ILE D 52 -13.86 -23.55 -25.81
CA ILE D 52 -13.40 -23.88 -27.18
C ILE D 52 -11.92 -24.13 -27.13
N ASN D 53 -11.49 -25.33 -27.49
CA ASN D 53 -10.06 -25.70 -27.64
C ASN D 53 -9.66 -25.72 -29.12
N MET D 54 -8.37 -25.87 -29.38
CA MET D 54 -7.83 -26.05 -30.76
C MET D 54 -8.62 -27.16 -31.47
N ASP D 55 -8.89 -28.30 -30.85
CA ASP D 55 -9.40 -29.44 -31.66
C ASP D 55 -10.84 -29.12 -32.10
N TYR D 56 -11.63 -28.47 -31.28
CA TYR D 56 -13.01 -28.13 -31.69
C TYR D 56 -12.98 -27.21 -32.92
N TRP D 57 -12.14 -26.16 -32.86
CA TRP D 57 -11.87 -25.17 -33.92
C TRP D 57 -11.42 -25.88 -35.19
N LEU D 58 -10.51 -26.83 -35.13
CA LEU D 58 -10.07 -27.51 -36.38
C LEU D 58 -11.22 -28.24 -37.08
N ASN D 59 -12.08 -28.96 -36.36
CA ASN D 59 -13.24 -29.64 -36.99
C ASN D 59 -14.29 -28.62 -37.42
N PHE D 60 -14.47 -27.54 -36.68
CA PHE D 60 -15.45 -26.46 -37.00
C PHE D 60 -15.02 -25.82 -38.31
N ALA D 61 -13.78 -25.43 -38.44
CA ALA D 61 -13.30 -24.76 -39.66
C ALA D 61 -13.48 -25.72 -40.84
N LYS D 62 -13.03 -26.99 -40.75
CA LYS D 62 -13.17 -28.00 -41.85
C LYS D 62 -14.62 -28.03 -42.35
N LYS D 63 -15.60 -27.89 -41.45
CA LYS D 63 -17.03 -27.96 -41.80
C LYS D 63 -17.49 -26.63 -42.42
N HIS D 64 -17.13 -25.47 -41.86
CA HIS D 64 -17.83 -24.20 -42.13
C HIS D 64 -17.06 -23.37 -43.16
N TYR D 65 -15.76 -23.54 -43.33
CA TYR D 65 -15.01 -22.75 -44.33
C TYR D 65 -15.60 -23.05 -45.70
N ASN D 66 -15.79 -22.01 -46.52
CA ASN D 66 -16.28 -22.11 -47.92
C ASN D 66 -15.11 -22.40 -48.85
N TYR D 67 -14.84 -23.65 -49.18
CA TYR D 67 -13.67 -24.01 -50.01
C TYR D 67 -13.71 -23.32 -51.38
N GLU D 68 -14.88 -23.23 -52.03
CA GLU D 68 -14.98 -22.60 -53.37
C GLU D 68 -14.85 -21.07 -53.29
N GLN D 69 -15.38 -20.41 -52.26
CA GLN D 69 -15.44 -18.93 -52.21
C GLN D 69 -15.33 -18.48 -50.77
N PRO D 70 -14.09 -18.51 -50.25
CA PRO D 70 -13.85 -18.27 -48.84
C PRO D 70 -14.55 -17.00 -48.36
N PHE D 71 -14.50 -15.90 -49.14
CA PHE D 71 -15.17 -14.64 -48.72
C PHE D 71 -16.53 -14.42 -49.42
N LYS D 72 -17.34 -15.46 -49.62
CA LYS D 72 -18.71 -15.27 -50.15
C LYS D 72 -19.45 -14.11 -49.48
N HIS D 73 -19.34 -13.90 -48.18
CA HIS D 73 -20.15 -12.89 -47.46
C HIS D 73 -19.77 -11.45 -47.81
N ILE D 74 -18.65 -11.26 -48.48
CA ILE D 74 -18.28 -9.92 -49.02
C ILE D 74 -19.03 -9.73 -50.34
N ASN D 75 -19.06 -10.75 -51.20
CA ASN D 75 -19.74 -10.75 -52.52
C ASN D 75 -21.25 -10.98 -52.40
N ASN D 76 -21.82 -10.96 -51.19
CA ASN D 76 -23.25 -11.28 -50.94
C ASN D 76 -24.03 -9.99 -50.69
N VAL D 77 -23.35 -8.86 -50.54
CA VAL D 77 -23.97 -7.50 -50.59
C VAL D 77 -23.87 -6.97 -52.03
N ASN D 78 -22.86 -7.44 -52.78
CA ASN D 78 -22.58 -7.20 -54.23
C ASN D 78 -23.61 -7.98 -55.08
N GLU D 79 -24.60 -8.61 -54.43
CA GLU D 79 -25.90 -9.05 -55.03
C GLU D 79 -26.87 -7.87 -55.00
N GLN D 80 -26.87 -7.10 -53.91
CA GLN D 80 -27.72 -5.89 -53.75
C GLN D 80 -27.03 -4.69 -54.40
N ASN D 81 -25.69 -4.65 -54.39
CA ASN D 81 -24.90 -3.48 -54.88
C ASN D 81 -24.36 -3.76 -56.29
N THR D 82 -24.71 -4.89 -56.91
CA THR D 82 -24.24 -5.31 -58.27
C THR D 82 -22.70 -5.28 -58.25
N ASN D 83 -22.05 -4.49 -59.12
CA ASN D 83 -20.58 -4.21 -59.04
C ASN D 83 -20.36 -2.70 -59.05
N VAL D 84 -19.66 -2.16 -58.04
CA VAL D 84 -19.51 -0.68 -57.89
C VAL D 84 -18.04 -0.36 -57.66
N GLN D 85 -17.57 0.75 -58.23
CA GLN D 85 -16.18 1.25 -58.02
C GLN D 85 -16.27 2.40 -57.01
N ILE D 86 -16.70 2.12 -55.78
CA ILE D 86 -16.91 3.15 -54.72
C ILE D 86 -15.57 3.85 -54.44
N LYS D 87 -15.58 5.17 -54.31
CA LYS D 87 -14.37 5.95 -53.98
C LYS D 87 -13.89 5.50 -52.59
N ILE D 88 -12.57 5.35 -52.44
CA ILE D 88 -11.95 4.87 -51.17
C ILE D 88 -12.51 5.68 -49.99
N ASP D 89 -12.81 6.96 -50.19
CA ASP D 89 -13.25 7.86 -49.09
C ASP D 89 -14.65 7.47 -48.58
N ASN D 90 -15.55 6.99 -49.47
CA ASN D 90 -16.95 6.61 -49.11
C ASN D 90 -16.98 5.19 -48.50
N PHE D 91 -15.96 4.39 -48.82
CA PHE D 91 -15.81 3.00 -48.33
C PHE D 91 -15.27 3.01 -46.89
N LEU D 92 -14.32 3.91 -46.57
CA LEU D 92 -13.79 4.22 -45.20
C LEU D 92 -14.92 4.77 -44.31
N GLY D 93 -15.88 5.50 -44.92
CA GLY D 93 -17.08 6.01 -44.23
C GLY D 93 -17.98 4.88 -43.76
N ILE D 94 -18.21 3.87 -44.63
CA ILE D 94 -19.08 2.68 -44.37
C ILE D 94 -18.47 1.83 -43.24
N MET D 95 -17.12 1.79 -43.16
CA MET D 95 -16.32 1.01 -42.16
C MET D 95 -16.44 1.64 -40.77
N LYS D 96 -16.35 2.97 -40.68
CA LYS D 96 -16.28 3.75 -39.41
C LYS D 96 -17.69 4.09 -38.91
N ALA D 97 -18.71 4.03 -39.77
CA ALA D 97 -20.14 4.17 -39.36
C ALA D 97 -20.59 2.88 -38.65
N LEU D 98 -20.42 1.75 -39.33
CA LEU D 98 -20.57 0.42 -38.68
C LEU D 98 -19.46 0.30 -37.64
N ASP D 99 -19.73 -0.29 -36.47
CA ASP D 99 -18.72 -0.39 -35.38
C ASP D 99 -17.51 -1.18 -35.91
N THR D 100 -16.31 -0.60 -35.82
CA THR D 100 -15.07 -1.20 -36.39
C THR D 100 -14.12 -1.55 -35.24
N ARG D 101 -13.58 -2.77 -35.24
CA ARG D 101 -12.51 -3.17 -34.29
C ARG D 101 -11.15 -2.74 -34.86
N LEU D 102 -11.13 -1.78 -35.80
CA LEU D 102 -9.92 -1.30 -36.52
C LEU D 102 -9.76 0.21 -36.33
N THR D 103 -8.54 0.72 -36.53
CA THR D 103 -8.16 2.17 -36.54
C THR D 103 -8.02 2.64 -38.00
N GLU D 104 -7.32 3.76 -38.24
CA GLU D 104 -7.09 4.34 -39.60
C GLU D 104 -5.72 3.86 -40.15
N SER D 105 -4.77 3.53 -39.28
CA SER D 105 -3.50 2.84 -39.66
C SER D 105 -3.83 1.39 -40.05
N ASP D 106 -4.85 0.79 -39.40
CA ASP D 106 -5.44 -0.51 -39.80
C ASP D 106 -6.19 -0.32 -41.13
N LEU D 107 -6.95 0.76 -41.29
CA LEU D 107 -7.52 1.05 -42.62
C LEU D 107 -6.39 1.02 -43.68
N ASN D 108 -5.22 1.64 -43.41
CA ASN D 108 -4.09 1.73 -44.39
C ASN D 108 -3.67 0.34 -44.85
N ILE D 109 -3.54 -0.59 -43.88
CA ILE D 109 -3.15 -2.01 -44.10
C ILE D 109 -4.16 -2.63 -45.07
N LEU D 110 -5.46 -2.29 -44.93
CA LEU D 110 -6.54 -2.80 -45.82
C LEU D 110 -6.26 -2.33 -47.26
N LEU D 111 -6.06 -1.02 -47.41
CA LEU D 111 -5.70 -0.32 -48.69
C LEU D 111 -4.39 -0.90 -49.26
N GLN D 112 -3.42 -1.25 -48.41
CA GLN D 112 -2.15 -1.92 -48.81
C GLN D 112 -2.45 -3.30 -49.43
N ILE D 113 -3.45 -4.08 -48.97
CA ILE D 113 -3.70 -5.46 -49.49
C ILE D 113 -4.59 -5.42 -50.73
N THR D 114 -5.47 -4.41 -50.83
CA THR D 114 -6.64 -4.41 -51.76
C THR D 114 -6.47 -3.43 -52.94
N ASN D 115 -5.75 -2.30 -52.77
CA ASN D 115 -5.61 -1.24 -53.82
C ASN D 115 -4.89 -1.85 -55.05
N PRO D 116 -3.78 -2.62 -54.87
CA PRO D 116 -2.66 -2.27 -54.00
C PRO D 116 -2.06 -0.89 -54.30
N GLU D 117 -2.04 -0.49 -55.58
CA GLU D 117 -1.38 0.77 -56.03
C GLU D 117 -2.37 1.78 -56.61
N ASN D 118 -3.52 1.35 -57.16
CA ASN D 118 -4.46 2.26 -57.87
C ASN D 118 -4.72 3.50 -56.98
N LYS D 119 -5.12 3.29 -55.72
CA LYS D 119 -5.39 4.37 -54.73
C LYS D 119 -6.48 5.31 -55.25
N SER D 120 -7.46 4.79 -56.02
CA SER D 120 -8.57 5.60 -56.58
C SER D 120 -9.93 5.03 -56.13
N THR D 121 -10.46 4.06 -56.88
CA THR D 121 -11.77 3.43 -56.60
C THR D 121 -11.59 1.92 -56.67
N LEU D 122 -12.41 1.15 -55.95
CA LEU D 122 -12.23 -0.32 -55.85
C LEU D 122 -13.56 -1.06 -55.89
N ASN D 123 -13.56 -2.28 -56.42
CA ASN D 123 -14.77 -3.15 -56.47
C ASN D 123 -14.63 -4.22 -55.39
N LEU D 124 -15.74 -4.62 -54.76
CA LEU D 124 -15.71 -5.57 -53.62
C LEU D 124 -15.14 -6.90 -54.09
N LYS D 125 -15.45 -7.33 -55.31
CA LYS D 125 -14.89 -8.58 -55.88
C LYS D 125 -13.36 -8.59 -55.76
N THR D 126 -12.66 -7.48 -56.02
CA THR D 126 -11.16 -7.48 -55.96
C THR D 126 -10.69 -7.48 -54.49
N VAL D 127 -11.39 -6.82 -53.54
CA VAL D 127 -11.05 -6.94 -52.09
C VAL D 127 -11.31 -8.39 -51.63
N SER D 128 -12.43 -9.02 -52.02
CA SER D 128 -12.70 -10.43 -51.68
C SER D 128 -11.74 -11.35 -52.45
N GLN D 129 -11.08 -10.86 -53.50
CA GLN D 129 -9.99 -11.58 -54.24
C GLN D 129 -8.65 -11.33 -53.53
N LYS D 130 -8.33 -10.09 -53.19
CA LYS D 130 -7.03 -9.73 -52.58
C LYS D 130 -6.94 -10.29 -51.16
N LEU D 131 -8.08 -10.63 -50.54
CA LEU D 131 -8.12 -11.20 -49.18
C LEU D 131 -8.00 -12.72 -49.24
N THR D 132 -8.62 -13.38 -50.22
CA THR D 132 -8.45 -14.84 -50.47
C THR D 132 -6.96 -15.12 -50.81
N GLU D 133 -6.28 -14.26 -51.58
CA GLU D 133 -4.85 -14.42 -52.02
C GLU D 133 -3.89 -14.31 -50.82
N SER D 134 -4.15 -13.40 -49.88
CA SER D 134 -3.32 -13.21 -48.65
C SER D 134 -3.70 -14.24 -47.55
N ILE D 135 -4.70 -15.11 -47.78
CA ILE D 135 -4.73 -16.51 -47.26
C ILE D 135 -4.04 -17.38 -48.32
N VAL E 5 38.69 -14.32 -42.51
CA VAL E 5 39.83 -14.73 -41.62
C VAL E 5 39.41 -14.60 -40.15
N ALA E 6 38.66 -13.54 -39.78
CA ALA E 6 38.09 -13.30 -38.43
C ALA E 6 36.93 -14.26 -38.13
N ASP E 7 36.46 -15.03 -39.13
CA ASP E 7 35.43 -16.09 -39.01
C ASP E 7 36.11 -17.45 -38.77
N ILE E 8 37.33 -17.65 -39.31
CA ILE E 8 38.15 -18.90 -39.15
C ILE E 8 38.74 -18.93 -37.73
N GLN E 9 39.21 -17.76 -37.25
CA GLN E 9 39.78 -17.59 -35.88
C GLN E 9 38.70 -17.90 -34.84
N GLN E 10 37.49 -17.34 -35.04
CA GLN E 10 36.34 -17.57 -34.13
C GLN E 10 36.07 -19.09 -34.07
N LEU E 11 36.11 -19.78 -35.21
CA LEU E 11 35.88 -21.24 -35.28
C LEU E 11 36.87 -21.97 -34.37
N GLU E 12 38.16 -21.64 -34.49
CA GLU E 12 39.29 -22.29 -33.76
C GLU E 12 39.13 -22.10 -32.24
N GLU E 13 38.69 -20.91 -31.79
CA GLU E 13 38.45 -20.62 -30.35
C GLU E 13 37.21 -21.38 -29.84
N LYS E 14 36.19 -21.65 -30.69
CA LYS E 14 34.85 -22.15 -30.25
C LYS E 14 34.75 -23.68 -30.32
N VAL E 15 35.49 -24.35 -31.21
CA VAL E 15 35.30 -25.82 -31.46
C VAL E 15 36.64 -26.54 -31.42
N ASP E 16 36.60 -27.81 -31.01
CA ASP E 16 37.77 -28.73 -30.96
C ASP E 16 38.18 -29.08 -32.41
N GLU E 17 39.40 -28.71 -32.85
CA GLU E 17 39.93 -28.96 -34.22
C GLU E 17 40.04 -30.48 -34.47
N SER E 18 40.25 -31.33 -33.46
CA SER E 18 40.32 -32.80 -33.69
C SER E 18 38.90 -33.32 -33.98
N ASP E 19 37.90 -32.85 -33.23
CA ASP E 19 36.48 -33.25 -33.42
C ASP E 19 35.96 -32.77 -34.78
N VAL E 20 36.45 -31.64 -35.30
CA VAL E 20 36.03 -31.17 -36.66
C VAL E 20 36.46 -32.21 -37.69
N ARG E 21 37.71 -32.65 -37.59
CA ARG E 21 38.35 -33.55 -38.60
C ARG E 21 37.70 -34.95 -38.37
N ILE E 22 37.44 -35.37 -37.13
CA ILE E 22 36.88 -36.71 -36.82
C ILE E 22 35.43 -36.83 -37.26
N TYR E 23 34.56 -35.97 -36.76
CA TYR E 23 33.14 -35.88 -37.19
C TYR E 23 33.05 -35.86 -38.73
N PHE E 24 33.91 -35.12 -39.42
CA PHE E 24 33.85 -35.11 -40.90
C PHE E 24 34.06 -36.55 -41.41
N ASN E 25 35.05 -37.25 -40.87
CA ASN E 25 35.37 -38.64 -41.25
C ASN E 25 34.21 -39.57 -40.93
N GLU E 26 33.48 -39.27 -39.86
CA GLU E 26 32.37 -40.12 -39.37
C GLU E 26 31.26 -40.11 -40.44
N LYS E 27 31.22 -39.10 -41.33
CA LYS E 27 30.04 -38.86 -42.23
C LYS E 27 30.46 -38.63 -43.67
N SER E 28 31.69 -38.24 -43.96
CA SER E 28 32.18 -38.05 -45.35
C SER E 28 31.95 -39.31 -46.18
N SER E 29 31.93 -39.10 -47.49
CA SER E 29 31.88 -40.15 -48.53
C SER E 29 32.39 -39.55 -49.83
N GLY E 30 33.33 -40.21 -50.49
CA GLY E 30 34.10 -39.67 -51.63
C GLY E 30 34.72 -38.32 -51.31
N GLY E 31 35.14 -38.11 -50.06
CA GLY E 31 35.80 -36.86 -49.63
C GLY E 31 34.78 -35.76 -49.47
N LYS E 32 33.48 -36.09 -49.45
CA LYS E 32 32.39 -35.08 -49.47
C LYS E 32 31.37 -35.38 -48.37
N ILE E 33 30.79 -34.33 -47.76
CA ILE E 33 29.78 -34.47 -46.68
C ILE E 33 28.48 -33.74 -47.08
N SER E 34 27.35 -34.43 -46.90
CA SER E 34 26.00 -33.85 -47.12
C SER E 34 25.81 -32.65 -46.20
N ILE E 35 24.95 -31.73 -46.60
CA ILE E 35 24.56 -30.56 -45.77
C ILE E 35 24.00 -31.12 -44.48
N ASP E 36 23.13 -32.13 -44.56
CA ASP E 36 22.44 -32.61 -43.34
C ASP E 36 23.50 -33.11 -42.34
N ASN E 37 24.54 -33.76 -42.84
CA ASN E 37 25.60 -34.36 -41.99
C ASN E 37 26.46 -33.22 -41.42
N ALA E 38 26.80 -32.21 -42.21
CA ALA E 38 27.59 -31.06 -41.73
C ALA E 38 26.83 -30.38 -40.58
N SER E 39 25.51 -30.27 -40.70
CA SER E 39 24.68 -29.55 -39.71
C SER E 39 24.65 -30.36 -38.42
N TYR E 40 24.59 -31.68 -38.55
CA TYR E 40 24.67 -32.62 -37.40
C TYR E 40 26.05 -32.47 -36.75
N ASN E 41 27.12 -32.48 -37.53
CA ASN E 41 28.49 -32.22 -37.02
C ASN E 41 28.51 -30.86 -36.30
N ALA E 42 28.14 -29.79 -36.98
CA ALA E 42 28.08 -28.45 -36.37
C ALA E 42 27.38 -28.52 -35.01
N ARG E 43 26.31 -29.30 -34.90
CA ARG E 43 25.58 -29.32 -33.61
C ARG E 43 26.44 -30.02 -32.54
N LYS E 44 27.00 -31.18 -32.85
CA LYS E 44 27.91 -31.92 -31.96
C LYS E 44 29.07 -31.01 -31.54
N LEU E 45 29.62 -30.18 -32.43
CA LEU E 45 30.72 -29.24 -32.09
C LEU E 45 30.27 -28.07 -31.22
N GLY E 46 28.98 -27.95 -30.89
CA GLY E 46 28.39 -26.88 -30.04
C GLY E 46 28.02 -25.60 -30.80
N LEU E 47 27.88 -25.65 -32.12
CA LEU E 47 27.29 -24.61 -32.99
C LEU E 47 25.80 -24.88 -33.26
N ALA E 48 25.11 -23.86 -33.75
CA ALA E 48 23.64 -23.84 -33.94
C ALA E 48 23.33 -23.32 -35.34
N PRO E 49 23.43 -24.17 -36.39
CA PRO E 49 22.97 -23.77 -37.71
C PRO E 49 21.43 -23.72 -37.77
N SER E 50 20.91 -22.86 -38.65
CA SER E 50 19.48 -22.72 -39.02
C SER E 50 19.32 -23.09 -40.50
N SER E 51 18.10 -23.06 -41.01
CA SER E 51 17.82 -23.30 -42.45
C SER E 51 18.36 -22.12 -43.26
N ILE E 52 18.54 -20.95 -42.67
CA ILE E 52 19.20 -19.81 -43.37
C ILE E 52 20.64 -20.23 -43.69
N ASP E 53 21.38 -20.75 -42.72
CA ASP E 53 22.78 -21.20 -42.91
C ASP E 53 22.81 -22.35 -43.94
N GLU E 54 21.92 -23.33 -43.86
CA GLU E 54 21.83 -24.43 -44.85
C GLU E 54 21.60 -23.86 -46.27
N LYS E 55 20.69 -22.89 -46.45
CA LYS E 55 20.36 -22.33 -47.81
C LYS E 55 21.52 -21.50 -48.35
N LYS E 56 22.25 -20.77 -47.50
CA LYS E 56 23.43 -19.96 -47.93
C LYS E 56 24.51 -20.89 -48.50
N ILE E 57 24.84 -22.00 -47.81
CA ILE E 57 25.96 -22.89 -48.25
C ILE E 57 25.47 -23.74 -49.43
N LYS E 58 24.17 -24.00 -49.57
CA LYS E 58 23.62 -24.79 -50.71
C LYS E 58 23.73 -23.95 -52.00
N GLU E 59 23.50 -22.63 -51.96
CA GLU E 59 23.62 -21.71 -53.15
C GLU E 59 25.08 -21.67 -53.61
N LEU E 60 26.04 -21.63 -52.68
CA LEU E 60 27.49 -21.57 -53.01
C LEU E 60 27.95 -22.90 -53.60
N TYR E 61 27.62 -24.07 -53.01
CA TYR E 61 28.41 -25.31 -53.21
C TYR E 61 27.59 -26.55 -53.55
N GLY E 62 26.27 -26.50 -53.41
CA GLY E 62 25.41 -27.66 -53.69
C GLY E 62 25.17 -28.49 -52.44
N ASP E 63 24.60 -29.69 -52.59
CA ASP E 63 24.18 -30.57 -51.47
C ASP E 63 25.38 -31.27 -50.82
N ASN E 64 26.57 -31.26 -51.47
CA ASN E 64 27.72 -32.13 -51.08
C ASN E 64 29.01 -31.28 -50.95
N LEU E 65 29.51 -31.10 -49.73
CA LEU E 65 30.68 -30.21 -49.43
C LEU E 65 31.99 -31.00 -49.35
N THR E 66 33.05 -30.40 -49.91
CA THR E 66 34.47 -30.77 -49.73
C THR E 66 34.86 -30.42 -48.30
N TYR E 67 36.04 -30.87 -47.85
CA TYR E 67 36.49 -30.60 -46.46
C TYR E 67 36.57 -29.08 -46.27
N GLU E 68 37.03 -28.34 -47.28
CA GLU E 68 37.35 -26.90 -47.08
C GLU E 68 36.05 -26.08 -47.13
N GLN E 69 35.02 -26.59 -47.81
CA GLN E 69 33.66 -25.98 -47.90
C GLN E 69 32.93 -26.17 -46.56
N TYR E 70 33.04 -27.39 -46.01
CA TYR E 70 32.58 -27.81 -44.64
C TYR E 70 33.14 -26.85 -43.57
N LEU E 71 34.43 -26.50 -43.64
CA LEU E 71 35.05 -25.53 -42.70
C LEU E 71 34.38 -24.15 -42.86
N GLU E 72 34.10 -23.76 -44.10
CA GLU E 72 33.47 -22.45 -44.41
C GLU E 72 32.06 -22.45 -43.81
N TYR E 73 31.24 -23.47 -44.11
CA TYR E 73 29.90 -23.68 -43.50
C TYR E 73 29.98 -23.56 -41.97
N LEU E 74 30.90 -24.31 -41.35
CA LEU E 74 31.07 -24.26 -39.88
C LEU E 74 31.34 -22.82 -39.45
N SER E 75 32.04 -22.02 -40.24
CA SER E 75 32.36 -20.62 -39.82
C SER E 75 31.07 -19.78 -39.83
N ILE E 76 30.14 -19.98 -40.77
CA ILE E 76 28.88 -19.19 -40.81
C ILE E 76 27.87 -19.71 -39.77
N CYS E 77 28.14 -20.84 -39.11
CA CYS E 77 27.25 -21.38 -38.04
C CYS E 77 27.71 -20.87 -36.67
N VAL E 78 28.70 -19.99 -36.62
CA VAL E 78 29.23 -19.50 -35.31
C VAL E 78 28.17 -18.64 -34.61
N HIS E 79 27.57 -17.67 -35.30
CA HIS E 79 26.54 -16.77 -34.74
C HIS E 79 27.00 -16.24 -33.38
N ASP E 80 28.04 -15.39 -33.38
CA ASP E 80 28.67 -14.81 -32.16
C ASP E 80 27.70 -13.78 -31.53
N LYS E 81 26.88 -13.13 -32.38
CA LYS E 81 25.91 -12.07 -31.99
C LYS E 81 24.74 -12.63 -31.16
N ASP E 82 24.65 -13.95 -30.96
CA ASP E 82 23.51 -14.57 -30.22
C ASP E 82 23.65 -14.25 -28.73
N ASN E 83 22.59 -13.75 -28.10
CA ASN E 83 22.48 -13.49 -26.64
C ASN E 83 21.01 -13.74 -26.25
N VAL E 84 20.66 -13.60 -24.97
CA VAL E 84 19.27 -13.81 -24.49
C VAL E 84 18.31 -12.75 -25.05
N GLU E 85 18.75 -11.54 -25.38
CA GLU E 85 17.82 -10.50 -25.88
C GLU E 85 17.50 -10.73 -27.35
N GLU E 86 18.34 -11.45 -28.09
CA GLU E 86 18.06 -11.80 -29.51
C GLU E 86 17.16 -13.03 -29.58
N LEU E 87 17.21 -13.90 -28.57
CA LEU E 87 16.48 -15.19 -28.56
C LEU E 87 15.05 -15.02 -28.01
N ILE E 88 14.81 -14.09 -27.07
CA ILE E 88 13.49 -14.05 -26.39
C ILE E 88 12.45 -13.23 -27.18
N LYS E 89 12.80 -12.62 -28.31
CA LYS E 89 11.87 -11.67 -29.00
C LYS E 89 10.47 -12.30 -29.08
N MET E 90 10.31 -13.49 -29.67
CA MET E 90 8.97 -14.09 -29.93
C MET E 90 8.22 -14.40 -28.62
N PHE E 91 8.90 -14.94 -27.61
CA PHE E 91 8.21 -15.29 -26.33
C PHE E 91 7.70 -14.00 -25.68
N ALA E 92 8.56 -12.98 -25.65
CA ALA E 92 8.30 -11.65 -25.07
C ALA E 92 7.03 -11.07 -25.70
N HIS E 93 6.83 -11.29 -27.00
CA HIS E 93 5.65 -10.84 -27.78
C HIS E 93 4.37 -11.47 -27.25
N PHE E 94 4.41 -12.71 -26.76
CA PHE E 94 3.19 -13.48 -26.41
C PHE E 94 2.95 -13.35 -24.91
N ASP E 95 3.87 -12.74 -24.17
CA ASP E 95 3.70 -12.59 -22.69
C ASP E 95 2.87 -11.34 -22.41
N ASN E 96 1.54 -11.47 -22.36
CA ASN E 96 0.61 -10.30 -22.36
C ASN E 96 0.45 -9.81 -20.93
N ASN E 97 0.60 -10.69 -19.95
CA ASN E 97 0.60 -10.37 -18.49
C ASN E 97 1.84 -9.58 -18.06
N CYS E 98 2.93 -9.64 -18.84
CA CYS E 98 4.25 -9.03 -18.51
C CYS E 98 4.77 -9.66 -17.20
N THR E 99 4.47 -10.94 -16.98
CA THR E 99 5.00 -11.79 -15.87
C THR E 99 6.42 -12.31 -16.16
N GLY E 100 6.88 -12.28 -17.42
CA GLY E 100 8.11 -12.98 -17.86
C GLY E 100 8.00 -14.49 -17.85
N TYR E 101 6.80 -15.04 -17.61
CA TYR E 101 6.47 -16.48 -17.74
C TYR E 101 5.51 -16.73 -18.92
N LEU E 102 5.68 -17.89 -19.58
CA LEU E 102 4.72 -18.55 -20.49
C LEU E 102 4.50 -19.99 -20.04
N THR E 103 3.38 -20.60 -20.37
CA THR E 103 3.14 -22.03 -20.03
C THR E 103 3.92 -22.90 -21.03
N LYS E 104 4.18 -24.14 -20.63
CA LYS E 104 4.78 -25.14 -21.55
C LYS E 104 3.95 -25.21 -22.83
N SER E 105 2.62 -25.15 -22.75
CA SER E 105 1.77 -25.27 -23.97
C SER E 105 2.06 -24.07 -24.88
N GLN E 106 1.99 -22.84 -24.36
CA GLN E 106 2.35 -21.64 -25.19
C GLN E 106 3.70 -21.88 -25.87
N MET E 107 4.69 -22.35 -25.11
CA MET E 107 6.05 -22.44 -25.69
C MET E 107 6.09 -23.52 -26.74
N LYS E 108 5.37 -24.62 -26.54
CA LYS E 108 5.33 -25.70 -27.54
C LYS E 108 4.61 -25.18 -28.80
N ASN E 109 3.49 -24.46 -28.63
CA ASN E 109 2.74 -23.88 -29.77
C ASN E 109 3.68 -23.02 -30.58
N ILE E 110 4.44 -22.14 -29.94
CA ILE E 110 5.31 -21.21 -30.69
C ILE E 110 6.36 -22.03 -31.46
N LEU E 111 7.05 -22.95 -30.80
CA LEU E 111 8.23 -23.66 -31.37
C LEU E 111 7.84 -24.61 -32.50
N THR E 112 6.59 -25.05 -32.50
CA THR E 112 6.12 -26.04 -33.51
C THR E 112 5.38 -25.36 -34.65
N THR E 113 5.07 -24.08 -34.55
CA THR E 113 4.24 -23.39 -35.56
C THR E 113 5.14 -22.63 -36.52
N TRP E 114 6.12 -21.90 -36.05
CA TRP E 114 6.76 -20.93 -36.96
C TRP E 114 8.25 -21.28 -37.18
N GLY E 115 8.88 -20.59 -38.09
CA GLY E 115 10.32 -20.81 -38.36
C GLY E 115 10.61 -22.24 -38.74
N ASP E 116 11.79 -22.74 -38.33
CA ASP E 116 12.24 -24.15 -38.45
C ASP E 116 11.48 -24.93 -37.37
N ALA E 117 10.21 -25.21 -37.57
CA ALA E 117 9.33 -25.76 -36.52
C ALA E 117 9.91 -27.09 -36.01
N LEU E 118 9.87 -27.27 -34.71
CA LEU E 118 10.17 -28.55 -34.04
C LEU E 118 8.92 -29.40 -34.24
N THR E 119 9.07 -30.72 -34.07
CA THR E 119 7.92 -31.63 -33.86
C THR E 119 7.38 -31.35 -32.46
N ASP E 120 6.15 -31.74 -32.15
CA ASP E 120 5.61 -31.61 -30.77
C ASP E 120 6.61 -32.28 -29.82
N GLN E 121 7.10 -33.47 -30.19
CA GLN E 121 7.93 -34.32 -29.29
C GLN E 121 9.23 -33.57 -29.01
N GLU E 122 9.99 -33.14 -30.04
CA GLU E 122 11.28 -32.43 -29.83
C GLU E 122 11.06 -31.20 -28.92
N ALA E 123 9.88 -30.57 -28.98
CA ALA E 123 9.54 -29.37 -28.21
C ALA E 123 9.26 -29.76 -26.76
N ILE E 124 8.39 -30.74 -26.56
CA ILE E 124 7.95 -31.10 -25.20
C ILE E 124 9.19 -31.67 -24.48
N ASP E 125 10.11 -32.31 -25.22
CA ASP E 125 11.40 -32.82 -24.67
C ASP E 125 12.23 -31.67 -24.13
N ALA E 126 12.52 -30.70 -25.00
CA ALA E 126 13.38 -29.54 -24.70
C ALA E 126 12.86 -28.77 -23.49
N LEU E 127 11.55 -28.71 -23.34
CA LEU E 127 10.88 -27.94 -22.26
C LEU E 127 10.93 -28.75 -20.96
N ASN E 128 10.77 -30.07 -21.07
CA ASN E 128 10.72 -31.03 -19.92
C ASN E 128 12.14 -31.22 -19.36
N ALA E 129 13.15 -31.25 -20.21
CA ALA E 129 14.60 -31.20 -19.88
C ALA E 129 14.95 -29.92 -19.10
N PHE E 130 14.25 -28.81 -19.30
CA PHE E 130 14.58 -27.54 -18.60
C PHE E 130 13.73 -27.39 -17.33
N SER E 131 12.54 -28.00 -17.21
CA SER E 131 11.67 -27.85 -16.02
C SER E 131 10.64 -28.98 -15.87
N SER E 132 10.18 -29.17 -14.64
CA SER E 132 9.06 -30.07 -14.23
C SER E 132 7.78 -29.26 -14.06
N GLU E 133 7.90 -27.93 -13.97
CA GLU E 133 6.76 -27.02 -13.70
C GLU E 133 6.15 -26.53 -15.02
N ASP E 134 4.88 -26.12 -14.96
CA ASP E 134 4.13 -25.67 -16.17
C ASP E 134 4.60 -24.28 -16.58
N ASN E 135 4.87 -23.38 -15.63
CA ASN E 135 5.25 -21.98 -15.97
C ASN E 135 6.77 -21.98 -16.23
N ILE E 136 7.21 -21.39 -17.34
CA ILE E 136 8.63 -21.38 -17.83
C ILE E 136 9.11 -19.93 -17.86
N ASP E 137 10.26 -19.66 -17.26
CA ASP E 137 10.93 -18.34 -17.37
C ASP E 137 11.58 -18.32 -18.74
N TYR E 138 11.01 -17.61 -19.68
CA TYR E 138 11.56 -17.74 -21.04
C TYR E 138 12.98 -17.16 -21.07
N LYS E 139 13.33 -16.21 -20.19
CA LYS E 139 14.70 -15.63 -20.15
C LYS E 139 15.70 -16.70 -19.68
N LEU E 140 15.38 -17.47 -18.63
CA LEU E 140 16.27 -18.56 -18.16
C LEU E 140 16.30 -19.69 -19.19
N PHE E 141 15.18 -19.94 -19.86
CA PHE E 141 15.08 -21.02 -20.88
C PHE E 141 16.09 -20.73 -22.00
N CYS E 142 16.10 -19.51 -22.54
CA CYS E 142 17.03 -19.13 -23.65
C CYS E 142 18.47 -19.01 -23.11
N GLU E 143 18.67 -18.82 -21.80
CA GLU E 143 20.02 -18.81 -21.20
C GLU E 143 20.52 -20.26 -21.21
N ASP E 144 19.68 -21.19 -20.80
CA ASP E 144 20.09 -22.61 -20.63
C ASP E 144 20.48 -23.21 -22.00
N ILE E 145 19.76 -22.89 -23.10
CA ILE E 145 20.03 -23.51 -24.44
C ILE E 145 21.23 -22.83 -25.07
N LEU E 146 21.61 -21.63 -24.62
CA LEU E 146 22.75 -20.89 -25.20
C LEU E 146 24.08 -21.45 -24.69
N GLN E 147 24.07 -22.07 -23.50
CA GLN E 147 25.22 -22.68 -22.78
C GLN E 147 25.17 -24.21 -22.93
N SER F 1 -28.33 -2.90 -42.91
CA SER F 1 -28.31 -4.12 -43.75
C SER F 1 -27.60 -5.25 -42.98
N VAL F 2 -28.27 -6.40 -42.78
CA VAL F 2 -27.63 -7.62 -42.22
C VAL F 2 -26.39 -7.93 -43.06
N GLU F 3 -26.57 -7.95 -44.39
CA GLU F 3 -25.50 -8.23 -45.38
C GLU F 3 -24.31 -7.29 -45.15
N TRP F 4 -24.51 -6.03 -44.71
CA TRP F 4 -23.41 -5.04 -44.55
C TRP F 4 -22.64 -5.34 -43.27
N GLU F 5 -23.34 -5.65 -42.18
CA GLU F 5 -22.71 -5.99 -40.87
C GLU F 5 -21.78 -7.19 -41.08
N ASN F 6 -22.27 -8.22 -41.77
CA ASN F 6 -21.50 -9.44 -42.09
C ASN F 6 -20.20 -9.06 -42.81
N CYS F 7 -20.32 -8.38 -43.94
CA CYS F 7 -19.16 -8.04 -44.80
C CYS F 7 -18.11 -7.26 -43.98
N VAL F 8 -18.54 -6.25 -43.24
CA VAL F 8 -17.55 -5.42 -42.49
C VAL F 8 -16.89 -6.34 -41.45
N SER F 9 -17.66 -7.18 -40.77
CA SER F 9 -17.12 -8.04 -39.69
C SER F 9 -16.01 -8.91 -40.27
N VAL F 10 -16.30 -9.50 -41.41
CA VAL F 10 -15.34 -10.40 -42.09
C VAL F 10 -14.09 -9.61 -42.46
N ILE F 11 -14.25 -8.41 -42.97
CA ILE F 11 -13.09 -7.58 -43.42
C ILE F 11 -12.28 -7.21 -42.17
N GLU F 12 -12.93 -6.75 -41.12
CA GLU F 12 -12.19 -6.36 -39.89
C GLU F 12 -11.35 -7.55 -39.40
N ALA F 13 -11.93 -8.73 -39.38
CA ALA F 13 -11.25 -9.92 -38.83
C ALA F 13 -10.09 -10.33 -39.73
N ALA F 14 -10.30 -10.39 -41.04
CA ALA F 14 -9.23 -10.72 -41.99
C ALA F 14 -8.04 -9.79 -41.79
N ILE F 15 -8.29 -8.50 -41.52
CA ILE F 15 -7.17 -7.51 -41.41
C ILE F 15 -6.49 -7.67 -40.07
N LEU F 16 -7.30 -7.84 -39.02
CA LEU F 16 -6.84 -8.21 -37.67
C LEU F 16 -5.91 -9.43 -37.76
N LYS F 17 -6.33 -10.48 -38.48
CA LYS F 17 -5.49 -11.69 -38.63
C LYS F 17 -4.18 -11.29 -39.30
N HIS F 18 -4.25 -10.45 -40.33
CA HIS F 18 -3.08 -9.96 -41.12
C HIS F 18 -2.13 -9.19 -40.21
N LYS F 19 -2.66 -8.31 -39.36
CA LYS F 19 -1.79 -7.55 -38.42
C LYS F 19 -1.01 -8.53 -37.56
N TYR F 20 -1.74 -9.48 -36.96
CA TYR F 20 -1.20 -10.45 -35.97
C TYR F 20 -0.05 -11.23 -36.60
N LYS F 21 -0.20 -11.69 -37.85
CA LYS F 21 0.84 -12.47 -38.60
C LYS F 21 2.04 -11.58 -38.79
N GLN F 22 1.83 -10.27 -39.01
CA GLN F 22 2.91 -9.38 -39.51
C GLN F 22 3.75 -9.03 -38.28
N LYS F 23 3.15 -9.02 -37.09
CA LYS F 23 3.89 -8.85 -35.82
C LYS F 23 4.69 -10.13 -35.51
N VAL F 24 4.15 -11.34 -35.65
CA VAL F 24 5.02 -12.53 -35.40
C VAL F 24 6.13 -12.57 -36.46
N ASN F 25 5.86 -12.22 -37.72
CA ASN F 25 6.85 -12.39 -38.82
C ASN F 25 8.10 -11.57 -38.50
N LYS F 26 7.93 -10.43 -37.83
CA LYS F 26 9.09 -9.59 -37.42
C LYS F 26 10.00 -10.42 -36.50
N ASN F 27 9.47 -11.33 -35.69
CA ASN F 27 10.22 -12.03 -34.62
C ASN F 27 10.77 -13.40 -35.05
N ILE F 28 10.58 -13.82 -36.29
CA ILE F 28 10.94 -15.19 -36.72
C ILE F 28 12.46 -15.36 -36.81
N PRO F 29 13.23 -14.43 -37.41
CA PRO F 29 14.69 -14.52 -37.36
C PRO F 29 15.18 -14.93 -35.97
N SER F 30 14.66 -14.28 -34.93
CA SER F 30 14.91 -14.61 -33.50
C SER F 30 14.56 -16.09 -33.21
N LEU F 31 13.32 -16.50 -33.46
CA LEU F 31 12.80 -17.86 -33.17
C LEU F 31 13.71 -18.90 -33.84
N LEU F 32 14.08 -18.74 -35.10
CA LEU F 32 15.08 -19.64 -35.75
C LEU F 32 16.25 -19.88 -34.79
N ARG F 33 16.81 -18.82 -34.21
CA ARG F 33 17.98 -18.93 -33.30
C ARG F 33 17.58 -19.79 -32.10
N VAL F 34 16.42 -19.58 -31.50
CA VAL F 34 15.96 -20.47 -30.40
C VAL F 34 15.96 -21.92 -30.89
N GLN F 35 15.30 -22.16 -32.01
CA GLN F 35 15.11 -23.52 -32.58
C GLN F 35 16.48 -24.12 -32.93
N ALA F 36 17.46 -23.34 -33.40
CA ALA F 36 18.81 -23.87 -33.70
C ALA F 36 19.53 -24.34 -32.40
N HIS F 37 19.54 -23.52 -31.35
CA HIS F 37 20.11 -23.85 -30.03
C HIS F 37 19.36 -25.02 -29.41
N ILE F 38 18.05 -25.16 -29.63
CA ILE F 38 17.38 -26.39 -29.13
C ILE F 38 17.91 -27.62 -29.88
N ARG F 39 18.09 -27.55 -31.19
CA ARG F 39 18.48 -28.74 -32.00
C ARG F 39 19.92 -29.13 -31.70
N LYS F 40 20.76 -28.16 -31.34
CA LYS F 40 22.16 -28.31 -30.86
C LYS F 40 22.11 -29.03 -29.50
N LYS F 41 21.43 -28.44 -28.53
CA LYS F 41 21.35 -28.99 -27.15
C LYS F 41 20.83 -30.42 -27.18
N MET F 42 20.12 -30.87 -28.22
CA MET F 42 19.40 -32.17 -28.09
C MET F 42 19.95 -33.14 -29.13
N VAL F 43 21.06 -32.79 -29.79
CA VAL F 43 21.59 -33.59 -30.93
C VAL F 43 21.76 -35.06 -30.53
N SER G 1 40.19 11.13 -5.65
CA SER G 1 41.07 11.78 -4.71
C SER G 1 40.48 13.18 -4.49
N MET G 2 40.86 13.83 -3.42
CA MET G 2 40.52 15.27 -3.25
C MET G 2 40.93 16.04 -4.53
N ALA G 3 42.09 15.76 -5.11
CA ALA G 3 42.50 16.43 -6.37
C ALA G 3 41.52 16.08 -7.50
N SER G 4 41.25 14.81 -7.72
CA SER G 4 40.45 14.38 -8.90
C SER G 4 39.01 14.92 -8.76
N ASP G 5 38.45 15.00 -7.53
CA ASP G 5 37.08 15.51 -7.25
C ASP G 5 37.06 17.03 -7.43
N MET G 6 38.18 17.72 -7.23
CA MET G 6 38.27 19.19 -7.46
C MET G 6 38.29 19.50 -8.97
N GLU G 7 38.75 18.58 -9.81
CA GLU G 7 38.95 18.94 -11.23
C GLU G 7 37.64 19.48 -11.78
N GLU G 8 36.49 18.90 -11.50
CA GLU G 8 35.25 19.39 -12.16
C GLU G 8 35.05 20.87 -11.82
N LYS G 9 35.38 21.27 -10.58
CA LYS G 9 35.22 22.64 -10.04
C LYS G 9 36.26 23.57 -10.65
N PHE G 10 37.49 23.08 -10.81
CA PHE G 10 38.54 23.82 -11.55
C PHE G 10 38.21 23.96 -13.04
N ARG G 11 37.67 22.94 -13.73
CA ARG G 11 37.21 23.07 -15.15
C ARG G 11 36.13 24.14 -15.21
N GLU G 12 35.10 24.00 -14.37
CA GLU G 12 33.88 24.85 -14.40
C GLU G 12 34.38 26.29 -14.32
N ALA G 13 35.26 26.54 -13.36
CA ALA G 13 35.72 27.92 -13.10
C ALA G 13 36.51 28.43 -14.30
N PHE G 14 37.40 27.62 -14.85
CA PHE G 14 38.18 28.08 -16.03
C PHE G 14 37.21 28.51 -17.13
N ILE G 15 36.20 27.68 -17.40
CA ILE G 15 35.23 27.98 -18.50
C ILE G 15 34.51 29.30 -18.22
N LEU G 16 33.97 29.48 -17.01
CA LEU G 16 33.32 30.77 -16.64
C LEU G 16 34.29 31.95 -16.75
N PHE G 17 35.54 31.84 -16.28
CA PHE G 17 36.42 33.04 -16.17
C PHE G 17 37.03 33.42 -17.53
N SER G 18 37.24 32.41 -18.39
CA SER G 18 37.79 32.56 -19.75
C SER G 18 36.71 32.95 -20.77
N SER G 19 35.42 32.80 -20.43
CA SER G 19 34.20 32.90 -21.31
C SER G 19 34.25 31.81 -22.37
N CYS G 20 34.52 30.60 -21.92
CA CYS G 20 34.56 29.37 -22.75
C CYS G 20 35.65 29.48 -23.80
N SER G 21 36.76 30.16 -23.49
CA SER G 21 37.91 30.32 -24.42
C SER G 21 38.99 29.29 -24.13
N ASP G 22 39.88 29.08 -25.10
CA ASP G 22 40.96 28.07 -25.04
C ASP G 22 42.06 28.61 -24.14
N HIS G 23 42.22 29.92 -24.19
CA HIS G 23 43.24 30.68 -23.44
C HIS G 23 42.50 31.72 -22.60
N ILE G 24 43.14 32.17 -21.55
CA ILE G 24 42.56 33.09 -20.54
C ILE G 24 43.51 34.28 -20.41
N GLU G 25 42.96 35.47 -20.29
CA GLU G 25 43.73 36.71 -20.09
C GLU G 25 44.37 36.65 -18.71
N MET G 26 45.59 37.14 -18.58
CA MET G 26 46.33 37.03 -17.31
C MET G 26 45.55 37.72 -16.15
N TYR G 27 44.88 38.87 -16.29
CA TYR G 27 44.15 39.45 -15.10
C TYR G 27 43.02 38.49 -14.67
N LYS G 28 42.43 37.76 -15.61
CA LYS G 28 41.37 36.77 -15.32
C LYS G 28 41.96 35.52 -14.66
N PHE G 29 43.13 35.09 -15.10
CA PHE G 29 43.87 33.99 -14.45
C PHE G 29 44.06 34.33 -12.97
N PHE G 30 44.56 35.52 -12.63
CA PHE G 30 44.69 35.95 -11.20
C PHE G 30 43.34 35.91 -10.48
N GLU G 31 42.23 36.36 -11.11
CA GLU G 31 40.91 36.24 -10.41
C GLU G 31 40.64 34.74 -10.19
N LEU G 32 40.88 33.93 -11.22
CA LEU G 32 40.53 32.50 -11.21
C LEU G 32 41.25 31.86 -10.03
N MET G 33 42.56 32.00 -9.94
CA MET G 33 43.32 31.34 -8.85
C MET G 33 42.90 31.94 -7.51
N ASN G 34 42.79 33.26 -7.40
CA ASN G 34 42.31 33.90 -6.14
C ASN G 34 40.97 33.27 -5.70
N SER G 35 40.04 33.00 -6.63
CA SER G 35 38.69 32.49 -6.30
C SER G 35 38.75 31.15 -5.53
N PHE G 36 39.80 30.37 -5.70
CA PHE G 36 40.05 29.12 -4.93
C PHE G 36 41.11 29.31 -3.86
N GLY G 37 41.33 30.56 -3.47
CA GLY G 37 42.17 30.91 -2.32
C GLY G 37 43.65 30.88 -2.64
N ILE G 38 44.04 30.75 -3.91
CA ILE G 38 45.47 30.64 -4.31
C ILE G 38 46.06 32.04 -4.51
N ILE G 39 47.13 32.32 -3.77
CA ILE G 39 47.96 33.53 -3.98
C ILE G 39 49.42 33.15 -4.18
N LEU G 40 50.01 33.55 -5.29
CA LEU G 40 51.47 33.33 -5.52
C LEU G 40 52.29 34.50 -5.00
N THR G 41 53.56 34.20 -4.73
CA THR G 41 54.64 35.19 -4.56
C THR G 41 54.98 35.79 -5.93
N ASN G 42 55.43 37.03 -5.95
CA ASN G 42 55.91 37.66 -7.20
C ASN G 42 56.94 36.75 -7.90
N ASP G 43 57.74 35.94 -7.19
CA ASP G 43 58.69 35.05 -7.93
C ASP G 43 57.94 33.92 -8.63
N GLU G 44 56.87 33.37 -8.02
CA GLU G 44 56.09 32.32 -8.69
C GLU G 44 55.41 32.94 -9.90
N LYS G 45 54.98 34.19 -9.82
CA LYS G 45 54.31 34.86 -10.96
C LYS G 45 55.28 35.03 -12.13
N ALA G 46 56.54 35.37 -11.85
CA ALA G 46 57.59 35.55 -12.88
C ALA G 46 57.71 34.29 -13.76
N ALA G 47 57.47 33.11 -13.19
CA ALA G 47 57.62 31.81 -13.87
C ALA G 47 56.34 31.38 -14.61
N LEU G 48 55.19 32.01 -14.38
CA LEU G 48 53.95 31.64 -15.14
C LEU G 48 54.17 31.90 -16.62
N PRO G 49 53.58 31.10 -17.51
CA PRO G 49 53.50 31.44 -18.93
C PRO G 49 52.51 32.58 -19.19
N ASN G 50 52.76 33.45 -20.17
CA ASN G 50 51.72 34.43 -20.61
C ASN G 50 50.59 33.68 -21.34
N ASP G 51 50.84 32.47 -21.84
CA ASP G 51 49.80 31.74 -22.61
C ASP G 51 49.25 30.57 -21.79
N ILE G 52 47.99 30.69 -21.34
CA ILE G 52 47.47 29.77 -20.29
C ILE G 52 46.24 29.05 -20.83
N ASN G 53 46.28 27.74 -20.84
CA ASN G 53 45.15 26.91 -21.32
C ASN G 53 44.63 26.10 -20.12
N MET G 54 43.58 25.32 -20.31
CA MET G 54 42.96 24.47 -19.27
C MET G 54 44.02 23.54 -18.65
N ASP G 55 44.86 22.89 -19.45
CA ASP G 55 45.82 21.90 -18.88
C ASP G 55 46.72 22.64 -17.90
N TYR G 56 47.22 23.82 -18.25
CA TYR G 56 48.17 24.48 -17.35
C TYR G 56 47.38 24.76 -16.06
N TRP G 57 46.15 25.25 -16.21
CA TRP G 57 45.36 25.67 -15.05
C TRP G 57 45.09 24.47 -14.15
N LEU G 58 44.61 23.35 -14.69
CA LEU G 58 44.37 22.13 -13.88
C LEU G 58 45.63 21.67 -13.14
N ASN G 59 46.81 21.66 -13.73
CA ASN G 59 48.02 21.15 -13.01
C ASN G 59 48.38 22.15 -11.90
N PHE G 60 48.32 23.43 -12.23
CA PHE G 60 48.61 24.50 -11.28
C PHE G 60 47.63 24.44 -10.10
N ALA G 61 46.33 24.21 -10.31
CA ALA G 61 45.34 24.22 -9.21
C ALA G 61 45.59 23.05 -8.29
N LYS G 62 45.87 21.86 -8.86
CA LYS G 62 46.05 20.61 -8.09
C LYS G 62 47.28 20.78 -7.19
N LYS G 63 48.26 21.58 -7.61
CA LYS G 63 49.50 21.76 -6.82
C LYS G 63 49.26 22.79 -5.71
N HIS G 64 48.64 23.93 -6.01
CA HIS G 64 48.59 25.12 -5.13
C HIS G 64 47.28 25.23 -4.35
N TYR G 65 46.22 24.49 -4.68
CA TYR G 65 45.01 24.57 -3.83
C TYR G 65 45.39 23.97 -2.49
N ASN G 66 44.89 24.58 -1.42
CA ASN G 66 45.11 24.10 -0.04
C ASN G 66 43.96 23.16 0.35
N TYR G 67 44.21 21.86 0.32
CA TYR G 67 43.16 20.84 0.47
C TYR G 67 42.54 20.96 1.87
N GLU G 68 43.33 21.14 2.91
CA GLU G 68 42.78 21.23 4.29
C GLU G 68 42.13 22.60 4.54
N GLN G 69 42.67 23.70 4.03
CA GLN G 69 42.17 25.05 4.39
C GLN G 69 42.20 25.89 3.13
N PRO G 70 41.24 25.68 2.24
CA PRO G 70 41.21 26.41 0.98
C PRO G 70 41.31 27.92 1.17
N PHE G 71 40.66 28.48 2.18
CA PHE G 71 40.72 29.95 2.43
C PHE G 71 41.67 30.34 3.57
N LYS G 72 42.76 29.61 3.78
CA LYS G 72 43.81 30.01 4.75
C LYS G 72 44.09 31.51 4.69
N HIS G 73 44.17 32.13 3.52
CA HIS G 73 44.58 33.56 3.42
C HIS G 73 43.57 34.48 4.11
N ILE G 74 42.34 34.01 4.34
CA ILE G 74 41.35 34.76 5.17
C ILE G 74 41.68 34.58 6.66
N ASN G 75 42.00 33.37 7.11
CA ASN G 75 42.29 33.09 8.54
C ASN G 75 43.72 33.47 8.92
N ASN G 76 44.49 34.04 7.98
CA ASN G 76 45.91 34.42 8.22
C ASN G 76 45.97 35.90 8.53
N VAL G 77 44.83 36.58 8.54
CA VAL G 77 44.73 37.99 9.00
C VAL G 77 44.50 37.98 10.50
N ASN G 78 44.25 36.77 11.05
CA ASN G 78 43.94 36.57 12.49
C ASN G 78 45.18 36.84 13.34
N GLU G 79 46.32 37.14 12.70
CA GLU G 79 47.50 37.68 13.44
C GLU G 79 47.09 39.01 14.06
N GLN G 80 46.36 39.83 13.30
CA GLN G 80 45.81 41.13 13.76
C GLN G 80 44.43 40.93 14.38
N ASN G 81 43.49 40.31 13.65
CA ASN G 81 42.06 40.21 14.07
C ASN G 81 41.91 39.28 15.28
N THR G 82 42.59 38.13 15.31
CA THR G 82 42.48 37.11 16.39
C THR G 82 41.00 36.78 16.63
N ASN G 83 40.20 36.65 15.56
CA ASN G 83 38.79 36.14 15.59
C ASN G 83 37.80 37.16 16.17
N VAL G 84 38.05 38.47 16.07
CA VAL G 84 37.07 39.49 16.54
C VAL G 84 35.80 39.34 15.69
N GLN G 85 34.63 39.52 16.31
CA GLN G 85 33.32 39.50 15.60
C GLN G 85 33.08 40.89 14.98
N ILE G 86 33.66 41.17 13.82
CA ILE G 86 33.59 42.51 13.16
C ILE G 86 32.12 42.79 12.84
N LYS G 87 31.68 44.03 13.04
CA LYS G 87 30.29 44.43 12.72
C LYS G 87 30.11 44.35 11.20
N ILE G 88 28.93 43.94 10.74
CA ILE G 88 28.65 43.74 9.28
C ILE G 88 28.93 45.04 8.51
N ASP G 89 28.58 46.19 9.07
CA ASP G 89 28.80 47.52 8.44
C ASP G 89 30.29 47.88 8.46
N ASN G 90 30.99 47.59 9.57
CA ASN G 90 32.43 47.92 9.72
C ASN G 90 33.26 47.13 8.70
N PHE G 91 32.96 45.84 8.55
CA PHE G 91 33.68 44.93 7.62
C PHE G 91 33.52 45.47 6.19
N LEU G 92 32.31 45.89 5.82
CA LEU G 92 32.00 46.49 4.49
C LEU G 92 32.90 47.70 4.27
N GLY G 93 33.10 48.50 5.31
CA GLY G 93 34.00 49.67 5.25
C GLY G 93 35.42 49.24 5.00
N ILE G 94 35.86 48.15 5.63
CA ILE G 94 37.23 47.57 5.43
C ILE G 94 37.36 47.11 3.97
N MET G 95 36.30 46.51 3.43
CA MET G 95 36.25 46.05 2.01
C MET G 95 36.30 47.28 1.10
N LYS G 96 35.50 48.32 1.42
CA LYS G 96 35.41 49.56 0.60
C LYS G 96 36.70 50.40 0.74
N ALA G 97 37.38 50.33 1.90
CA ALA G 97 38.70 50.97 2.12
C ALA G 97 39.72 50.40 1.13
N LEU G 98 39.78 49.07 1.00
CA LEU G 98 40.54 48.41 -0.08
C LEU G 98 39.79 48.65 -1.39
N ASP G 99 40.48 48.71 -2.53
CA ASP G 99 39.80 49.00 -3.81
C ASP G 99 39.07 47.73 -4.28
N THR G 100 38.01 47.33 -3.57
CA THR G 100 37.21 46.12 -3.87
C THR G 100 36.51 46.33 -5.21
N ARG G 101 36.61 45.35 -6.11
CA ARG G 101 35.83 45.35 -7.37
C ARG G 101 34.34 45.21 -7.03
N LEU G 102 34.05 44.58 -5.89
CA LEU G 102 32.66 44.26 -5.45
C LEU G 102 31.88 45.55 -5.17
N THR G 103 30.65 45.64 -5.69
CA THR G 103 29.71 46.76 -5.45
C THR G 103 28.95 46.49 -4.14
N GLU G 104 27.93 47.30 -3.85
CA GLU G 104 27.03 47.07 -2.71
C GLU G 104 26.22 45.79 -2.92
N SER G 105 25.75 45.55 -4.14
CA SER G 105 24.99 44.32 -4.50
C SER G 105 25.86 43.09 -4.24
N ASP G 106 27.16 43.18 -4.59
CA ASP G 106 28.14 42.09 -4.41
C ASP G 106 28.42 41.87 -2.91
N LEU G 107 28.45 42.96 -2.14
CA LEU G 107 28.57 42.87 -0.66
C LEU G 107 27.37 42.11 -0.08
N ASN G 108 26.16 42.35 -0.60
CA ASN G 108 24.92 41.70 -0.10
C ASN G 108 25.03 40.19 -0.33
N ILE G 109 25.56 39.80 -1.50
CA ILE G 109 25.77 38.37 -1.90
C ILE G 109 26.75 37.72 -0.92
N LEU G 110 27.79 38.46 -0.53
CA LEU G 110 28.77 37.96 0.47
C LEU G 110 28.03 37.65 1.75
N LEU G 111 27.21 38.60 2.21
CA LEU G 111 26.48 38.46 3.50
C LEU G 111 25.58 37.23 3.41
N GLN G 112 24.91 37.04 2.27
CA GLN G 112 23.95 35.91 2.11
C GLN G 112 24.68 34.58 2.27
N ILE G 113 25.88 34.47 1.71
CA ILE G 113 26.68 33.21 1.80
C ILE G 113 27.18 33.06 3.24
N THR G 114 27.67 34.15 3.85
CA THR G 114 28.41 34.12 5.16
C THR G 114 27.46 34.13 6.35
N ASN G 115 26.66 35.20 6.52
CA ASN G 115 25.72 35.36 7.65
C ASN G 115 24.29 35.35 7.12
N PRO G 116 23.71 34.16 6.80
CA PRO G 116 22.37 34.09 6.21
C PRO G 116 21.26 34.61 7.12
N GLU G 117 21.29 34.27 8.42
CA GLU G 117 20.17 34.56 9.35
C GLU G 117 20.57 35.64 10.37
N ASN G 118 21.64 35.40 11.16
CA ASN G 118 21.97 36.27 12.32
C ASN G 118 21.95 37.75 11.87
N LYS G 119 22.64 38.07 10.77
CA LYS G 119 22.68 39.45 10.21
C LYS G 119 23.09 40.46 11.30
N SER G 120 24.07 40.14 12.15
CA SER G 120 24.55 41.06 13.23
C SER G 120 26.08 41.14 13.28
N THR G 121 26.74 40.09 13.79
CA THR G 121 28.20 40.09 14.05
C THR G 121 28.87 39.01 13.19
N LEU G 122 30.00 39.34 12.53
CA LEU G 122 30.67 38.42 11.58
C LEU G 122 32.14 38.16 11.96
N ASN G 123 32.50 36.89 12.16
CA ASN G 123 33.90 36.49 12.47
C ASN G 123 34.52 35.89 11.20
N LEU G 124 35.74 36.30 10.85
CA LEU G 124 36.37 35.81 9.59
C LEU G 124 36.28 34.28 9.55
N LYS G 125 36.47 33.57 10.67
CA LYS G 125 36.43 32.08 10.68
C LYS G 125 35.12 31.53 10.08
N THR G 126 33.96 32.18 10.28
CA THR G 126 32.70 31.70 9.62
C THR G 126 32.82 32.03 8.12
N VAL G 127 33.27 33.23 7.72
CA VAL G 127 33.30 33.62 6.26
C VAL G 127 34.20 32.64 5.47
N SER G 128 35.34 32.22 6.02
CA SER G 128 36.18 31.20 5.36
C SER G 128 35.46 29.85 5.34
N GLN G 129 34.55 29.56 6.29
CA GLN G 129 33.85 28.24 6.35
C GLN G 129 32.64 28.28 5.39
N LYS G 130 31.92 29.40 5.36
CA LYS G 130 30.77 29.59 4.44
C LYS G 130 31.27 29.57 2.99
N LEU G 131 32.43 30.15 2.70
CA LEU G 131 32.99 30.20 1.32
C LEU G 131 33.50 28.81 0.92
N THR G 132 34.14 28.06 1.81
CA THR G 132 34.62 26.69 1.48
C THR G 132 33.40 25.83 1.17
N GLU G 133 32.26 26.10 1.82
CA GLU G 133 31.01 25.30 1.68
C GLU G 133 30.40 25.55 0.28
N SER G 134 30.45 26.78 -0.24
CA SER G 134 29.85 27.22 -1.53
C SER G 134 30.76 26.93 -2.74
N ILE G 135 31.83 26.14 -2.54
CA ILE G 135 32.69 25.52 -3.59
C ILE G 135 32.03 24.18 -3.96
N ILE H 8 0.56 11.26 -20.73
CA ILE H 8 -0.40 10.16 -20.33
C ILE H 8 -1.20 9.74 -21.57
N GLN H 9 -2.17 10.57 -21.97
CA GLN H 9 -2.94 10.36 -23.23
C GLN H 9 -1.97 10.56 -24.39
N GLN H 10 -1.11 11.58 -24.29
CA GLN H 10 -0.09 11.95 -25.32
C GLN H 10 0.90 10.81 -25.52
N LEU H 11 1.28 10.12 -24.43
CA LEU H 11 2.23 8.99 -24.51
C LEU H 11 1.63 7.95 -25.47
N GLU H 12 0.42 7.47 -25.16
CA GLU H 12 -0.24 6.36 -25.91
C GLU H 12 -0.46 6.78 -27.37
N GLU H 13 -0.85 8.04 -27.60
CA GLU H 13 -1.07 8.58 -28.97
C GLU H 13 0.22 8.46 -29.79
N LYS H 14 1.37 8.82 -29.21
CA LYS H 14 2.67 8.88 -29.94
C LYS H 14 3.34 7.50 -29.95
N VAL H 15 3.73 6.98 -28.79
CA VAL H 15 4.56 5.74 -28.68
C VAL H 15 3.77 4.53 -29.18
N ASP H 16 4.48 3.43 -29.45
CA ASP H 16 3.86 2.14 -29.87
C ASP H 16 3.63 1.29 -28.63
N GLU H 17 2.37 1.07 -28.25
CA GLU H 17 2.02 0.32 -27.02
C GLU H 17 2.59 -1.10 -27.11
N SER H 18 2.68 -1.68 -28.31
CA SER H 18 3.29 -3.00 -28.50
C SER H 18 4.77 -2.93 -28.05
N ASP H 19 5.54 -1.94 -28.53
CA ASP H 19 6.99 -1.84 -28.22
C ASP H 19 7.19 -1.60 -26.71
N VAL H 20 6.29 -0.82 -26.09
CA VAL H 20 6.28 -0.53 -24.63
C VAL H 20 6.21 -1.87 -23.87
N ARG H 21 5.20 -2.68 -24.15
CA ARG H 21 4.99 -4.00 -23.51
C ARG H 21 6.21 -4.89 -23.83
N ILE H 22 6.71 -4.88 -25.06
CA ILE H 22 7.79 -5.81 -25.46
C ILE H 22 9.08 -5.42 -24.73
N TYR H 23 9.55 -4.17 -24.91
CA TYR H 23 10.83 -3.64 -24.36
C TYR H 23 10.86 -3.86 -22.83
N PHE H 24 9.72 -3.61 -22.17
CA PHE H 24 9.56 -3.96 -20.75
C PHE H 24 9.88 -5.43 -20.59
N ASN H 25 9.31 -6.29 -21.42
CA ASN H 25 9.47 -7.77 -21.32
C ASN H 25 10.92 -8.17 -21.61
N GLU H 26 11.60 -7.51 -22.56
CA GLU H 26 13.06 -7.70 -22.83
C GLU H 26 13.93 -7.47 -21.58
N LYS H 27 13.49 -6.64 -20.59
CA LYS H 27 14.34 -6.21 -19.44
C LYS H 27 13.70 -6.53 -18.08
N SER H 28 12.47 -7.03 -18.04
CA SER H 28 11.74 -7.30 -16.77
C SER H 28 12.52 -8.33 -15.94
N SER H 29 12.21 -8.44 -14.64
CA SER H 29 12.78 -9.47 -13.75
C SER H 29 12.02 -9.49 -12.40
N GLY H 30 11.49 -10.65 -12.02
CA GLY H 30 10.40 -10.77 -11.03
C GLY H 30 9.22 -9.85 -11.35
N GLY H 31 8.91 -9.60 -12.63
CA GLY H 31 7.80 -8.71 -13.04
C GLY H 31 8.09 -7.22 -12.86
N LYS H 32 9.34 -6.85 -12.54
CA LYS H 32 9.74 -5.44 -12.23
C LYS H 32 10.96 -5.05 -13.06
N ILE H 33 10.99 -3.80 -13.56
CA ILE H 33 12.13 -3.25 -14.36
C ILE H 33 12.88 -2.20 -13.53
N SER H 34 14.21 -2.17 -13.63
CA SER H 34 15.07 -1.17 -12.92
C SER H 34 14.89 0.23 -13.55
N ILE H 35 15.22 1.29 -12.82
CA ILE H 35 15.15 2.66 -13.42
C ILE H 35 16.11 2.70 -14.61
N ASP H 36 17.31 2.15 -14.53
CA ASP H 36 18.23 2.26 -15.69
C ASP H 36 17.57 1.62 -16.92
N ASN H 37 16.99 0.43 -16.75
CA ASN H 37 16.38 -0.32 -17.88
C ASN H 37 15.16 0.45 -18.41
N ALA H 38 14.36 1.02 -17.52
CA ALA H 38 13.21 1.89 -17.89
C ALA H 38 13.72 3.09 -18.72
N SER H 39 14.82 3.70 -18.28
CA SER H 39 15.43 4.84 -19.00
C SER H 39 15.84 4.41 -20.39
N TYR H 40 16.61 3.32 -20.49
CA TYR H 40 17.02 2.67 -21.77
C TYR H 40 15.79 2.43 -22.66
N ASN H 41 14.77 1.75 -22.12
CA ASN H 41 13.50 1.50 -22.85
C ASN H 41 12.96 2.82 -23.37
N ALA H 42 12.88 3.80 -22.48
CA ALA H 42 12.26 5.11 -22.75
C ALA H 42 12.95 5.75 -23.96
N ARG H 43 14.25 5.52 -24.12
CA ARG H 43 15.04 6.13 -25.23
C ARG H 43 14.79 5.34 -26.50
N LYS H 44 14.78 4.00 -26.41
CA LYS H 44 14.40 3.13 -27.55
C LYS H 44 13.06 3.61 -28.14
N LEU H 45 12.13 3.99 -27.27
CA LEU H 45 10.79 4.51 -27.67
C LEU H 45 10.85 5.96 -28.15
N GLY H 46 12.01 6.62 -28.09
CA GLY H 46 12.25 8.00 -28.62
C GLY H 46 11.99 9.09 -27.59
N LEU H 47 11.91 8.73 -26.31
CA LEU H 47 11.78 9.66 -25.16
C LEU H 47 13.18 9.98 -24.59
N ALA H 48 13.27 11.04 -23.80
CA ALA H 48 14.57 11.61 -23.36
C ALA H 48 14.50 11.89 -21.86
N PRO H 49 14.63 10.85 -21.00
CA PRO H 49 14.57 11.05 -19.57
C PRO H 49 15.87 11.72 -19.16
N SER H 50 15.78 12.59 -18.14
CA SER H 50 16.92 13.27 -17.48
C SER H 50 17.06 12.65 -16.09
N SER H 51 18.10 13.01 -15.34
CA SER H 51 18.25 12.63 -13.91
C SER H 51 17.04 13.14 -13.09
N ILE H 52 16.37 14.20 -13.53
CA ILE H 52 15.22 14.75 -12.76
C ILE H 52 14.08 13.73 -12.81
N ASP H 53 13.79 13.21 -14.00
CA ASP H 53 12.77 12.15 -14.23
C ASP H 53 13.19 10.90 -13.44
N GLU H 54 14.46 10.48 -13.45
CA GLU H 54 14.87 9.26 -12.70
C GLU H 54 14.69 9.49 -11.19
N LYS H 55 14.99 10.70 -10.71
CA LYS H 55 14.89 11.05 -9.25
C LYS H 55 13.40 11.10 -8.86
N LYS H 56 12.50 11.67 -9.69
CA LYS H 56 11.04 11.75 -9.38
C LYS H 56 10.48 10.33 -9.18
N ILE H 57 10.74 9.41 -10.11
CA ILE H 57 10.10 8.07 -10.12
C ILE H 57 10.76 7.21 -9.04
N LYS H 58 12.00 7.51 -8.64
CA LYS H 58 12.67 6.87 -7.47
C LYS H 58 12.00 7.32 -6.16
N GLU H 59 11.60 8.60 -6.01
CA GLU H 59 10.97 9.13 -4.76
C GLU H 59 9.68 8.35 -4.48
N LEU H 60 8.88 8.14 -5.54
CA LEU H 60 7.56 7.48 -5.52
C LEU H 60 7.69 5.98 -5.22
N TYR H 61 8.55 5.23 -5.93
CA TYR H 61 8.39 3.75 -6.06
C TYR H 61 9.68 2.96 -5.84
N GLY H 62 10.82 3.62 -5.63
CA GLY H 62 12.10 2.92 -5.38
C GLY H 62 12.82 2.56 -6.68
N ASP H 63 13.80 1.66 -6.58
CA ASP H 63 14.74 1.34 -7.68
C ASP H 63 14.03 0.52 -8.76
N ASN H 64 13.03 -0.27 -8.39
CA ASN H 64 12.41 -1.31 -9.27
C ASN H 64 10.93 -0.93 -9.46
N LEU H 65 10.45 -0.98 -10.70
CA LEU H 65 9.09 -0.52 -11.11
C LEU H 65 8.27 -1.71 -11.64
N THR H 66 7.02 -1.79 -11.20
CA THR H 66 5.95 -2.63 -11.80
C THR H 66 5.64 -2.11 -13.21
N TYR H 67 4.96 -2.94 -14.02
CA TYR H 67 4.55 -2.54 -15.39
C TYR H 67 3.83 -1.20 -15.31
N GLU H 68 2.99 -1.02 -14.29
CA GLU H 68 2.09 0.18 -14.19
C GLU H 68 2.96 1.40 -13.93
N GLN H 69 3.74 1.33 -12.85
CA GLN H 69 4.85 2.27 -12.49
C GLN H 69 5.66 2.63 -13.75
N TYR H 70 6.11 1.63 -14.51
CA TYR H 70 6.92 1.81 -15.75
C TYR H 70 6.15 2.68 -16.75
N LEU H 71 4.84 2.48 -16.85
CA LEU H 71 3.99 3.26 -17.79
C LEU H 71 3.95 4.70 -17.31
N GLU H 72 3.76 4.86 -16.00
CA GLU H 72 3.70 6.21 -15.39
C GLU H 72 5.01 6.91 -15.70
N TYR H 73 6.14 6.22 -15.46
CA TYR H 73 7.51 6.74 -15.71
C TYR H 73 7.60 7.22 -17.17
N LEU H 74 7.19 6.39 -18.13
CA LEU H 74 7.27 6.76 -19.56
C LEU H 74 6.44 8.02 -19.82
N SER H 75 5.33 8.23 -19.09
CA SER H 75 4.46 9.41 -19.28
C SER H 75 5.22 10.67 -18.84
N ILE H 76 5.96 10.60 -17.74
CA ILE H 76 6.73 11.77 -17.21
C ILE H 76 7.95 12.07 -18.12
N CYS H 77 8.36 11.16 -19.01
CA CYS H 77 9.57 11.35 -19.87
C CYS H 77 9.17 11.96 -21.21
N VAL H 78 7.92 12.39 -21.37
CA VAL H 78 7.42 12.88 -22.70
C VAL H 78 8.07 14.24 -23.04
N HIS H 79 8.03 15.21 -22.12
CA HIS H 79 8.70 16.53 -22.27
C HIS H 79 8.39 17.12 -23.65
N ASP H 80 7.11 17.45 -23.92
CA ASP H 80 6.64 17.94 -25.24
C ASP H 80 7.01 19.43 -25.38
N LYS H 81 7.42 20.08 -24.28
CA LYS H 81 7.82 21.53 -24.29
C LYS H 81 9.13 21.71 -25.09
N ASP H 82 9.89 20.64 -25.33
CA ASP H 82 11.25 20.68 -25.92
C ASP H 82 11.20 21.19 -27.36
N ASN H 83 12.00 22.21 -27.68
CA ASN H 83 12.24 22.76 -29.04
C ASN H 83 13.67 23.36 -29.06
N VAL H 84 14.11 23.99 -30.15
CA VAL H 84 15.50 24.54 -30.21
C VAL H 84 15.64 25.70 -29.23
N GLU H 85 14.65 26.59 -29.16
CA GLU H 85 14.67 27.76 -28.25
C GLU H 85 15.01 27.30 -26.82
N GLU H 86 14.35 26.26 -26.29
CA GLU H 86 14.54 25.74 -24.91
C GLU H 86 15.84 24.94 -24.76
N LEU H 87 16.43 24.38 -25.82
CA LEU H 87 17.66 23.55 -25.69
C LEU H 87 18.92 24.42 -25.82
N ILE H 88 18.86 25.60 -26.43
CA ILE H 88 20.08 26.39 -26.75
C ILE H 88 20.45 27.41 -25.65
N LYS H 89 19.76 27.42 -24.50
CA LYS H 89 20.03 28.46 -23.46
C LYS H 89 21.49 28.36 -22.99
N MET H 90 22.09 27.18 -22.81
CA MET H 90 23.50 27.14 -22.30
C MET H 90 24.49 27.59 -23.39
N PHE H 91 24.26 27.23 -24.65
CA PHE H 91 25.14 27.63 -25.78
C PHE H 91 25.01 29.12 -26.06
N ALA H 92 23.77 29.60 -26.03
CA ALA H 92 23.50 31.05 -26.18
C ALA H 92 24.33 31.84 -25.15
N HIS H 93 24.47 31.30 -23.95
CA HIS H 93 25.22 31.96 -22.85
C HIS H 93 26.69 32.20 -23.24
N PHE H 94 27.32 31.24 -23.92
CA PHE H 94 28.77 31.22 -24.20
C PHE H 94 29.12 31.74 -25.59
N ASP H 95 28.15 32.20 -26.40
CA ASP H 95 28.42 32.63 -27.80
C ASP H 95 28.76 34.12 -27.82
N ASN H 96 30.05 34.43 -27.63
CA ASN H 96 30.55 35.79 -27.38
C ASN H 96 30.39 36.71 -28.60
N ASN H 97 30.35 36.16 -29.82
CA ASN H 97 30.44 36.92 -31.11
C ASN H 97 29.06 36.95 -31.79
N CYS H 98 28.04 36.40 -31.15
CA CYS H 98 26.65 36.34 -31.64
C CYS H 98 26.57 35.76 -33.07
N THR H 99 27.39 34.75 -33.38
CA THR H 99 27.52 34.07 -34.69
C THR H 99 26.62 32.84 -34.81
N GLY H 100 26.08 32.33 -33.71
CA GLY H 100 25.32 31.07 -33.70
C GLY H 100 26.22 29.84 -33.82
N TYR H 101 27.54 30.06 -33.76
CA TYR H 101 28.61 29.03 -33.87
C TYR H 101 29.43 28.99 -32.57
N LEU H 102 29.86 27.77 -32.22
CA LEU H 102 30.77 27.42 -31.10
C LEU H 102 31.66 26.31 -31.64
N THR H 103 32.88 26.18 -31.15
CA THR H 103 33.81 25.13 -31.62
C THR H 103 33.43 23.80 -30.96
N LYS H 104 33.91 22.71 -31.53
CA LYS H 104 33.73 21.37 -30.93
C LYS H 104 34.30 21.37 -29.50
N SER H 105 35.44 22.01 -29.22
CA SER H 105 35.98 21.97 -27.84
C SER H 105 35.13 22.83 -26.87
N GLN H 106 34.54 23.94 -27.32
CA GLN H 106 33.61 24.75 -26.49
C GLN H 106 32.39 23.90 -26.12
N MET H 107 31.84 23.18 -27.09
CA MET H 107 30.63 22.36 -26.87
C MET H 107 30.94 21.16 -26.01
N LYS H 108 32.17 20.62 -26.14
CA LYS H 108 32.59 19.43 -25.36
C LYS H 108 32.67 19.86 -23.89
N ASN H 109 33.31 21.00 -23.63
CA ASN H 109 33.50 21.51 -22.24
C ASN H 109 32.14 21.75 -21.59
N ILE H 110 31.21 22.32 -22.35
CA ILE H 110 29.85 22.59 -21.83
C ILE H 110 29.17 21.28 -21.46
N LEU H 111 29.16 20.30 -22.36
CA LEU H 111 28.35 19.06 -22.19
C LEU H 111 28.95 18.14 -21.13
N THR H 112 30.23 18.30 -20.80
CA THR H 112 30.93 17.41 -19.85
C THR H 112 31.08 18.10 -18.49
N THR H 113 30.81 19.40 -18.38
CA THR H 113 30.97 20.09 -17.10
C THR H 113 29.69 20.07 -16.29
N TRP H 114 28.59 20.57 -16.84
CA TRP H 114 27.34 20.77 -16.08
C TRP H 114 26.32 19.66 -16.34
N GLY H 115 25.35 19.58 -15.44
CA GLY H 115 24.10 18.81 -15.61
C GLY H 115 24.33 17.32 -15.51
N ASP H 116 23.70 16.52 -16.35
CA ASP H 116 24.00 15.07 -16.42
C ASP H 116 25.17 14.98 -17.40
N ALA H 117 26.36 15.30 -16.92
CA ALA H 117 27.57 15.47 -17.74
C ALA H 117 27.83 14.18 -18.53
N LEU H 118 28.26 14.38 -19.76
CA LEU H 118 28.68 13.36 -20.73
C LEU H 118 30.14 13.07 -20.43
N THR H 119 30.63 11.90 -20.84
CA THR H 119 32.08 11.64 -20.82
C THR H 119 32.66 12.42 -22.00
N ASP H 120 33.97 12.69 -21.97
CA ASP H 120 34.66 13.32 -23.14
C ASP H 120 34.34 12.46 -24.37
N GLN H 121 34.32 11.12 -24.28
CA GLN H 121 34.04 10.32 -25.50
C GLN H 121 32.59 10.58 -25.92
N GLU H 122 31.58 10.31 -25.09
CA GLU H 122 30.14 10.44 -25.50
C GLU H 122 29.90 11.80 -26.19
N ALA H 123 30.57 12.84 -25.73
CA ALA H 123 30.41 14.21 -26.25
C ALA H 123 31.10 14.38 -27.62
N ILE H 124 32.38 14.02 -27.74
CA ILE H 124 33.15 14.13 -29.01
C ILE H 124 32.48 13.24 -30.08
N ASP H 125 31.98 12.05 -29.70
CA ASP H 125 31.19 11.15 -30.58
C ASP H 125 30.00 11.92 -31.16
N ALA H 126 29.28 12.67 -30.33
CA ALA H 126 27.96 13.25 -30.64
C ALA H 126 28.17 14.42 -31.60
N LEU H 127 29.28 15.11 -31.43
CA LEU H 127 29.59 16.31 -32.24
C LEU H 127 30.09 15.88 -33.61
N ASN H 128 30.90 14.81 -33.66
CA ASN H 128 31.44 14.20 -34.90
C ASN H 128 30.28 13.59 -35.74
N ALA H 129 29.33 12.88 -35.13
CA ALA H 129 28.09 12.38 -35.76
C ALA H 129 27.28 13.51 -36.42
N PHE H 130 27.42 14.73 -35.92
CA PHE H 130 26.62 15.87 -36.43
C PHE H 130 27.42 16.62 -37.50
N SER H 131 28.75 16.68 -37.43
CA SER H 131 29.54 17.46 -38.41
C SER H 131 31.02 17.06 -38.43
N SER H 132 31.74 17.48 -39.47
CA SER H 132 33.18 17.22 -39.71
C SER H 132 33.95 18.53 -39.56
N GLU H 133 33.21 19.62 -39.40
CA GLU H 133 33.79 20.97 -39.23
C GLU H 133 33.95 21.24 -37.73
N ASP H 134 34.91 22.09 -37.39
CA ASP H 134 35.15 22.56 -35.99
C ASP H 134 33.99 23.46 -35.55
N ASN H 135 33.56 24.44 -36.35
CA ASN H 135 32.43 25.31 -35.92
C ASN H 135 31.12 24.55 -36.10
N ILE H 136 30.28 24.62 -35.06
CA ILE H 136 28.99 23.87 -34.93
C ILE H 136 27.87 24.89 -34.80
N ASP H 137 26.86 24.80 -35.67
CA ASP H 137 25.66 25.64 -35.54
C ASP H 137 24.85 25.00 -34.40
N TYR H 138 24.86 25.62 -33.22
CA TYR H 138 24.26 24.97 -32.04
C TYR H 138 22.76 24.87 -32.26
N LYS H 139 22.12 25.81 -32.99
CA LYS H 139 20.65 25.71 -33.26
C LYS H 139 20.39 24.42 -34.07
N LEU H 140 21.18 24.13 -35.11
CA LEU H 140 21.00 22.92 -35.96
C LEU H 140 21.27 21.64 -35.17
N PHE H 141 22.39 21.60 -34.47
CA PHE H 141 22.80 20.44 -33.63
C PHE H 141 21.67 20.01 -32.68
N CYS H 142 20.93 20.98 -32.16
CA CYS H 142 19.77 20.77 -31.24
C CYS H 142 18.55 20.30 -32.02
N GLU H 143 18.36 20.84 -33.24
CA GLU H 143 17.31 20.31 -34.14
C GLU H 143 17.59 18.83 -34.40
N ASP H 144 18.84 18.49 -34.74
CA ASP H 144 19.23 17.11 -35.12
C ASP H 144 18.89 16.16 -33.96
N ILE H 145 19.30 16.47 -32.72
CA ILE H 145 19.08 15.54 -31.58
C ILE H 145 17.58 15.51 -31.25
N LEU H 146 16.80 16.48 -31.69
CA LEU H 146 15.37 16.50 -31.28
C LEU H 146 14.52 15.56 -32.13
N GLN H 147 14.98 15.18 -33.33
CA GLN H 147 14.11 14.49 -34.32
C GLN H 147 14.50 13.00 -34.39
N SER I 1 48.32 46.52 4.70
CA SER I 1 48.72 45.20 5.19
C SER I 1 48.55 44.20 4.05
N VAL I 2 49.62 43.51 3.69
CA VAL I 2 49.60 42.43 2.67
C VAL I 2 48.63 41.33 3.14
N GLU I 3 48.52 41.05 4.44
CA GLU I 3 47.54 40.05 4.96
C GLU I 3 46.10 40.53 4.67
N TRP I 4 45.82 41.82 4.88
CA TRP I 4 44.52 42.40 4.47
C TRP I 4 44.32 42.30 2.95
N GLU I 5 45.30 42.70 2.15
CA GLU I 5 45.16 42.74 0.66
C GLU I 5 44.79 41.34 0.14
N ASN I 6 45.41 40.32 0.70
CA ASN I 6 45.27 38.87 0.34
C ASN I 6 43.87 38.36 0.65
N CYS I 7 43.45 38.60 1.89
CA CYS I 7 42.07 38.42 2.37
C CYS I 7 41.05 39.05 1.41
N VAL I 8 41.21 40.27 0.90
CA VAL I 8 40.08 40.87 0.14
C VAL I 8 40.14 40.29 -1.26
N SER I 9 41.35 40.05 -1.77
CA SER I 9 41.60 39.46 -3.11
C SER I 9 40.76 38.21 -3.24
N VAL I 10 40.89 37.40 -2.21
CA VAL I 10 40.30 36.05 -2.20
C VAL I 10 38.78 36.15 -2.02
N ILE I 11 38.30 37.04 -1.16
CA ILE I 11 36.84 37.22 -0.97
C ILE I 11 36.25 37.76 -2.26
N GLU I 12 36.82 38.81 -2.84
CA GLU I 12 36.24 39.40 -4.08
C GLU I 12 36.15 38.28 -5.13
N ALA I 13 37.23 37.56 -5.34
CA ALA I 13 37.33 36.57 -6.45
C ALA I 13 36.30 35.45 -6.20
N ALA I 14 36.21 34.97 -4.95
CA ALA I 14 35.29 33.88 -4.58
C ALA I 14 33.86 34.34 -4.85
N ILE I 15 33.57 35.63 -4.69
CA ILE I 15 32.17 36.11 -4.87
C ILE I 15 31.93 36.24 -6.35
N LEU I 16 32.91 36.73 -7.07
CA LEU I 16 32.85 36.76 -8.54
C LEU I 16 32.56 35.35 -9.05
N LYS I 17 33.22 34.32 -8.50
CA LYS I 17 33.01 32.95 -8.99
C LYS I 17 31.56 32.55 -8.68
N HIS I 18 31.07 32.94 -7.53
CA HIS I 18 29.66 32.72 -7.09
C HIS I 18 28.68 33.35 -8.08
N LYS I 19 28.82 34.63 -8.38
CA LYS I 19 27.95 35.29 -9.38
C LYS I 19 27.95 34.51 -10.70
N TYR I 20 29.12 34.14 -11.23
CA TYR I 20 29.24 33.43 -12.53
C TYR I 20 28.52 32.09 -12.45
N LYS I 21 28.73 31.35 -11.37
CA LYS I 21 28.04 30.07 -11.14
C LYS I 21 26.52 30.28 -11.11
N GLN I 22 26.04 31.29 -10.40
CA GLN I 22 24.58 31.37 -10.18
C GLN I 22 23.94 31.80 -11.50
N LYS I 23 24.69 32.41 -12.41
CA LYS I 23 24.16 32.82 -13.72
C LYS I 23 24.12 31.63 -14.69
N VAL I 24 25.15 30.78 -14.77
CA VAL I 24 24.97 29.56 -15.62
C VAL I 24 24.01 28.60 -14.94
N ASN I 25 23.84 28.61 -13.61
CA ASN I 25 23.00 27.53 -13.02
C ASN I 25 21.57 27.71 -13.56
N LYS I 26 21.18 28.92 -13.97
CA LYS I 26 19.85 29.20 -14.59
C LYS I 26 19.67 28.43 -15.92
N ASN I 27 20.76 28.14 -16.64
CA ASN I 27 20.71 27.49 -17.97
C ASN I 27 20.85 25.97 -17.84
N ILE I 28 20.90 25.43 -16.63
CA ILE I 28 21.21 23.99 -16.48
C ILE I 28 20.00 23.16 -16.89
N PRO I 29 18.78 23.44 -16.41
CA PRO I 29 17.61 22.66 -16.86
C PRO I 29 17.50 22.45 -18.38
N SER I 30 17.75 23.50 -19.19
CA SER I 30 17.91 23.44 -20.68
C SER I 30 18.99 22.41 -21.02
N LEU I 31 20.17 22.52 -20.45
CA LEU I 31 21.30 21.66 -20.83
C LEU I 31 20.96 20.21 -20.49
N LEU I 32 20.19 19.98 -19.43
CA LEU I 32 19.76 18.59 -19.13
C LEU I 32 18.98 18.02 -20.32
N ARG I 33 18.14 18.83 -20.95
CA ARG I 33 17.34 18.42 -22.11
C ARG I 33 18.29 18.13 -23.30
N VAL I 34 19.32 18.94 -23.56
CA VAL I 34 20.32 18.59 -24.61
C VAL I 34 20.94 17.21 -24.30
N GLN I 35 21.46 17.04 -23.10
CA GLN I 35 22.12 15.78 -22.70
C GLN I 35 21.11 14.63 -22.78
N ALA I 36 19.83 14.86 -22.52
CA ALA I 36 18.87 13.72 -22.51
C ALA I 36 18.63 13.24 -23.94
N HIS I 37 18.50 14.17 -24.89
CA HIS I 37 18.32 13.90 -26.34
C HIS I 37 19.63 13.35 -26.91
N ILE I 38 20.79 13.76 -26.41
CA ILE I 38 22.05 13.14 -26.89
C ILE I 38 22.03 11.67 -26.47
N ARG I 39 21.62 11.38 -25.24
CA ARG I 39 21.68 10.00 -24.71
C ARG I 39 20.67 9.15 -25.47
N LYS I 40 19.55 9.75 -25.88
CA LYS I 40 18.47 9.10 -26.66
C LYS I 40 18.98 8.73 -28.05
N LYS I 41 19.61 9.68 -28.74
CA LYS I 41 20.08 9.46 -30.14
C LYS I 41 21.15 8.37 -30.08
N MET I 42 21.96 8.30 -29.02
CA MET I 42 23.19 7.48 -28.99
C MET I 42 22.93 6.12 -28.30
N VAL I 43 21.66 5.79 -28.01
CA VAL I 43 21.32 4.53 -27.29
C VAL I 43 21.94 3.36 -28.04
N SER J 1 -23.64 -26.20 -24.10
CA SER J 1 -23.70 -25.26 -25.22
C SER J 1 -24.07 -23.89 -24.67
N MET J 2 -23.76 -22.83 -25.39
CA MET J 2 -24.18 -21.47 -25.02
C MET J 2 -25.66 -21.52 -24.63
N ALA J 3 -26.48 -22.26 -25.37
CA ALA J 3 -27.94 -22.28 -25.13
C ALA J 3 -28.20 -22.99 -23.81
N SER J 4 -27.64 -24.18 -23.62
CA SER J 4 -27.92 -24.95 -22.37
C SER J 4 -27.37 -24.19 -21.16
N ASP J 5 -26.25 -23.48 -21.27
CA ASP J 5 -25.67 -22.71 -20.11
C ASP J 5 -26.56 -21.48 -19.76
N MET J 6 -27.38 -20.97 -20.68
CA MET J 6 -28.33 -19.88 -20.40
C MET J 6 -29.62 -20.40 -19.80
N GLU J 7 -29.92 -21.68 -19.97
CA GLU J 7 -31.22 -22.22 -19.53
C GLU J 7 -31.47 -21.91 -18.05
N GLU J 8 -30.49 -22.13 -17.17
CA GLU J 8 -30.65 -21.82 -15.71
C GLU J 8 -31.02 -20.33 -15.54
N LYS J 9 -30.39 -19.41 -16.27
CA LYS J 9 -30.67 -17.96 -16.09
C LYS J 9 -32.07 -17.64 -16.62
N PHE J 10 -32.50 -18.26 -17.73
CA PHE J 10 -33.86 -18.02 -18.27
C PHE J 10 -34.90 -18.52 -17.25
N ARG J 11 -34.73 -19.72 -16.71
CA ARG J 11 -35.71 -20.25 -15.71
C ARG J 11 -35.79 -19.33 -14.50
N GLU J 12 -34.64 -19.05 -13.87
CA GLU J 12 -34.56 -18.13 -12.70
C GLU J 12 -35.41 -16.91 -13.06
N ALA J 13 -35.13 -16.29 -14.22
CA ALA J 13 -35.76 -14.98 -14.52
C ALA J 13 -37.28 -15.13 -14.65
N PHE J 14 -37.75 -16.23 -15.24
CA PHE J 14 -39.21 -16.40 -15.39
C PHE J 14 -39.86 -16.45 -14.00
N ILE J 15 -39.26 -17.22 -13.09
CA ILE J 15 -39.75 -17.27 -11.69
C ILE J 15 -39.75 -15.88 -11.02
N LEU J 16 -38.69 -15.08 -11.17
CA LEU J 16 -38.66 -13.75 -10.54
C LEU J 16 -39.70 -12.84 -11.17
N PHE J 17 -39.86 -12.82 -12.49
CA PHE J 17 -40.74 -11.82 -13.15
C PHE J 17 -42.20 -12.23 -13.03
N SER J 18 -42.44 -13.52 -12.88
CA SER J 18 -43.79 -14.10 -12.76
C SER J 18 -44.25 -14.14 -11.30
N SER J 19 -43.41 -13.75 -10.32
CA SER J 19 -43.59 -14.00 -8.87
C SER J 19 -44.03 -15.46 -8.66
N CYS J 20 -43.26 -16.39 -9.23
CA CYS J 20 -43.40 -17.85 -9.01
C CYS J 20 -44.82 -18.29 -9.39
N SER J 21 -45.36 -17.78 -10.49
CA SER J 21 -46.62 -18.28 -11.09
C SER J 21 -46.31 -19.14 -12.31
N ASP J 22 -47.32 -19.90 -12.72
CA ASP J 22 -47.33 -20.85 -13.86
C ASP J 22 -47.43 -20.04 -15.14
N HIS J 23 -48.23 -18.99 -15.10
CA HIS J 23 -48.39 -18.02 -16.22
C HIS J 23 -47.87 -16.65 -15.78
N ILE J 24 -47.43 -15.88 -16.76
CA ILE J 24 -46.83 -14.53 -16.57
C ILE J 24 -47.67 -13.53 -17.33
N GLU J 25 -47.93 -12.38 -16.73
CA GLU J 25 -48.70 -11.29 -17.37
C GLU J 25 -47.87 -10.68 -18.51
N MET J 26 -48.57 -10.23 -19.56
CA MET J 26 -47.88 -9.84 -20.79
C MET J 26 -46.91 -8.71 -20.46
N TYR J 27 -47.26 -7.74 -19.62
CA TYR J 27 -46.31 -6.61 -19.37
C TYR J 27 -45.01 -7.14 -18.76
N LYS J 28 -45.11 -8.17 -17.93
CA LYS J 28 -43.95 -8.79 -17.27
C LYS J 28 -43.16 -9.54 -18.34
N PHE J 29 -43.85 -10.22 -19.24
CA PHE J 29 -43.14 -10.98 -20.29
C PHE J 29 -42.27 -10.02 -21.10
N PHE J 30 -42.80 -8.86 -21.46
CA PHE J 30 -41.99 -7.82 -22.17
C PHE J 30 -40.78 -7.42 -21.31
N GLU J 31 -40.95 -7.20 -20.00
CA GLU J 31 -39.78 -6.85 -19.15
C GLU J 31 -38.81 -8.04 -19.12
N LEU J 32 -39.33 -9.26 -18.96
CA LEU J 32 -38.48 -10.47 -18.92
C LEU J 32 -37.64 -10.56 -20.20
N MET J 33 -38.24 -10.42 -21.38
CA MET J 33 -37.42 -10.59 -22.59
C MET J 33 -36.51 -9.36 -22.73
N ASN J 34 -36.99 -8.16 -22.38
CA ASN J 34 -36.15 -6.93 -22.50
C ASN J 34 -34.89 -7.09 -21.63
N SER J 35 -34.99 -7.75 -20.47
CA SER J 35 -33.90 -7.93 -19.48
C SER J 35 -32.76 -8.74 -20.09
N PHE J 36 -33.06 -9.62 -21.07
CA PHE J 36 -32.05 -10.43 -21.81
C PHE J 36 -31.75 -9.84 -23.19
N GLY J 37 -32.13 -8.60 -23.45
CA GLY J 37 -31.67 -7.90 -24.67
C GLY J 37 -32.61 -8.10 -25.85
N ILE J 38 -33.69 -8.84 -25.66
CA ILE J 38 -34.66 -9.23 -26.71
C ILE J 38 -35.70 -8.13 -26.90
N ILE J 39 -35.81 -7.68 -28.15
CA ILE J 39 -36.91 -6.78 -28.58
C ILE J 39 -37.56 -7.41 -29.80
N LEU J 40 -38.88 -7.49 -29.85
CA LEU J 40 -39.57 -8.03 -31.02
C LEU J 40 -40.12 -6.89 -31.87
N THR J 41 -40.35 -7.22 -33.14
CA THR J 41 -41.18 -6.42 -34.07
C THR J 41 -42.65 -6.55 -33.64
N ASN J 42 -43.46 -5.56 -33.99
CA ASN J 42 -44.92 -5.59 -33.70
C ASN J 42 -45.52 -6.86 -34.32
N ASP J 43 -45.05 -7.31 -35.49
CA ASP J 43 -45.62 -8.50 -36.16
C ASP J 43 -45.28 -9.74 -35.36
N GLU J 44 -44.05 -9.84 -34.86
CA GLU J 44 -43.67 -10.98 -33.99
C GLU J 44 -44.52 -10.98 -32.72
N LYS J 45 -44.88 -9.80 -32.22
CA LYS J 45 -45.65 -9.67 -30.97
C LYS J 45 -47.08 -10.14 -31.20
N ALA J 46 -47.60 -9.85 -32.38
CA ALA J 46 -48.97 -10.24 -32.79
C ALA J 46 -49.15 -11.74 -32.62
N ALA J 47 -48.07 -12.52 -32.85
CA ALA J 47 -48.11 -14.00 -32.87
C ALA J 47 -47.95 -14.59 -31.47
N LEU J 48 -47.50 -13.81 -30.50
CA LEU J 48 -47.35 -14.31 -29.12
C LEU J 48 -48.71 -14.80 -28.68
N PRO J 49 -48.73 -15.90 -27.91
CA PRO J 49 -49.94 -16.26 -27.18
C PRO J 49 -50.10 -15.27 -26.01
N ASN J 50 -51.34 -14.98 -25.60
CA ASN J 50 -51.65 -14.29 -24.32
C ASN J 50 -51.36 -15.20 -23.11
N ASP J 51 -51.52 -16.54 -23.23
CA ASP J 51 -51.12 -17.48 -22.15
C ASP J 51 -49.68 -17.97 -22.37
N ILE J 52 -48.77 -17.63 -21.43
CA ILE J 52 -47.30 -17.83 -21.55
C ILE J 52 -46.75 -18.52 -20.29
N ASN J 53 -46.13 -19.65 -20.48
CA ASN J 53 -45.67 -20.52 -19.38
C ASN J 53 -44.16 -20.66 -19.53
N MET J 54 -43.55 -21.26 -18.52
CA MET J 54 -42.12 -21.50 -18.51
C MET J 54 -41.70 -22.10 -19.85
N ASP J 55 -42.33 -23.17 -20.36
CA ASP J 55 -41.79 -23.85 -21.58
C ASP J 55 -41.85 -22.91 -22.77
N TYR J 56 -42.92 -22.13 -22.93
CA TYR J 56 -43.00 -21.18 -24.06
C TYR J 56 -41.77 -20.25 -23.99
N TRP J 57 -41.53 -19.68 -22.80
CA TRP J 57 -40.43 -18.74 -22.53
C TRP J 57 -39.09 -19.39 -22.84
N LEU J 58 -38.87 -20.65 -22.42
CA LEU J 58 -37.53 -21.25 -22.64
C LEU J 58 -37.26 -21.44 -24.12
N ASN J 59 -38.26 -21.86 -24.90
CA ASN J 59 -38.07 -22.02 -26.37
C ASN J 59 -37.86 -20.64 -26.99
N PHE J 60 -38.65 -19.65 -26.60
CA PHE J 60 -38.60 -18.28 -27.17
C PHE J 60 -37.22 -17.66 -26.89
N ALA J 61 -36.77 -17.75 -25.63
CA ALA J 61 -35.47 -17.17 -25.23
C ALA J 61 -34.35 -17.86 -26.02
N LYS J 62 -34.37 -19.19 -26.10
CA LYS J 62 -33.36 -19.99 -26.85
C LYS J 62 -33.29 -19.47 -28.29
N LYS J 63 -34.42 -19.15 -28.91
CA LYS J 63 -34.46 -18.67 -30.33
C LYS J 63 -33.95 -17.22 -30.45
N HIS J 64 -34.35 -16.31 -29.57
CA HIS J 64 -34.22 -14.84 -29.77
C HIS J 64 -33.04 -14.25 -28.98
N TYR J 65 -32.49 -14.94 -28.02
CA TYR J 65 -31.32 -14.39 -27.30
C TYR J 65 -30.21 -14.28 -28.34
N ASN J 66 -29.44 -13.20 -28.29
CA ASN J 66 -28.34 -12.97 -29.25
C ASN J 66 -27.04 -13.43 -28.61
N TYR J 67 -26.64 -14.69 -28.87
CA TYR J 67 -25.52 -15.35 -28.17
C TYR J 67 -24.21 -14.53 -28.33
N GLU J 68 -23.89 -14.01 -29.50
CA GLU J 68 -22.61 -13.31 -29.77
C GLU J 68 -22.60 -11.93 -29.11
N GLN J 69 -23.68 -11.16 -29.12
CA GLN J 69 -23.73 -9.80 -28.51
C GLN J 69 -25.10 -9.61 -27.87
N PRO J 70 -25.36 -10.14 -26.66
CA PRO J 70 -26.69 -10.07 -26.05
C PRO J 70 -27.30 -8.66 -26.01
N PHE J 71 -26.50 -7.65 -25.72
CA PHE J 71 -27.04 -6.27 -25.61
C PHE J 71 -26.74 -5.50 -26.90
N LYS J 72 -26.95 -6.13 -28.04
CA LYS J 72 -26.77 -5.46 -29.37
C LYS J 72 -27.61 -4.20 -29.40
N HIS J 73 -28.84 -4.23 -28.88
CA HIS J 73 -29.77 -3.08 -28.91
C HIS J 73 -29.28 -1.88 -28.09
N ILE J 74 -28.26 -2.04 -27.25
CA ILE J 74 -27.59 -0.88 -26.61
C ILE J 74 -26.52 -0.31 -27.55
N ASN J 75 -25.73 -1.17 -28.18
CA ASN J 75 -24.64 -0.78 -29.11
C ASN J 75 -25.21 -0.37 -30.48
N ASN J 76 -26.51 -0.52 -30.72
CA ASN J 76 -27.12 -0.17 -32.03
C ASN J 76 -27.41 1.33 -32.05
N VAL J 77 -27.40 1.95 -30.87
CA VAL J 77 -27.55 3.43 -30.75
C VAL J 77 -26.22 4.07 -31.16
N ASN J 78 -25.13 3.29 -31.20
CA ASN J 78 -23.83 3.80 -31.71
C ASN J 78 -23.98 4.22 -33.18
N GLU J 79 -24.70 3.43 -33.99
CA GLU J 79 -25.02 3.84 -35.38
C GLU J 79 -25.85 5.12 -35.35
N GLN J 80 -26.79 5.22 -34.40
CA GLN J 80 -27.69 6.40 -34.27
C GLN J 80 -26.92 7.64 -33.74
N ASN J 81 -26.04 7.50 -32.74
CA ASN J 81 -25.37 8.67 -32.09
C ASN J 81 -23.93 8.38 -31.65
N THR J 82 -23.47 7.12 -31.77
CA THR J 82 -22.09 6.66 -31.45
C THR J 82 -21.94 6.55 -29.93
N ASN J 83 -20.99 5.74 -29.47
CA ASN J 83 -20.65 5.62 -28.03
C ASN J 83 -19.56 6.65 -27.74
N VAL J 84 -19.94 7.72 -27.03
CA VAL J 84 -18.98 8.81 -26.65
C VAL J 84 -18.85 8.77 -25.12
N GLN J 85 -17.84 9.46 -24.58
CA GLN J 85 -17.70 9.58 -23.11
C GLN J 85 -18.82 10.51 -22.63
N ILE J 86 -20.07 10.06 -22.70
CA ILE J 86 -21.27 10.85 -22.28
C ILE J 86 -21.01 11.26 -20.82
N LYS J 87 -21.34 12.51 -20.44
CA LYS J 87 -21.22 12.99 -19.04
C LYS J 87 -22.31 12.31 -18.21
N ILE J 88 -21.98 11.82 -17.00
CA ILE J 88 -22.89 11.02 -16.12
C ILE J 88 -24.29 11.69 -16.09
N ASP J 89 -24.37 13.00 -15.83
CA ASP J 89 -25.66 13.76 -15.72
C ASP J 89 -26.44 13.76 -17.04
N ASN J 90 -25.76 13.83 -18.19
CA ASN J 90 -26.38 13.84 -19.53
C ASN J 90 -26.98 12.45 -19.83
N PHE J 91 -26.43 11.41 -19.20
CA PHE J 91 -26.89 10.01 -19.34
C PHE J 91 -28.12 9.78 -18.44
N LEU J 92 -28.18 10.44 -17.28
CA LEU J 92 -29.33 10.42 -16.31
C LEU J 92 -30.50 11.23 -16.89
N GLY J 93 -30.20 12.24 -17.72
CA GLY J 93 -31.16 13.13 -18.38
C GLY J 93 -31.77 12.50 -19.63
N ILE J 94 -31.05 11.54 -20.24
CA ILE J 94 -31.54 10.72 -21.39
C ILE J 94 -32.50 9.65 -20.86
N MET J 95 -32.24 9.12 -19.66
CA MET J 95 -33.01 8.03 -18.98
C MET J 95 -34.31 8.62 -18.41
N LYS J 96 -34.20 9.71 -17.65
CA LYS J 96 -35.35 10.42 -17.04
C LYS J 96 -36.19 11.11 -18.13
N ALA J 97 -35.66 11.32 -19.35
CA ALA J 97 -36.33 12.00 -20.49
C ALA J 97 -37.30 11.03 -21.20
N LEU J 98 -36.79 9.88 -21.67
CA LEU J 98 -37.69 8.77 -22.11
C LEU J 98 -38.39 8.24 -20.85
N ASP J 99 -39.68 7.91 -20.89
CA ASP J 99 -40.37 7.47 -19.64
C ASP J 99 -39.64 6.24 -19.12
N THR J 100 -39.15 6.29 -17.86
CA THR J 100 -38.37 5.20 -17.24
C THR J 100 -39.09 4.71 -15.99
N ARG J 101 -39.22 3.40 -15.84
CA ARG J 101 -39.72 2.77 -14.58
C ARG J 101 -38.68 2.99 -13.47
N LEU J 102 -37.39 3.11 -13.86
CA LEU J 102 -36.24 3.22 -12.92
C LEU J 102 -36.29 4.52 -12.12
N THR J 103 -36.01 4.42 -10.83
CA THR J 103 -35.88 5.59 -9.91
C THR J 103 -34.42 6.06 -9.92
N GLU J 104 -34.08 6.99 -9.01
CA GLU J 104 -32.69 7.52 -8.85
C GLU J 104 -31.88 6.57 -7.94
N SER J 105 -32.54 5.85 -7.02
CA SER J 105 -31.92 4.76 -6.21
C SER J 105 -31.63 3.55 -7.11
N ASP J 106 -32.45 3.34 -8.16
CA ASP J 106 -32.27 2.31 -9.22
C ASP J 106 -31.18 2.75 -10.20
N LEU J 107 -31.09 4.06 -10.47
CA LEU J 107 -30.01 4.67 -11.30
C LEU J 107 -28.64 4.57 -10.59
N ASN J 108 -28.62 4.53 -9.26
CA ASN J 108 -27.38 4.22 -8.48
C ASN J 108 -26.92 2.81 -8.88
N ILE J 109 -27.86 1.84 -8.85
CA ILE J 109 -27.60 0.39 -9.09
C ILE J 109 -26.98 0.22 -10.49
N LEU J 110 -27.51 0.97 -11.46
CA LEU J 110 -26.99 1.03 -12.86
C LEU J 110 -25.54 1.49 -12.83
N LEU J 111 -25.32 2.71 -12.31
CA LEU J 111 -24.00 3.35 -12.07
C LEU J 111 -23.05 2.37 -11.36
N GLN J 112 -23.52 1.64 -10.33
CA GLN J 112 -22.73 0.67 -9.51
C GLN J 112 -22.27 -0.56 -10.32
N ILE J 113 -23.00 -1.00 -11.36
CA ILE J 113 -22.63 -2.21 -12.17
C ILE J 113 -21.63 -1.83 -13.28
N THR J 114 -21.79 -0.60 -13.78
CA THR J 114 -21.19 -0.05 -15.03
C THR J 114 -19.79 0.51 -14.77
N ASN J 115 -19.64 1.31 -13.69
CA ASN J 115 -18.41 2.08 -13.33
C ASN J 115 -17.19 1.14 -13.44
N PRO J 116 -17.16 -0.06 -12.79
CA PRO J 116 -17.73 -0.31 -11.47
C PRO J 116 -17.03 0.56 -10.41
N GLU J 117 -15.71 0.64 -10.49
CA GLU J 117 -14.83 1.37 -9.54
C GLU J 117 -14.29 2.66 -10.19
N ASN J 118 -14.30 2.77 -11.52
CA ASN J 118 -13.61 3.88 -12.22
C ASN J 118 -14.17 5.21 -11.72
N LYS J 119 -15.50 5.34 -11.54
CA LYS J 119 -16.16 6.62 -11.21
C LYS J 119 -15.77 7.69 -12.24
N SER J 120 -15.66 7.29 -13.53
CA SER J 120 -15.25 8.15 -14.67
C SER J 120 -16.33 8.12 -15.76
N THR J 121 -16.31 9.06 -16.70
CA THR J 121 -17.31 9.12 -17.81
C THR J 121 -17.25 7.81 -18.58
N LEU J 122 -18.39 7.27 -19.01
CA LEU J 122 -18.46 5.91 -19.60
C LEU J 122 -19.16 5.95 -20.96
N ASN J 123 -18.68 5.13 -21.90
CA ASN J 123 -19.31 4.96 -23.23
C ASN J 123 -20.45 3.94 -23.09
N LEU J 124 -21.38 3.90 -24.05
CA LEU J 124 -22.50 2.93 -24.04
C LEU J 124 -21.95 1.52 -24.15
N LYS J 125 -20.86 1.33 -24.90
CA LYS J 125 -20.28 -0.02 -25.12
C LYS J 125 -19.81 -0.62 -23.80
N THR J 126 -19.31 0.20 -22.87
CA THR J 126 -18.85 -0.28 -21.55
C THR J 126 -20.07 -0.75 -20.73
N VAL J 127 -21.19 -0.02 -20.76
CA VAL J 127 -22.41 -0.46 -20.01
C VAL J 127 -22.96 -1.75 -20.63
N SER J 128 -22.95 -1.90 -21.95
CA SER J 128 -23.37 -3.17 -22.59
C SER J 128 -22.37 -4.28 -22.20
N GLN J 129 -21.16 -3.91 -21.81
CA GLN J 129 -20.14 -4.90 -21.35
C GLN J 129 -20.48 -5.26 -19.90
N LYS J 130 -20.67 -4.27 -19.05
CA LYS J 130 -20.84 -4.54 -17.59
C LYS J 130 -22.13 -5.34 -17.35
N LEU J 131 -23.16 -5.13 -18.15
CA LEU J 131 -24.48 -5.78 -17.97
C LEU J 131 -24.43 -7.23 -18.45
N THR J 132 -23.70 -7.51 -19.52
CA THR J 132 -23.47 -8.90 -20.04
C THR J 132 -22.72 -9.71 -18.99
N GLU J 133 -21.72 -9.07 -18.34
CA GLU J 133 -20.92 -9.69 -17.25
C GLU J 133 -21.88 -10.12 -16.13
N SER J 134 -22.73 -9.21 -15.66
CA SER J 134 -23.62 -9.45 -14.49
C SER J 134 -24.87 -10.26 -14.86
N ILE J 135 -24.98 -10.83 -16.07
CA ILE J 135 -25.95 -11.92 -16.39
C ILE J 135 -25.44 -13.20 -15.71
N VAL K 5 -15.95 -25.29 20.54
CA VAL K 5 -16.00 -26.07 21.82
C VAL K 5 -17.45 -26.17 22.34
N ALA K 6 -18.30 -25.17 22.03
CA ALA K 6 -19.74 -25.15 22.36
C ALA K 6 -20.53 -26.02 21.38
N ASP K 7 -20.07 -26.16 20.11
CA ASP K 7 -20.67 -27.04 19.06
C ASP K 7 -20.23 -28.51 19.27
N ILE K 8 -19.07 -28.77 19.92
CA ILE K 8 -18.56 -30.14 20.31
C ILE K 8 -19.28 -30.62 21.60
N GLN K 9 -19.72 -29.72 22.50
CA GLN K 9 -20.56 -30.04 23.70
C GLN K 9 -22.03 -30.25 23.30
N GLN K 10 -22.49 -29.70 22.15
CA GLN K 10 -23.89 -29.85 21.62
C GLN K 10 -24.02 -31.12 20.77
N LEU K 11 -22.92 -31.51 20.11
CA LEU K 11 -22.81 -32.79 19.37
C LEU K 11 -22.92 -33.94 20.38
N GLU K 12 -21.99 -33.96 21.35
CA GLU K 12 -21.88 -35.00 22.41
C GLU K 12 -23.25 -35.22 23.07
N GLU K 13 -24.03 -34.15 23.29
CA GLU K 13 -25.32 -34.18 24.03
C GLU K 13 -26.48 -34.71 23.16
N LYS K 14 -26.45 -34.52 21.82
CA LYS K 14 -27.59 -34.84 20.89
C LYS K 14 -27.46 -36.27 20.32
N VAL K 15 -26.38 -36.55 19.57
CA VAL K 15 -26.18 -37.81 18.80
C VAL K 15 -25.55 -38.89 19.69
N ASP K 16 -25.78 -40.16 19.32
CA ASP K 16 -25.39 -41.40 20.06
C ASP K 16 -23.97 -41.80 19.66
N GLU K 17 -22.98 -41.60 20.53
CA GLU K 17 -21.53 -41.67 20.18
C GLU K 17 -21.04 -43.11 19.97
N SER K 18 -21.94 -44.10 19.90
CA SER K 18 -21.62 -45.42 19.30
C SER K 18 -21.95 -45.34 17.81
N ASP K 19 -23.21 -45.02 17.46
CA ASP K 19 -23.70 -44.85 16.05
C ASP K 19 -22.76 -43.96 15.22
N VAL K 20 -22.08 -42.97 15.85
CA VAL K 20 -21.02 -42.14 15.22
C VAL K 20 -19.86 -43.04 14.81
N ARG K 21 -19.33 -43.81 15.75
CA ARG K 21 -18.17 -44.73 15.58
C ARG K 21 -18.60 -45.87 14.62
N ILE K 22 -19.85 -46.35 14.75
CA ILE K 22 -20.35 -47.50 13.95
C ILE K 22 -20.41 -47.06 12.50
N TYR K 23 -21.18 -45.98 12.23
CA TYR K 23 -21.38 -45.40 10.87
C TYR K 23 -20.05 -45.03 10.21
N PHE K 24 -19.06 -44.57 10.98
CA PHE K 24 -17.73 -44.25 10.38
C PHE K 24 -17.14 -45.55 9.83
N ASN K 25 -17.31 -46.59 10.61
CA ASN K 25 -16.72 -47.93 10.32
C ASN K 25 -17.49 -48.60 9.19
N GLU K 26 -18.80 -48.33 9.04
CA GLU K 26 -19.60 -48.77 7.88
C GLU K 26 -19.10 -48.15 6.56
N LYS K 27 -18.22 -47.13 6.57
CA LYS K 27 -17.76 -46.44 5.32
C LYS K 27 -16.27 -46.09 5.38
N SER K 28 -15.57 -46.41 6.46
CA SER K 28 -14.10 -46.15 6.58
C SER K 28 -13.41 -46.82 5.41
N SER K 29 -12.28 -46.28 4.99
CA SER K 29 -11.43 -46.94 3.98
C SER K 29 -10.03 -46.34 4.10
N GLY K 30 -9.06 -47.13 4.52
CA GLY K 30 -7.72 -46.62 4.87
C GLY K 30 -7.75 -45.83 6.16
N GLY K 31 -8.73 -46.09 7.03
CA GLY K 31 -8.96 -45.31 8.26
C GLY K 31 -9.62 -43.96 7.97
N LYS K 32 -9.86 -43.66 6.69
CA LYS K 32 -10.39 -42.33 6.24
C LYS K 32 -11.79 -42.50 5.65
N ILE K 33 -12.61 -41.46 5.79
CA ILE K 33 -13.97 -41.37 5.19
C ILE K 33 -14.02 -40.17 4.23
N SER K 34 -14.59 -40.37 3.06
CA SER K 34 -14.80 -39.31 2.03
C SER K 34 -15.84 -38.33 2.57
N ILE K 35 -15.77 -37.08 2.12
CA ILE K 35 -16.78 -36.04 2.45
C ILE K 35 -18.18 -36.56 2.14
N ASP K 36 -18.41 -37.16 0.96
CA ASP K 36 -19.82 -37.53 0.62
C ASP K 36 -20.34 -38.55 1.66
N ASN K 37 -19.47 -39.45 2.14
CA ASN K 37 -19.80 -40.52 3.13
C ASN K 37 -20.01 -39.95 4.53
N ALA K 38 -19.19 -38.98 4.94
CA ALA K 38 -19.41 -38.18 6.18
C ALA K 38 -20.73 -37.41 6.12
N SER K 39 -21.11 -36.84 5.00
CA SER K 39 -22.43 -36.16 4.91
C SER K 39 -23.53 -37.19 5.06
N TYR K 40 -23.38 -38.34 4.41
CA TYR K 40 -24.38 -39.43 4.48
C TYR K 40 -24.52 -39.84 5.97
N ASN K 41 -23.40 -39.96 6.68
CA ASN K 41 -23.44 -40.38 8.10
C ASN K 41 -24.11 -39.31 8.97
N ALA K 42 -23.71 -38.05 8.77
CA ALA K 42 -24.29 -36.89 9.47
C ALA K 42 -25.80 -36.90 9.29
N ARG K 43 -26.27 -37.20 8.10
CA ARG K 43 -27.74 -37.22 7.85
C ARG K 43 -28.38 -38.37 8.63
N LYS K 44 -27.70 -39.52 8.71
CA LYS K 44 -28.23 -40.73 9.42
C LYS K 44 -28.29 -40.40 10.92
N LEU K 45 -27.38 -39.55 11.42
CA LEU K 45 -27.35 -39.07 12.82
C LEU K 45 -28.42 -38.00 13.11
N GLY K 46 -29.19 -37.50 12.14
CA GLY K 46 -30.17 -36.41 12.37
C GLY K 46 -29.60 -35.01 12.10
N LEU K 47 -28.34 -34.90 11.70
CA LEU K 47 -27.72 -33.61 11.26
C LEU K 47 -28.01 -33.33 9.79
N ALA K 48 -27.63 -32.12 9.38
CA ALA K 48 -28.10 -31.48 8.13
C ALA K 48 -26.98 -30.62 7.58
N PRO K 49 -25.92 -31.21 7.02
CA PRO K 49 -24.89 -30.44 6.33
C PRO K 49 -25.41 -29.83 5.02
N SER K 50 -24.83 -28.70 4.62
CA SER K 50 -25.04 -28.01 3.32
C SER K 50 -23.70 -28.06 2.60
N SER K 51 -23.64 -27.58 1.35
CA SER K 51 -22.39 -27.39 0.56
C SER K 51 -21.39 -26.46 1.26
N ILE K 52 -21.86 -25.53 2.10
CA ILE K 52 -20.94 -24.61 2.83
C ILE K 52 -20.12 -25.50 3.77
N ASP K 53 -20.82 -26.34 4.55
CA ASP K 53 -20.25 -27.24 5.58
C ASP K 53 -19.21 -28.14 4.88
N GLU K 54 -19.58 -28.71 3.72
CA GLU K 54 -18.69 -29.59 2.94
C GLU K 54 -17.46 -28.79 2.46
N LYS K 55 -17.63 -27.52 2.05
CA LYS K 55 -16.50 -26.69 1.52
C LYS K 55 -15.59 -26.29 2.69
N LYS K 56 -16.13 -25.87 3.83
CA LYS K 56 -15.27 -25.56 5.01
C LYS K 56 -14.39 -26.78 5.31
N ILE K 57 -14.96 -27.96 5.56
CA ILE K 57 -14.13 -29.15 5.94
C ILE K 57 -13.18 -29.51 4.79
N LYS K 58 -13.50 -29.24 3.53
CA LYS K 58 -12.59 -29.58 2.40
C LYS K 58 -11.40 -28.62 2.36
N GLU K 59 -11.57 -27.35 2.76
CA GLU K 59 -10.47 -26.34 2.81
C GLU K 59 -9.43 -26.81 3.83
N LEU K 60 -9.89 -27.16 5.03
CA LEU K 60 -9.07 -27.62 6.20
C LEU K 60 -8.28 -28.90 5.87
N TYR K 61 -8.94 -29.95 5.36
CA TYR K 61 -8.42 -31.35 5.41
C TYR K 61 -8.44 -32.11 4.08
N GLY K 62 -9.04 -31.58 3.00
CA GLY K 62 -9.03 -32.30 1.70
C GLY K 62 -10.23 -33.21 1.56
N ASP K 63 -10.21 -34.15 0.60
CA ASP K 63 -11.40 -35.01 0.27
C ASP K 63 -11.66 -36.11 1.31
N ASN K 64 -10.62 -36.58 2.01
CA ASN K 64 -10.68 -37.81 2.84
C ASN K 64 -10.36 -37.40 4.27
N LEU K 65 -11.28 -37.62 5.20
CA LEU K 65 -11.15 -37.21 6.62
C LEU K 65 -10.68 -38.39 7.48
N THR K 66 -9.82 -38.14 8.48
CA THR K 66 -9.51 -39.04 9.63
C THR K 66 -10.70 -39.08 10.58
N TYR K 67 -10.72 -40.03 11.52
CA TYR K 67 -11.83 -40.17 12.47
C TYR K 67 -12.03 -38.86 13.24
N GLU K 68 -10.94 -38.17 13.55
CA GLU K 68 -10.97 -36.93 14.38
C GLU K 68 -11.53 -35.79 13.52
N GLN K 69 -10.94 -35.59 12.35
CA GLN K 69 -11.43 -34.66 11.30
C GLN K 69 -12.94 -34.88 11.12
N TYR K 70 -13.37 -36.16 11.10
CA TYR K 70 -14.78 -36.61 10.87
C TYR K 70 -15.65 -36.12 12.01
N LEU K 71 -15.07 -36.07 13.21
CA LEU K 71 -15.77 -35.65 14.45
C LEU K 71 -15.98 -34.14 14.39
N GLU K 72 -14.94 -33.42 13.96
CA GLU K 72 -14.99 -31.95 13.76
C GLU K 72 -16.09 -31.64 12.73
N TYR K 73 -16.03 -32.33 11.58
CA TYR K 73 -16.99 -32.10 10.47
C TYR K 73 -18.40 -32.28 11.02
N LEU K 74 -18.57 -33.21 11.96
CA LEU K 74 -19.91 -33.45 12.53
C LEU K 74 -20.32 -32.28 13.43
N SER K 75 -19.38 -31.62 14.12
CA SER K 75 -19.72 -30.52 15.06
C SER K 75 -20.23 -29.31 14.25
N ILE K 76 -19.55 -29.03 13.15
CA ILE K 76 -19.88 -27.85 12.31
C ILE K 76 -21.23 -28.09 11.61
N CYS K 77 -21.80 -29.30 11.66
CA CYS K 77 -23.12 -29.61 11.03
C CYS K 77 -24.26 -29.55 12.04
N VAL K 78 -24.06 -29.06 13.26
CA VAL K 78 -25.14 -29.08 14.29
C VAL K 78 -26.24 -28.09 13.88
N HIS K 79 -25.85 -26.87 13.53
CA HIS K 79 -26.78 -25.79 13.11
C HIS K 79 -27.89 -25.69 14.16
N ASP K 80 -27.56 -25.31 15.40
CA ASP K 80 -28.51 -25.29 16.55
C ASP K 80 -29.57 -24.20 16.34
N LYS K 81 -29.24 -23.14 15.59
CA LYS K 81 -30.05 -21.92 15.39
C LYS K 81 -31.17 -22.13 14.35
N ASP K 82 -31.25 -23.29 13.71
CA ASP K 82 -32.35 -23.59 12.73
C ASP K 82 -33.66 -23.71 13.50
N ASN K 83 -34.70 -22.98 13.08
CA ASN K 83 -36.12 -23.11 13.51
C ASN K 83 -36.98 -22.89 12.25
N VAL K 84 -38.31 -22.82 12.33
CA VAL K 84 -39.16 -22.50 11.15
C VAL K 84 -38.96 -21.04 10.73
N GLU K 85 -38.72 -20.09 11.64
CA GLU K 85 -38.61 -18.65 11.21
C GLU K 85 -37.45 -18.59 10.21
N GLU K 86 -36.36 -19.29 10.47
CA GLU K 86 -35.12 -19.20 9.65
C GLU K 86 -35.26 -20.00 8.35
N LEU K 87 -36.12 -21.03 8.27
CA LEU K 87 -36.25 -21.87 7.05
C LEU K 87 -37.24 -21.26 6.05
N ILE K 88 -38.23 -20.52 6.49
CA ILE K 88 -39.33 -20.11 5.55
C ILE K 88 -38.96 -18.83 4.79
N LYS K 89 -37.73 -18.33 4.90
CA LYS K 89 -37.42 -16.97 4.38
C LYS K 89 -37.73 -16.96 2.86
N MET K 90 -37.36 -18.00 2.09
CA MET K 90 -37.55 -17.97 0.61
C MET K 90 -39.01 -18.18 0.24
N PHE K 91 -39.78 -18.95 1.01
CA PHE K 91 -41.21 -19.20 0.70
C PHE K 91 -42.02 -17.94 1.01
N ALA K 92 -41.64 -17.24 2.06
CA ALA K 92 -42.36 -16.02 2.48
C ALA K 92 -42.26 -14.98 1.36
N HIS K 93 -41.12 -14.98 0.69
CA HIS K 93 -40.78 -14.09 -0.45
C HIS K 93 -41.80 -14.23 -1.59
N PHE K 94 -42.32 -15.44 -1.84
CA PHE K 94 -43.11 -15.78 -3.05
C PHE K 94 -44.58 -16.03 -2.73
N ASP K 95 -45.03 -15.71 -1.53
CA ASP K 95 -46.43 -15.95 -1.09
C ASP K 95 -47.22 -14.65 -1.30
N ASN K 96 -47.65 -14.42 -2.53
CA ASN K 96 -48.12 -13.10 -3.03
C ASN K 96 -49.39 -12.65 -2.32
N ASN K 97 -50.19 -13.61 -1.83
CA ASN K 97 -51.57 -13.44 -1.27
C ASN K 97 -51.56 -13.50 0.25
N CYS K 98 -50.40 -13.73 0.86
CA CYS K 98 -50.21 -13.76 2.34
C CYS K 98 -51.13 -14.81 2.98
N THR K 99 -51.31 -15.95 2.31
CA THR K 99 -52.19 -17.09 2.70
C THR K 99 -51.49 -18.12 3.60
N GLY K 100 -50.16 -18.26 3.53
CA GLY K 100 -49.36 -19.26 4.26
C GLY K 100 -49.15 -20.54 3.47
N TYR K 101 -49.65 -20.56 2.24
CA TYR K 101 -49.70 -21.71 1.29
C TYR K 101 -49.03 -21.36 -0.05
N LEU K 102 -48.31 -22.34 -0.58
CA LEU K 102 -47.77 -22.35 -1.98
C LEU K 102 -48.12 -23.69 -2.63
N THR K 103 -48.24 -23.72 -3.95
CA THR K 103 -48.57 -24.99 -4.66
C THR K 103 -47.34 -25.87 -4.70
N LYS K 104 -47.49 -27.14 -5.05
CA LYS K 104 -46.33 -28.05 -5.16
C LYS K 104 -45.41 -27.55 -6.29
N SER K 105 -45.95 -27.01 -7.38
CA SER K 105 -45.08 -26.54 -8.49
C SER K 105 -44.24 -25.33 -8.03
N GLN K 106 -44.86 -24.42 -7.27
CA GLN K 106 -44.14 -23.26 -6.66
C GLN K 106 -43.01 -23.78 -5.78
N MET K 107 -43.28 -24.73 -4.91
CA MET K 107 -42.22 -25.22 -4.01
C MET K 107 -41.13 -25.95 -4.78
N LYS K 108 -41.51 -26.76 -5.77
CA LYS K 108 -40.54 -27.49 -6.62
C LYS K 108 -39.61 -26.47 -7.30
N ASN K 109 -40.18 -25.42 -7.89
CA ASN K 109 -39.42 -24.40 -8.65
C ASN K 109 -38.36 -23.77 -7.76
N ILE K 110 -38.78 -23.35 -6.56
CA ILE K 110 -37.88 -22.73 -5.57
C ILE K 110 -36.78 -23.73 -5.23
N LEU K 111 -37.12 -24.92 -4.73
CA LEU K 111 -36.13 -25.92 -4.22
C LEU K 111 -35.19 -26.41 -5.33
N THR K 112 -35.53 -26.25 -6.61
CA THR K 112 -34.70 -26.79 -7.71
C THR K 112 -33.91 -25.69 -8.42
N THR K 113 -34.17 -24.42 -8.14
CA THR K 113 -33.57 -23.29 -8.86
C THR K 113 -32.36 -22.73 -8.11
N TRP K 114 -32.43 -22.64 -6.79
CA TRP K 114 -31.43 -21.88 -6.00
C TRP K 114 -30.71 -22.78 -4.98
N GLY K 115 -29.51 -22.32 -4.62
CA GLY K 115 -28.66 -22.94 -3.60
C GLY K 115 -28.26 -24.34 -4.01
N ASP K 116 -28.25 -25.27 -3.05
CA ASP K 116 -27.99 -26.73 -3.20
C ASP K 116 -29.21 -27.33 -3.88
N ALA K 117 -29.37 -27.15 -5.20
CA ALA K 117 -30.63 -27.49 -5.88
C ALA K 117 -30.85 -29.01 -5.77
N LEU K 118 -32.06 -29.36 -5.36
CA LEU K 118 -32.66 -30.70 -5.53
C LEU K 118 -32.94 -30.92 -7.01
N THR K 119 -32.98 -32.19 -7.43
CA THR K 119 -33.52 -32.62 -8.74
C THR K 119 -35.04 -32.55 -8.72
N ASP K 120 -35.66 -32.47 -9.90
CA ASP K 120 -37.14 -32.43 -10.05
C ASP K 120 -37.73 -33.61 -9.27
N GLN K 121 -37.12 -34.79 -9.36
CA GLN K 121 -37.59 -36.00 -8.63
C GLN K 121 -37.45 -35.78 -7.12
N GLU K 122 -36.24 -35.47 -6.62
CA GLU K 122 -35.94 -35.45 -5.15
C GLU K 122 -36.95 -34.52 -4.46
N ALA K 123 -37.35 -33.47 -5.19
CA ALA K 123 -38.20 -32.38 -4.69
C ALA K 123 -39.64 -32.85 -4.70
N ILE K 124 -40.11 -33.38 -5.83
CA ILE K 124 -41.51 -33.87 -5.96
C ILE K 124 -41.70 -35.03 -4.96
N ASP K 125 -40.65 -35.78 -4.66
CA ASP K 125 -40.66 -36.88 -3.65
C ASP K 125 -40.90 -36.29 -2.26
N ALA K 126 -40.01 -35.41 -1.81
CA ALA K 126 -40.02 -34.72 -0.49
C ALA K 126 -41.36 -34.00 -0.26
N LEU K 127 -41.93 -33.40 -1.30
CA LEU K 127 -43.23 -32.70 -1.24
C LEU K 127 -44.38 -33.69 -1.06
N ASN K 128 -44.45 -34.78 -1.84
CA ASN K 128 -45.53 -35.82 -1.78
C ASN K 128 -45.49 -36.53 -0.40
N ALA K 129 -44.30 -36.93 0.05
CA ALA K 129 -44.02 -37.43 1.42
C ALA K 129 -44.70 -36.58 2.49
N PHE K 130 -44.82 -35.27 2.29
CA PHE K 130 -45.43 -34.36 3.30
C PHE K 130 -46.96 -34.36 3.12
N SER K 131 -47.49 -34.29 1.90
CA SER K 131 -48.94 -34.10 1.67
C SER K 131 -49.39 -34.60 0.29
N SER K 132 -50.68 -34.90 0.17
CA SER K 132 -51.37 -35.39 -1.06
C SER K 132 -52.21 -34.28 -1.65
N GLU K 133 -52.26 -33.12 -0.99
CA GLU K 133 -52.94 -31.90 -1.49
C GLU K 133 -51.94 -31.07 -2.32
N ASP K 134 -52.42 -30.29 -3.27
CA ASP K 134 -51.60 -29.39 -4.13
C ASP K 134 -51.11 -28.22 -3.27
N ASN K 135 -51.98 -27.66 -2.43
CA ASN K 135 -51.63 -26.50 -1.58
C ASN K 135 -50.84 -27.03 -0.38
N ILE K 136 -49.62 -26.53 -0.18
CA ILE K 136 -48.72 -26.90 0.94
C ILE K 136 -48.62 -25.74 1.93
N ASP K 137 -48.71 -26.02 3.22
CA ASP K 137 -48.42 -25.06 4.31
C ASP K 137 -46.91 -25.08 4.54
N TYR K 138 -46.23 -24.04 4.05
CA TYR K 138 -44.75 -24.03 4.03
C TYR K 138 -44.21 -24.00 5.46
N LYS K 139 -44.87 -23.32 6.40
CA LYS K 139 -44.38 -23.31 7.81
C LYS K 139 -44.42 -24.73 8.35
N LEU K 140 -45.52 -25.48 8.10
CA LEU K 140 -45.71 -26.88 8.58
C LEU K 140 -44.74 -27.83 7.88
N PHE K 141 -44.55 -27.70 6.57
CA PHE K 141 -43.59 -28.51 5.78
C PHE K 141 -42.16 -28.36 6.32
N CYS K 142 -41.82 -27.15 6.76
CA CYS K 142 -40.52 -26.85 7.39
C CYS K 142 -40.47 -27.45 8.80
N GLU K 143 -41.58 -27.42 9.55
CA GLU K 143 -41.66 -28.01 10.91
C GLU K 143 -41.42 -29.52 10.80
N ASP K 144 -41.86 -30.11 9.68
CA ASP K 144 -41.80 -31.57 9.44
C ASP K 144 -40.36 -31.99 9.21
N ILE K 145 -39.64 -31.29 8.35
CA ILE K 145 -38.28 -31.72 7.92
C ILE K 145 -37.30 -31.46 9.06
N LEU K 146 -37.73 -30.73 10.07
CA LEU K 146 -36.85 -30.32 11.19
C LEU K 146 -36.84 -31.39 12.29
N GLN K 147 -37.93 -32.17 12.45
CA GLN K 147 -38.16 -33.12 13.58
C GLN K 147 -38.01 -34.57 13.10
N SER L 1 -36.24 8.69 -31.24
CA SER L 1 -35.38 7.67 -31.86
C SER L 1 -35.79 6.30 -31.31
N VAL L 2 -36.44 5.46 -32.12
CA VAL L 2 -36.71 4.02 -31.80
C VAL L 2 -35.43 3.35 -31.23
N GLU L 3 -34.23 3.62 -31.77
CA GLU L 3 -32.98 3.01 -31.23
C GLU L 3 -32.78 3.47 -29.79
N TRP L 4 -33.14 4.72 -29.44
CA TRP L 4 -33.04 5.19 -28.04
C TRP L 4 -34.05 4.46 -27.16
N GLU L 5 -35.32 4.31 -27.60
CA GLU L 5 -36.42 3.66 -26.82
C GLU L 5 -36.03 2.20 -26.53
N ASN L 6 -35.55 1.51 -27.56
CA ASN L 6 -35.03 0.13 -27.49
C ASN L 6 -33.95 0.06 -26.41
N CYS L 7 -33.00 0.97 -26.48
CA CYS L 7 -31.81 1.03 -25.58
C CYS L 7 -32.25 1.20 -24.11
N VAL L 8 -33.12 2.15 -23.78
CA VAL L 8 -33.52 2.32 -22.35
C VAL L 8 -34.31 1.09 -21.92
N SER L 9 -35.13 0.55 -22.81
CA SER L 9 -36.02 -0.61 -22.56
C SER L 9 -35.20 -1.73 -21.94
N VAL L 10 -34.06 -1.97 -22.54
CA VAL L 10 -33.21 -3.14 -22.23
C VAL L 10 -32.45 -2.82 -20.95
N ILE L 11 -32.03 -1.56 -20.78
CA ILE L 11 -31.24 -1.15 -19.60
C ILE L 11 -32.19 -1.18 -18.41
N GLU L 12 -33.35 -0.53 -18.50
CA GLU L 12 -34.36 -0.60 -17.43
C GLU L 12 -34.48 -2.08 -17.00
N ALA L 13 -34.76 -2.97 -17.94
CA ALA L 13 -35.20 -4.35 -17.67
C ALA L 13 -34.03 -5.12 -17.05
N ALA L 14 -32.84 -4.97 -17.62
CA ALA L 14 -31.63 -5.59 -17.04
C ALA L 14 -31.44 -5.15 -15.58
N ILE L 15 -31.70 -3.88 -15.24
CA ILE L 15 -31.56 -3.42 -13.84
C ILE L 15 -32.67 -4.05 -13.01
N LEU L 16 -33.86 -4.15 -13.53
CA LEU L 16 -34.96 -4.77 -12.76
C LEU L 16 -34.59 -6.22 -12.47
N LYS L 17 -34.08 -6.95 -13.46
CA LYS L 17 -33.74 -8.37 -13.24
C LYS L 17 -32.68 -8.39 -12.15
N HIS L 18 -31.75 -7.43 -12.19
CA HIS L 18 -30.59 -7.37 -11.23
C HIS L 18 -31.11 -7.16 -9.80
N LYS L 19 -32.03 -6.20 -9.57
CA LYS L 19 -32.70 -5.98 -8.26
C LYS L 19 -33.43 -7.23 -7.78
N TYR L 20 -34.33 -7.80 -8.57
CA TYR L 20 -35.00 -9.09 -8.23
C TYR L 20 -33.97 -10.15 -7.76
N LYS L 21 -32.86 -10.30 -8.46
CA LYS L 21 -31.87 -11.36 -8.15
C LYS L 21 -31.19 -11.07 -6.81
N GLN L 22 -30.85 -9.81 -6.59
CA GLN L 22 -30.07 -9.39 -5.39
C GLN L 22 -31.03 -9.53 -4.19
N LYS L 23 -32.34 -9.44 -4.41
CA LYS L 23 -33.36 -9.68 -3.36
C LYS L 23 -33.46 -11.18 -3.07
N VAL L 24 -33.72 -12.09 -4.02
CA VAL L 24 -33.79 -13.52 -3.61
C VAL L 24 -32.42 -13.94 -3.05
N ASN L 25 -31.29 -13.43 -3.54
CA ASN L 25 -29.97 -13.89 -3.02
C ASN L 25 -29.98 -13.80 -1.48
N LYS L 26 -30.58 -12.75 -0.89
CA LYS L 26 -30.65 -12.55 0.59
C LYS L 26 -31.30 -13.77 1.26
N ASN L 27 -32.21 -14.45 0.57
CA ASN L 27 -32.96 -15.61 1.12
C ASN L 27 -32.30 -16.97 0.87
N ILE L 28 -31.10 -17.03 0.32
CA ILE L 28 -30.55 -18.34 -0.09
C ILE L 28 -29.93 -19.07 1.10
N PRO L 29 -29.10 -18.42 1.96
CA PRO L 29 -28.70 -19.04 3.23
C PRO L 29 -29.79 -19.85 3.95
N SER L 30 -30.98 -19.25 4.08
CA SER L 30 -32.23 -19.90 4.54
C SER L 30 -32.53 -21.18 3.73
N LEU L 31 -32.60 -21.09 2.39
CA LEU L 31 -33.07 -22.19 1.51
C LEU L 31 -32.07 -23.34 1.60
N LEU L 32 -30.77 -23.07 1.68
CA LEU L 32 -29.77 -24.13 1.91
C LEU L 32 -30.21 -25.01 3.08
N ARG L 33 -30.66 -24.39 4.17
CA ARG L 33 -31.06 -25.09 5.41
C ARG L 33 -32.28 -25.96 5.05
N VAL L 34 -33.25 -25.43 4.31
CA VAL L 34 -34.39 -26.26 3.85
C VAL L 34 -33.84 -27.45 3.06
N GLN L 35 -33.05 -27.21 2.04
CA GLN L 35 -32.51 -28.28 1.19
C GLN L 35 -31.66 -29.25 2.04
N ALA L 36 -30.97 -28.80 3.08
CA ALA L 36 -30.12 -29.70 3.90
C ALA L 36 -30.99 -30.68 4.69
N HIS L 37 -32.08 -30.18 5.24
CA HIS L 37 -33.02 -30.92 6.09
C HIS L 37 -33.79 -31.89 5.19
N ILE L 38 -34.18 -31.46 3.99
CA ILE L 38 -34.91 -32.37 3.07
C ILE L 38 -33.99 -33.55 2.79
N ARG L 39 -32.71 -33.28 2.53
CA ARG L 39 -31.73 -34.33 2.15
C ARG L 39 -31.52 -35.26 3.35
N LYS L 40 -31.47 -34.72 4.56
CA LYS L 40 -31.38 -35.52 5.80
C LYS L 40 -32.63 -36.40 5.93
N LYS L 41 -33.83 -35.83 5.78
CA LYS L 41 -35.07 -36.63 5.93
C LYS L 41 -35.08 -37.78 4.90
N MET L 42 -34.56 -37.55 3.69
CA MET L 42 -34.72 -38.50 2.56
C MET L 42 -33.52 -39.47 2.47
N VAL L 43 -32.65 -39.52 3.48
CA VAL L 43 -31.43 -40.39 3.45
C VAL L 43 -31.83 -41.83 3.09
N SER M 1 -35.73 -6.01 48.24
CA SER M 1 -35.49 -5.43 49.56
C SER M 1 -35.99 -3.99 49.52
N MET M 2 -36.28 -3.41 50.67
CA MET M 2 -36.64 -1.98 50.73
C MET M 2 -35.54 -1.19 50.02
N ALA M 3 -34.28 -1.56 50.25
CA ALA M 3 -33.13 -0.86 49.61
C ALA M 3 -33.11 -1.04 48.08
N SER M 4 -33.27 -2.28 47.59
CA SER M 4 -33.19 -2.56 46.15
C SER M 4 -34.38 -1.86 45.47
N ASP M 5 -35.54 -1.81 46.14
CA ASP M 5 -36.76 -1.16 45.58
C ASP M 5 -36.62 0.36 45.60
N MET M 6 -35.67 0.93 46.35
CA MET M 6 -35.40 2.39 46.27
C MET M 6 -34.37 2.71 45.16
N GLU M 7 -33.56 1.74 44.74
CA GLU M 7 -32.44 2.01 43.82
C GLU M 7 -32.89 2.86 42.61
N GLU M 8 -34.00 2.54 41.96
CA GLU M 8 -34.43 3.25 40.73
C GLU M 8 -34.77 4.71 41.08
N LYS M 9 -35.41 4.99 42.23
CA LYS M 9 -35.76 6.40 42.55
C LYS M 9 -34.47 7.16 42.90
N PHE M 10 -33.53 6.51 43.60
CA PHE M 10 -32.21 7.13 43.89
C PHE M 10 -31.50 7.52 42.59
N ARG M 11 -31.43 6.62 41.61
CA ARG M 11 -30.72 6.84 40.32
C ARG M 11 -31.40 8.01 39.63
N GLU M 12 -32.73 8.00 39.51
CA GLU M 12 -33.45 9.04 38.76
C GLU M 12 -33.12 10.41 39.39
N ALA M 13 -33.12 10.49 40.72
CA ALA M 13 -32.97 11.75 41.45
C ALA M 13 -31.57 12.31 41.26
N PHE M 14 -30.54 11.46 41.33
CA PHE M 14 -29.16 11.93 41.10
C PHE M 14 -29.08 12.63 39.74
N ILE M 15 -29.70 12.00 38.75
CA ILE M 15 -29.64 12.48 37.35
C ILE M 15 -30.35 13.83 37.26
N LEU M 16 -31.56 13.93 37.79
CA LEU M 16 -32.30 15.22 37.90
C LEU M 16 -31.46 16.33 38.56
N PHE M 17 -30.70 16.06 39.62
CA PHE M 17 -29.97 17.11 40.39
C PHE M 17 -28.58 17.33 39.80
N SER M 18 -28.04 16.38 39.05
CA SER M 18 -26.70 16.47 38.40
C SER M 18 -26.81 16.98 36.96
N SER M 19 -28.03 17.16 36.41
CA SER M 19 -28.29 17.39 34.95
C SER M 19 -27.72 16.25 34.11
N CYS M 20 -27.87 15.02 34.59
CA CYS M 20 -27.49 13.78 33.90
C CYS M 20 -25.97 13.56 33.87
N SER M 21 -25.08 14.43 34.43
CA SER M 21 -23.69 13.94 34.72
C SER M 21 -23.76 12.65 35.54
N ASP M 22 -22.69 11.86 35.48
CA ASP M 22 -22.39 10.83 36.49
C ASP M 22 -21.70 11.47 37.71
N HIS M 23 -21.36 12.78 37.67
CA HIS M 23 -20.73 13.59 38.75
C HIS M 23 -21.67 14.74 39.16
N ILE M 24 -21.71 15.12 40.45
CA ILE M 24 -22.66 16.13 41.02
C ILE M 24 -21.91 17.15 41.88
N GLU M 25 -22.23 18.44 41.78
CA GLU M 25 -21.59 19.48 42.60
C GLU M 25 -22.05 19.29 44.05
N MET M 26 -21.24 19.65 45.06
CA MET M 26 -21.61 19.44 46.48
C MET M 26 -22.92 20.18 46.83
N TYR M 27 -23.20 21.40 46.38
CA TYR M 27 -24.45 22.07 46.83
C TYR M 27 -25.65 21.27 46.30
N LYS M 28 -25.55 20.69 45.11
CA LYS M 28 -26.67 19.93 44.51
C LYS M 28 -26.79 18.57 45.24
N PHE M 29 -25.70 18.07 45.83
CA PHE M 29 -25.69 16.78 46.58
C PHE M 29 -26.43 16.93 47.90
N PHE M 30 -26.28 18.08 48.58
CA PHE M 30 -27.09 18.41 49.78
C PHE M 30 -28.56 18.51 49.36
N GLU M 31 -28.87 19.16 48.24
CA GLU M 31 -30.30 19.23 47.81
C GLU M 31 -30.79 17.80 47.61
N LEU M 32 -29.99 16.96 46.94
CA LEU M 32 -30.38 15.56 46.58
C LEU M 32 -30.65 14.78 47.85
N MET M 33 -29.75 14.81 48.83
CA MET M 33 -30.00 13.98 50.03
C MET M 33 -31.20 14.54 50.81
N ASN M 34 -31.31 15.86 50.92
CA ASN M 34 -32.42 16.49 51.70
C ASN M 34 -33.74 16.06 51.06
N SER M 35 -33.75 15.92 49.73
CA SER M 35 -34.98 15.59 48.96
C SER M 35 -35.52 14.22 49.38
N PHE M 36 -34.66 13.31 49.90
CA PHE M 36 -35.05 11.98 50.49
C PHE M 36 -35.02 12.01 52.03
N GLY M 37 -35.11 13.21 52.62
CA GLY M 37 -35.16 13.37 54.09
C GLY M 37 -33.82 13.16 54.77
N ILE M 38 -32.71 13.07 54.04
CA ILE M 38 -31.41 12.78 54.69
C ILE M 38 -30.76 14.09 55.11
N ILE M 39 -30.36 14.17 56.38
CA ILE M 39 -29.62 15.32 56.92
C ILE M 39 -28.39 14.80 57.66
N LEU M 40 -27.22 15.34 57.36
CA LEU M 40 -26.03 14.87 58.08
C LEU M 40 -25.67 15.84 59.20
N THR M 41 -24.89 15.34 60.16
CA THR M 41 -24.09 16.16 61.13
C THR M 41 -22.95 16.85 60.38
N ASN M 42 -22.45 17.96 60.93
CA ASN M 42 -21.28 18.66 60.34
C ASN M 42 -20.10 17.68 60.21
N ASP M 43 -19.84 16.83 61.20
CA ASP M 43 -18.68 15.89 61.18
C ASP M 43 -18.86 14.84 60.07
N GLU M 44 -20.10 14.42 59.78
CA GLU M 44 -20.33 13.44 58.70
C GLU M 44 -20.07 14.15 57.36
N LYS M 45 -20.43 15.42 57.23
CA LYS M 45 -20.10 16.20 56.00
C LYS M 45 -18.56 16.33 55.84
N ALA M 46 -17.81 16.52 56.92
CA ALA M 46 -16.35 16.61 56.79
C ALA M 46 -15.81 15.35 56.08
N ALA M 47 -16.45 14.19 56.26
CA ALA M 47 -15.94 12.90 55.73
C ALA M 47 -16.38 12.67 54.28
N LEU M 48 -17.34 13.43 53.74
CA LEU M 48 -17.76 13.30 52.32
C LEU M 48 -16.59 13.58 51.38
N PRO M 49 -16.42 12.77 50.31
CA PRO M 49 -15.47 13.09 49.23
C PRO M 49 -15.99 14.30 48.47
N ASN M 50 -15.14 15.07 47.81
CA ASN M 50 -15.55 16.32 47.12
C ASN M 50 -16.02 16.03 45.70
N ASP M 51 -15.63 14.88 45.12
CA ASP M 51 -16.04 14.54 43.74
C ASP M 51 -16.94 13.30 43.81
N ILE M 52 -18.25 13.51 43.69
CA ILE M 52 -19.26 12.49 44.07
C ILE M 52 -19.90 11.95 42.82
N ASN M 53 -19.95 10.64 42.72
CA ASN M 53 -20.45 9.99 41.49
C ASN M 53 -21.71 9.23 41.87
N MET M 54 -22.41 8.69 40.89
CA MET M 54 -23.65 7.91 41.11
C MET M 54 -23.37 6.80 42.15
N ASP M 55 -22.20 6.18 42.13
CA ASP M 55 -22.02 4.92 42.92
C ASP M 55 -21.91 5.29 44.38
N TYR M 56 -21.24 6.40 44.66
CA TYR M 56 -21.13 6.89 46.05
C TYR M 56 -22.54 7.22 46.56
N TRP M 57 -23.29 7.97 45.77
CA TRP M 57 -24.67 8.31 46.12
C TRP M 57 -25.50 7.04 46.35
N LEU M 58 -25.41 6.01 45.52
CA LEU M 58 -26.33 4.85 45.72
C LEU M 58 -26.01 4.14 47.04
N ASN M 59 -24.78 4.15 47.50
CA ASN M 59 -24.39 3.42 48.74
C ASN M 59 -24.77 4.28 49.92
N PHE M 60 -24.50 5.56 49.81
CA PHE M 60 -24.83 6.55 50.86
C PHE M 60 -26.35 6.60 51.12
N ALA M 61 -27.16 6.67 50.05
CA ALA M 61 -28.63 6.64 50.12
C ALA M 61 -29.05 5.37 50.84
N LYS M 62 -28.50 4.20 50.48
CA LYS M 62 -28.97 2.89 51.04
C LYS M 62 -28.77 2.92 52.55
N LYS M 63 -27.72 3.60 53.01
CA LYS M 63 -27.28 3.65 54.42
C LYS M 63 -28.12 4.67 55.21
N HIS M 64 -28.36 5.86 54.69
CA HIS M 64 -28.88 7.02 55.46
C HIS M 64 -30.39 7.17 55.31
N TYR M 65 -31.00 6.73 54.23
CA TYR M 65 -32.46 6.84 54.05
C TYR M 65 -33.15 6.10 55.18
N ASN M 66 -34.21 6.72 55.69
CA ASN M 66 -35.02 6.18 56.80
C ASN M 66 -36.16 5.32 56.25
N TYR M 67 -35.99 4.00 56.24
CA TYR M 67 -36.94 3.09 55.56
C TYR M 67 -38.30 3.15 56.23
N GLU M 68 -38.38 3.16 57.57
CA GLU M 68 -39.66 3.26 58.31
C GLU M 68 -40.31 4.64 58.14
N GLN M 69 -39.52 5.72 58.19
CA GLN M 69 -40.08 7.10 58.20
C GLN M 69 -39.19 8.03 57.39
N PRO M 70 -39.34 7.99 56.06
CA PRO M 70 -38.51 8.81 55.20
C PRO M 70 -38.40 10.26 55.69
N PHE M 71 -39.52 10.91 56.01
CA PHE M 71 -39.47 12.34 56.38
C PHE M 71 -39.63 12.55 57.89
N LYS M 72 -38.92 11.75 58.68
CA LYS M 72 -38.85 11.88 60.14
C LYS M 72 -38.46 13.32 60.50
N HIS M 73 -37.58 13.99 59.75
CA HIS M 73 -37.12 15.37 60.13
C HIS M 73 -38.28 16.38 60.06
N ILE M 74 -39.31 16.12 59.28
CA ILE M 74 -40.54 16.98 59.31
C ILE M 74 -41.29 16.71 60.62
N ASN M 75 -41.45 15.44 61.00
CA ASN M 75 -42.26 15.04 62.18
C ASN M 75 -41.48 15.20 63.48
N ASN M 76 -40.18 15.55 63.45
CA ASN M 76 -39.37 15.72 64.69
C ASN M 76 -39.67 17.09 65.32
N VAL M 77 -40.04 18.06 64.48
CA VAL M 77 -40.60 19.37 64.94
C VAL M 77 -42.02 19.14 65.47
N ASN M 78 -42.79 18.24 64.84
CA ASN M 78 -44.20 17.90 65.22
C ASN M 78 -44.24 17.24 66.62
N GLU M 79 -43.20 16.48 66.98
CA GLU M 79 -43.04 15.97 68.37
C GLU M 79 -42.82 17.18 69.28
N GLN M 80 -41.97 18.12 68.87
CA GLN M 80 -41.68 19.37 69.60
C GLN M 80 -42.92 20.28 69.63
N ASN M 81 -43.61 20.43 68.49
CA ASN M 81 -44.78 21.33 68.32
C ASN M 81 -46.01 20.50 67.98
N THR M 82 -47.08 20.59 68.79
CA THR M 82 -48.32 19.79 68.60
C THR M 82 -48.82 19.99 67.16
N ASN M 83 -49.50 18.99 66.59
CA ASN M 83 -49.92 19.01 65.17
C ASN M 83 -51.06 20.02 65.00
N VAL M 84 -50.73 21.32 65.04
CA VAL M 84 -51.71 22.42 64.86
C VAL M 84 -52.10 22.42 63.39
N GLN M 85 -53.39 22.53 63.08
CA GLN M 85 -53.85 22.68 61.67
C GLN M 85 -53.52 24.10 61.24
N ILE M 86 -52.22 24.40 61.10
CA ILE M 86 -51.71 25.79 60.86
C ILE M 86 -52.42 26.32 59.62
N LYS M 87 -52.80 27.60 59.64
CA LYS M 87 -53.46 28.25 58.48
C LYS M 87 -52.47 28.19 57.32
N ILE M 88 -52.97 27.91 56.12
CA ILE M 88 -52.14 27.92 54.87
C ILE M 88 -51.28 29.19 54.87
N ASP M 89 -51.80 30.33 55.33
CA ASP M 89 -51.07 31.63 55.35
C ASP M 89 -49.96 31.60 56.41
N ASN M 90 -50.24 31.05 57.61
CA ASN M 90 -49.29 31.00 58.76
C ASN M 90 -48.11 30.09 58.39
N PHE M 91 -48.40 28.96 57.73
CA PHE M 91 -47.40 27.97 57.23
C PHE M 91 -46.45 28.68 56.23
N LEU M 92 -46.98 29.43 55.25
CA LEU M 92 -46.19 30.18 54.21
C LEU M 92 -45.23 31.17 54.90
N GLY M 93 -45.69 31.78 55.99
CA GLY M 93 -44.88 32.68 56.84
C GLY M 93 -43.68 31.96 57.43
N ILE M 94 -43.88 30.76 57.97
CA ILE M 94 -42.81 29.93 58.58
C ILE M 94 -41.78 29.58 57.49
N MET M 95 -42.24 29.43 56.24
CA MET M 95 -41.43 28.99 55.05
C MET M 95 -40.57 30.15 54.52
N LYS M 96 -41.20 31.30 54.21
CA LYS M 96 -40.51 32.54 53.73
C LYS M 96 -39.61 33.11 54.86
N ALA M 97 -39.95 32.90 56.14
CA ALA M 97 -39.15 33.35 57.33
C ALA M 97 -37.78 32.64 57.34
N LEU M 98 -37.76 31.31 57.30
CA LEU M 98 -36.50 30.52 57.16
C LEU M 98 -35.92 30.77 55.77
N ASP M 99 -34.76 30.19 55.45
CA ASP M 99 -34.07 30.46 54.16
C ASP M 99 -34.68 29.60 53.04
N THR M 100 -35.87 29.98 52.55
CA THR M 100 -36.59 29.24 51.48
C THR M 100 -35.78 29.31 50.19
N ARG M 101 -35.69 28.18 49.47
CA ARG M 101 -35.09 28.14 48.11
C ARG M 101 -36.21 28.07 47.07
N LEU M 102 -37.47 28.29 47.51
CA LEU M 102 -38.66 28.15 46.63
C LEU M 102 -39.37 29.49 46.48
N THR M 103 -40.09 29.67 45.38
CA THR M 103 -40.89 30.89 45.09
C THR M 103 -42.31 30.71 45.63
N GLU M 104 -43.24 31.58 45.19
CA GLU M 104 -44.68 31.46 45.53
C GLU M 104 -45.36 30.49 44.54
N SER M 105 -44.93 30.45 43.27
CA SER M 105 -45.47 29.47 42.27
C SER M 105 -44.99 28.06 42.65
N ASP M 106 -43.87 27.96 43.38
CA ASP M 106 -43.31 26.70 43.99
C ASP M 106 -44.06 26.37 45.29
N LEU M 107 -44.48 27.37 46.06
CA LEU M 107 -45.32 27.14 47.27
C LEU M 107 -46.70 26.59 46.85
N ASN M 108 -47.17 26.94 45.63
CA ASN M 108 -48.43 26.42 45.02
C ASN M 108 -48.31 24.90 44.87
N ILE M 109 -47.17 24.47 44.30
CA ILE M 109 -46.84 23.04 44.09
C ILE M 109 -46.86 22.34 45.45
N LEU M 110 -46.28 22.97 46.48
CA LEU M 110 -46.23 22.34 47.82
C LEU M 110 -47.68 22.06 48.25
N LEU M 111 -48.53 23.09 48.12
CA LEU M 111 -49.97 23.09 48.51
C LEU M 111 -50.75 22.02 47.72
N GLN M 112 -50.40 21.79 46.44
CA GLN M 112 -51.10 20.82 45.55
C GLN M 112 -50.74 19.37 45.91
N ILE M 113 -49.57 19.09 46.49
CA ILE M 113 -49.19 17.69 46.85
C ILE M 113 -49.83 17.35 48.20
N THR M 114 -49.98 18.35 49.09
CA THR M 114 -50.31 18.15 50.53
C THR M 114 -51.79 18.39 50.85
N ASN M 115 -52.42 19.44 50.30
CA ASN M 115 -53.80 19.84 50.72
C ASN M 115 -54.76 18.68 50.47
N PRO M 116 -54.77 18.00 49.29
CA PRO M 116 -54.55 18.61 47.98
C PRO M 116 -55.67 19.62 47.65
N GLU M 117 -56.91 19.30 48.02
CA GLU M 117 -58.10 20.14 47.70
C GLU M 117 -58.72 20.74 48.97
N ASN M 118 -58.58 20.10 50.15
CA ASN M 118 -59.29 20.50 51.39
C ASN M 118 -59.06 22.01 51.65
N LYS M 119 -57.81 22.48 51.59
CA LYS M 119 -57.44 23.91 51.70
C LYS M 119 -57.82 24.48 53.08
N SER M 120 -58.05 23.61 54.08
CA SER M 120 -58.56 24.04 55.41
C SER M 120 -57.57 23.70 56.53
N THR M 121 -57.28 22.41 56.74
CA THR M 121 -56.47 21.92 57.88
C THR M 121 -55.16 21.31 57.37
N LEU M 122 -54.02 21.79 57.88
CA LEU M 122 -52.68 21.27 57.49
C LEU M 122 -51.86 20.87 58.73
N ASN M 123 -51.55 19.57 58.87
CA ASN M 123 -50.73 19.06 59.99
C ASN M 123 -49.44 18.48 59.40
N LEU M 124 -48.30 18.71 60.04
CA LEU M 124 -47.00 18.28 59.48
C LEU M 124 -47.00 16.75 59.34
N LYS M 125 -47.84 16.01 60.08
CA LYS M 125 -47.97 14.53 59.89
C LYS M 125 -48.48 14.23 58.48
N THR M 126 -49.39 15.05 57.95
CA THR M 126 -49.98 14.81 56.61
C THR M 126 -49.00 15.36 55.56
N VAL M 127 -48.31 16.48 55.79
CA VAL M 127 -47.29 16.92 54.78
C VAL M 127 -46.22 15.82 54.69
N SER M 128 -45.70 15.30 55.81
CA SER M 128 -44.73 14.18 55.81
C SER M 128 -45.36 12.93 55.16
N GLN M 129 -46.69 12.75 55.25
CA GLN M 129 -47.40 11.58 54.65
C GLN M 129 -47.56 11.83 53.15
N LYS M 130 -47.93 13.04 52.75
CA LYS M 130 -48.17 13.40 51.32
C LYS M 130 -46.83 13.41 50.55
N LEU M 131 -45.74 13.75 51.23
CA LEU M 131 -44.40 13.80 50.60
C LEU M 131 -43.82 12.38 50.44
N THR M 132 -43.99 11.51 51.44
CA THR M 132 -43.61 10.07 51.33
C THR M 132 -44.45 9.41 50.22
N GLU M 133 -45.69 9.85 49.99
CA GLU M 133 -46.61 9.24 48.97
C GLU M 133 -46.07 9.53 47.56
N SER M 134 -45.42 10.68 47.36
CA SER M 134 -45.03 11.21 46.02
C SER M 134 -43.52 11.02 45.77
N ILE M 135 -42.87 10.14 46.54
CA ILE M 135 -41.47 9.69 46.28
C ILE M 135 -41.53 8.62 45.16
N ILE N 8 -53.75 3.61 3.34
CA ILE N 8 -53.44 5.08 3.47
C ILE N 8 -52.33 5.43 2.47
N GLN N 9 -52.39 6.63 1.88
CA GLN N 9 -51.46 7.09 0.81
C GLN N 9 -50.07 7.33 1.43
N GLN N 10 -50.03 7.84 2.66
CA GLN N 10 -48.76 8.10 3.42
C GLN N 10 -48.04 6.79 3.74
N LEU N 11 -48.75 5.71 4.09
CA LEU N 11 -48.10 4.39 4.33
C LEU N 11 -47.42 3.93 3.03
N GLU N 12 -48.12 4.06 1.89
CA GLU N 12 -47.69 3.51 0.57
C GLU N 12 -46.50 4.29 0.01
N GLU N 13 -46.29 5.54 0.41
CA GLU N 13 -45.14 6.37 -0.04
C GLU N 13 -43.87 6.11 0.81
N LYS N 14 -43.99 5.71 2.09
CA LYS N 14 -42.82 5.54 3.02
C LYS N 14 -42.23 4.12 2.93
N VAL N 15 -43.04 3.10 2.66
CA VAL N 15 -42.68 1.65 2.81
C VAL N 15 -42.82 0.93 1.45
N ASP N 16 -42.03 -0.13 1.25
CA ASP N 16 -42.18 -1.12 0.13
C ASP N 16 -43.42 -2.00 0.36
N GLU N 17 -44.44 -1.97 -0.51
CA GLU N 17 -45.66 -2.81 -0.33
C GLU N 17 -45.28 -4.31 -0.40
N SER N 18 -44.30 -4.71 -1.20
CA SER N 18 -43.91 -6.15 -1.29
C SER N 18 -43.28 -6.59 0.05
N ASP N 19 -42.35 -5.78 0.61
CA ASP N 19 -41.79 -6.01 1.96
C ASP N 19 -42.89 -6.02 3.03
N VAL N 20 -43.98 -5.28 2.89
CA VAL N 20 -45.07 -5.34 3.90
C VAL N 20 -45.64 -6.76 3.95
N ARG N 21 -46.06 -7.29 2.80
CA ARG N 21 -46.62 -8.66 2.62
C ARG N 21 -45.57 -9.70 3.00
N ILE N 22 -44.32 -9.52 2.62
CA ILE N 22 -43.27 -10.54 2.85
C ILE N 22 -43.00 -10.69 4.35
N TYR N 23 -42.60 -9.58 4.97
CA TYR N 23 -42.33 -9.47 6.44
C TYR N 23 -43.53 -10.03 7.24
N PHE N 24 -44.75 -9.72 6.83
CA PHE N 24 -45.94 -10.35 7.43
C PHE N 24 -45.76 -11.87 7.33
N ASN N 25 -45.44 -12.38 6.15
CA ASN N 25 -45.40 -13.85 5.94
C ASN N 25 -44.29 -14.43 6.79
N GLU N 26 -43.23 -13.65 7.00
CA GLU N 26 -42.02 -14.12 7.67
C GLU N 26 -42.37 -14.42 9.14
N LYS N 27 -43.42 -13.77 9.69
CA LYS N 27 -43.73 -13.84 11.15
C LYS N 27 -45.18 -14.22 11.42
N SER N 28 -46.09 -14.22 10.45
CA SER N 28 -47.51 -14.58 10.67
C SER N 28 -47.62 -16.00 11.23
N SER N 29 -48.78 -16.34 11.77
CA SER N 29 -49.10 -17.70 12.26
C SER N 29 -50.62 -17.78 12.34
N GLY N 30 -51.21 -18.74 11.64
CA GLY N 30 -52.67 -18.84 11.50
C GLY N 30 -53.28 -17.56 10.98
N GLY N 31 -52.62 -16.89 10.02
CA GLY N 31 -53.08 -15.63 9.42
C GLY N 31 -53.06 -14.43 10.37
N LYS N 32 -52.45 -14.54 11.54
CA LYS N 32 -52.35 -13.43 12.51
C LYS N 32 -50.89 -13.20 12.88
N ILE N 33 -50.56 -11.97 13.25
CA ILE N 33 -49.19 -11.60 13.67
C ILE N 33 -49.29 -10.97 15.05
N SER N 34 -48.38 -11.37 15.94
CA SER N 34 -48.18 -10.72 17.26
C SER N 34 -47.85 -9.23 17.07
N ILE N 35 -48.15 -8.40 18.07
CA ILE N 35 -47.77 -6.97 18.11
C ILE N 35 -46.25 -6.84 18.15
N ASP N 36 -45.57 -7.68 18.92
CA ASP N 36 -44.09 -7.56 19.03
C ASP N 36 -43.50 -7.77 17.62
N ASN N 37 -44.00 -8.77 16.91
CA ASN N 37 -43.58 -9.09 15.52
C ASN N 37 -43.94 -7.92 14.57
N ALA N 38 -45.18 -7.40 14.64
CA ALA N 38 -45.58 -6.27 13.79
C ALA N 38 -44.68 -5.03 14.03
N SER N 39 -44.25 -4.76 15.27
CA SER N 39 -43.32 -3.63 15.55
C SER N 39 -41.97 -3.91 14.90
N TYR N 40 -41.48 -5.13 15.03
CA TYR N 40 -40.22 -5.57 14.37
C TYR N 40 -40.32 -5.29 12.86
N ASN N 41 -41.43 -5.71 12.23
CA ASN N 41 -41.65 -5.48 10.78
C ASN N 41 -41.65 -3.99 10.49
N ALA N 42 -42.39 -3.24 11.31
CA ALA N 42 -42.55 -1.79 11.12
C ALA N 42 -41.17 -1.15 11.14
N ARG N 43 -40.29 -1.65 11.99
CA ARG N 43 -38.92 -1.11 12.08
C ARG N 43 -38.14 -1.50 10.84
N LYS N 44 -38.31 -2.74 10.38
CA LYS N 44 -37.62 -3.20 9.15
C LYS N 44 -38.08 -2.32 7.96
N LEU N 45 -39.34 -1.91 7.91
CA LEU N 45 -39.90 -1.03 6.84
C LEU N 45 -39.42 0.43 6.99
N GLY N 46 -38.75 0.81 8.07
CA GLY N 46 -38.22 2.18 8.26
C GLY N 46 -39.19 3.12 9.00
N LEU N 47 -40.24 2.55 9.61
CA LEU N 47 -41.16 3.18 10.63
C LEU N 47 -40.61 3.13 12.07
N ALA N 48 -41.19 3.93 12.97
CA ALA N 48 -40.74 3.99 14.38
C ALA N 48 -41.91 3.86 15.34
N PRO N 49 -42.41 2.64 15.66
CA PRO N 49 -43.46 2.50 16.66
C PRO N 49 -42.86 2.74 18.07
N SER N 50 -43.67 3.31 18.98
CA SER N 50 -43.37 3.52 20.42
C SER N 50 -44.28 2.61 21.22
N SER N 51 -44.18 2.62 22.56
CA SER N 51 -45.09 1.83 23.42
C SER N 51 -46.52 2.39 23.30
N ILE N 52 -46.66 3.68 23.04
CA ILE N 52 -48.00 4.31 22.85
C ILE N 52 -48.72 3.62 21.69
N ASP N 53 -48.06 3.54 20.53
CA ASP N 53 -48.61 2.89 19.31
C ASP N 53 -49.01 1.43 19.64
N GLU N 54 -48.21 0.69 20.40
CA GLU N 54 -48.51 -0.74 20.72
C GLU N 54 -49.77 -0.82 21.60
N LYS N 55 -49.96 0.14 22.53
CA LYS N 55 -51.15 0.21 23.44
C LYS N 55 -52.42 0.51 22.63
N LYS N 56 -52.38 1.50 21.71
CA LYS N 56 -53.55 1.92 20.92
C LYS N 56 -54.07 0.75 20.05
N ILE N 57 -53.18 -0.04 19.43
CA ILE N 57 -53.62 -1.16 18.56
C ILE N 57 -54.06 -2.32 19.45
N LYS N 58 -53.45 -2.50 20.63
CA LYS N 58 -53.87 -3.57 21.59
C LYS N 58 -55.28 -3.27 22.13
N GLU N 59 -55.63 -2.01 22.37
CA GLU N 59 -56.98 -1.61 22.88
C GLU N 59 -58.01 -1.91 21.79
N LEU N 60 -57.63 -1.81 20.51
CA LEU N 60 -58.53 -2.15 19.36
C LEU N 60 -58.67 -3.66 19.15
N TYR N 61 -57.59 -4.45 19.04
CA TYR N 61 -57.63 -5.80 18.40
C TYR N 61 -56.92 -6.89 19.22
N GLY N 62 -56.50 -6.60 20.45
CA GLY N 62 -55.74 -7.56 21.28
C GLY N 62 -54.31 -7.76 20.78
N ASP N 63 -53.66 -8.81 21.28
CA ASP N 63 -52.23 -9.13 21.03
C ASP N 63 -51.99 -9.65 19.60
N ASN N 64 -53.02 -10.10 18.88
CA ASN N 64 -52.82 -10.92 17.65
C ASN N 64 -53.64 -10.30 16.51
N LEU N 65 -52.96 -9.67 15.54
CA LEU N 65 -53.60 -8.90 14.41
C LEU N 65 -53.74 -9.75 13.14
N THR N 66 -54.90 -9.63 12.50
CA THR N 66 -55.13 -10.00 11.08
C THR N 66 -54.21 -9.16 10.19
N TYR N 67 -54.13 -9.52 8.91
CA TYR N 67 -53.32 -8.76 7.91
C TYR N 67 -53.86 -7.33 7.81
N GLU N 68 -55.18 -7.17 7.83
CA GLU N 68 -55.80 -5.83 7.66
C GLU N 68 -55.49 -5.00 8.93
N GLN N 69 -55.62 -5.60 10.10
CA GLN N 69 -55.34 -4.93 11.40
C GLN N 69 -53.84 -4.58 11.47
N TYR N 70 -52.99 -5.31 10.74
CA TYR N 70 -51.51 -5.10 10.70
C TYR N 70 -51.25 -3.86 9.87
N LEU N 71 -51.93 -3.76 8.74
CA LEU N 71 -51.83 -2.59 7.83
C LEU N 71 -52.29 -1.33 8.56
N GLU N 72 -53.32 -1.49 9.40
CA GLU N 72 -53.81 -0.36 10.23
C GLU N 72 -52.69 0.06 11.20
N TYR N 73 -52.14 -0.92 11.92
CA TYR N 73 -51.00 -0.68 12.86
C TYR N 73 -49.88 0.03 12.10
N LEU N 74 -49.54 -0.43 10.90
CA LEU N 74 -48.41 0.20 10.17
C LEU N 74 -48.75 1.67 9.95
N SER N 75 -50.01 2.01 9.67
CA SER N 75 -50.36 3.41 9.28
C SER N 75 -50.18 4.32 10.51
N ILE N 76 -50.51 3.82 11.70
CA ILE N 76 -50.40 4.65 12.95
C ILE N 76 -48.94 4.72 13.40
N CYS N 77 -48.00 4.02 12.74
CA CYS N 77 -46.56 4.07 13.06
C CYS N 77 -45.82 5.05 12.14
N VAL N 78 -46.57 5.70 11.25
CA VAL N 78 -45.94 6.56 10.21
C VAL N 78 -45.27 7.78 10.85
N HIS N 79 -45.93 8.38 11.87
CA HIS N 79 -45.44 9.55 12.64
C HIS N 79 -44.81 10.60 11.70
N ASP N 80 -45.60 11.14 10.76
CA ASP N 80 -45.16 12.15 9.78
C ASP N 80 -44.68 13.45 10.47
N LYS N 81 -45.26 13.85 11.61
CA LYS N 81 -44.91 15.15 12.29
C LYS N 81 -43.46 15.17 12.85
N ASP N 82 -42.77 14.03 12.89
CA ASP N 82 -41.41 13.92 13.48
C ASP N 82 -40.41 14.77 12.68
N ASN N 83 -39.54 15.52 13.38
CA ASN N 83 -38.39 16.31 12.83
C ASN N 83 -37.39 16.57 13.98
N VAL N 84 -36.18 17.11 13.72
CA VAL N 84 -35.20 17.44 14.80
C VAL N 84 -35.81 18.32 15.90
N GLU N 85 -36.83 19.15 15.64
CA GLU N 85 -37.33 20.02 16.74
C GLU N 85 -38.05 19.13 17.74
N GLU N 86 -38.93 18.24 17.31
CA GLU N 86 -39.73 17.43 18.26
C GLU N 86 -38.83 16.43 19.01
N LEU N 87 -37.66 16.06 18.47
CA LEU N 87 -36.85 14.96 19.05
C LEU N 87 -35.88 15.51 20.12
N ILE N 88 -35.27 16.67 19.90
CA ILE N 88 -34.19 17.19 20.78
C ILE N 88 -34.74 17.78 22.08
N LYS N 89 -36.05 17.80 22.30
CA LYS N 89 -36.62 18.51 23.49
C LYS N 89 -35.85 18.07 24.73
N MET N 90 -35.83 16.78 25.04
CA MET N 90 -35.28 16.31 26.35
C MET N 90 -33.77 16.58 26.41
N PHE N 91 -33.05 16.54 25.29
CA PHE N 91 -31.58 16.81 25.30
C PHE N 91 -31.32 18.31 25.45
N ALA N 92 -32.11 19.11 24.76
CA ALA N 92 -32.13 20.58 24.87
C ALA N 92 -32.32 20.94 26.34
N HIS N 93 -33.27 20.28 27.01
CA HIS N 93 -33.59 20.52 28.45
C HIS N 93 -32.38 20.38 29.37
N PHE N 94 -31.41 19.51 29.04
CA PHE N 94 -30.32 19.07 29.95
C PHE N 94 -29.01 19.75 29.60
N ASP N 95 -28.93 20.42 28.43
CA ASP N 95 -27.74 21.21 28.01
C ASP N 95 -27.70 22.52 28.80
N ASN N 96 -26.93 22.56 29.89
CA ASN N 96 -26.94 23.70 30.84
C ASN N 96 -26.04 24.82 30.30
N ASN N 97 -24.87 24.46 29.74
CA ASN N 97 -23.86 25.42 29.18
C ASN N 97 -24.40 26.12 27.92
N CYS N 98 -25.46 25.58 27.29
CA CYS N 98 -26.00 26.05 25.98
C CYS N 98 -24.93 25.88 24.90
N THR N 99 -24.22 24.75 24.88
CA THR N 99 -23.18 24.42 23.87
C THR N 99 -23.73 23.63 22.67
N GLY N 100 -24.97 23.13 22.75
CA GLY N 100 -25.53 22.12 21.80
C GLY N 100 -24.79 20.78 21.84
N TYR N 101 -23.97 20.56 22.86
CA TYR N 101 -23.24 19.30 23.10
C TYR N 101 -23.68 18.72 24.47
N LEU N 102 -23.93 17.41 24.47
CA LEU N 102 -24.04 16.52 25.66
C LEU N 102 -22.97 15.43 25.53
N THR N 103 -22.45 14.90 26.65
CA THR N 103 -21.48 13.78 26.70
C THR N 103 -22.20 12.46 26.45
N LYS N 104 -21.47 11.41 26.09
CA LYS N 104 -22.09 10.06 25.91
C LYS N 104 -22.77 9.64 27.21
N SER N 105 -22.14 9.88 28.35
CA SER N 105 -22.67 9.42 29.66
C SER N 105 -24.06 10.09 29.87
N GLN N 106 -24.15 11.38 29.55
CA GLN N 106 -25.41 12.14 29.73
C GLN N 106 -26.49 11.54 28.83
N MET N 107 -26.15 11.21 27.59
CA MET N 107 -27.22 10.76 26.68
C MET N 107 -27.62 9.34 27.04
N LYS N 108 -26.65 8.54 27.44
CA LYS N 108 -26.95 7.17 27.90
C LYS N 108 -27.97 7.27 29.05
N ASN N 109 -27.68 8.10 30.09
CA ASN N 109 -28.57 8.27 31.28
C ASN N 109 -29.97 8.71 30.84
N ILE N 110 -30.11 9.74 30.02
CA ILE N 110 -31.45 10.15 29.52
C ILE N 110 -32.18 8.97 28.87
N LEU N 111 -31.54 8.31 27.89
CA LEU N 111 -32.17 7.22 27.09
C LEU N 111 -32.44 5.98 27.95
N THR N 112 -31.68 5.75 29.01
CA THR N 112 -31.93 4.52 29.82
C THR N 112 -32.87 4.72 31.00
N THR N 113 -33.17 5.96 31.36
CA THR N 113 -33.94 6.30 32.59
C THR N 113 -35.43 6.50 32.28
N TRP N 114 -35.81 7.17 31.21
CA TRP N 114 -37.23 7.55 31.03
C TRP N 114 -37.80 7.03 29.71
N GLY N 115 -39.12 7.16 29.59
CA GLY N 115 -39.89 6.66 28.44
C GLY N 115 -39.69 5.19 28.24
N ASP N 116 -39.53 4.80 26.98
CA ASP N 116 -39.32 3.39 26.54
C ASP N 116 -37.85 3.09 26.80
N ALA N 117 -37.43 2.96 28.05
CA ALA N 117 -35.98 3.00 28.34
C ALA N 117 -35.25 1.94 27.51
N LEU N 118 -34.20 2.35 26.83
CA LEU N 118 -33.19 1.43 26.28
C LEU N 118 -32.41 0.79 27.43
N THR N 119 -31.82 -0.37 27.15
CA THR N 119 -30.75 -1.00 27.98
C THR N 119 -29.50 -0.13 27.87
N ASP N 120 -28.55 -0.32 28.79
CA ASP N 120 -27.23 0.33 28.70
C ASP N 120 -26.58 0.00 27.35
N GLN N 121 -26.67 -1.25 26.90
CA GLN N 121 -25.90 -1.70 25.72
C GLN N 121 -26.59 -1.08 24.50
N GLU N 122 -27.90 -1.18 24.38
CA GLU N 122 -28.63 -0.65 23.20
C GLU N 122 -28.24 0.85 23.04
N ALA N 123 -28.07 1.56 24.16
CA ALA N 123 -27.85 3.02 24.18
C ALA N 123 -26.41 3.29 23.76
N ILE N 124 -25.46 2.59 24.37
CA ILE N 124 -24.01 2.89 24.22
C ILE N 124 -23.62 2.47 22.80
N ASP N 125 -24.30 1.44 22.25
CA ASP N 125 -24.20 1.03 20.83
C ASP N 125 -24.70 2.15 19.91
N ALA N 126 -25.95 2.57 20.07
CA ALA N 126 -26.55 3.67 19.27
C ALA N 126 -25.62 4.88 19.27
N LEU N 127 -25.00 5.22 20.38
CA LEU N 127 -24.22 6.47 20.47
C LEU N 127 -22.87 6.29 19.81
N ASN N 128 -22.24 5.15 20.04
CA ASN N 128 -20.95 4.77 19.41
C ASN N 128 -21.10 4.77 17.88
N ALA N 129 -22.18 4.19 17.34
CA ALA N 129 -22.48 4.13 15.90
C ALA N 129 -22.36 5.52 15.28
N PHE N 130 -22.73 6.55 16.02
CA PHE N 130 -22.87 7.90 15.46
C PHE N 130 -21.59 8.70 15.67
N SER N 131 -20.75 8.37 16.65
CA SER N 131 -19.53 9.17 16.90
C SER N 131 -18.53 8.38 17.73
N SER N 132 -17.24 8.61 17.48
CA SER N 132 -16.08 8.03 18.23
C SER N 132 -15.72 8.97 19.36
N GLU N 133 -16.36 10.14 19.38
CA GLU N 133 -16.02 11.22 20.32
C GLU N 133 -16.94 11.15 21.54
N ASP N 134 -16.54 11.80 22.61
CA ASP N 134 -17.31 11.87 23.88
C ASP N 134 -18.44 12.88 23.72
N ASN N 135 -18.18 14.07 23.16
CA ASN N 135 -19.23 15.12 23.03
C ASN N 135 -20.02 14.86 21.75
N ILE N 136 -21.35 14.93 21.87
CA ILE N 136 -22.32 14.49 20.84
C ILE N 136 -23.20 15.68 20.48
N ASP N 137 -23.18 16.10 19.21
CA ASP N 137 -24.08 17.17 18.72
C ASP N 137 -25.46 16.55 18.74
N TYR N 138 -26.29 16.88 19.72
CA TYR N 138 -27.56 16.13 19.86
C TYR N 138 -28.50 16.43 18.70
N LYS N 139 -28.43 17.62 18.11
CA LYS N 139 -29.24 17.94 16.90
C LYS N 139 -28.76 17.05 15.74
N LEU N 140 -27.45 16.90 15.50
CA LEU N 140 -26.97 15.99 14.43
C LEU N 140 -27.42 14.57 14.72
N PHE N 141 -27.33 14.13 15.98
CA PHE N 141 -27.61 12.74 16.44
C PHE N 141 -29.06 12.40 16.11
N CYS N 142 -29.96 13.33 16.39
CA CYS N 142 -31.41 13.19 16.07
C CYS N 142 -31.67 13.22 14.55
N GLU N 143 -30.86 13.96 13.78
CA GLU N 143 -30.96 13.97 12.30
C GLU N 143 -30.60 12.57 11.80
N ASP N 144 -29.48 12.02 12.29
CA ASP N 144 -28.97 10.68 11.90
C ASP N 144 -30.05 9.60 12.14
N ILE N 145 -30.80 9.61 13.25
CA ILE N 145 -31.74 8.47 13.57
C ILE N 145 -33.07 8.65 12.81
N LEU N 146 -33.34 9.85 12.35
CA LEU N 146 -34.59 10.16 11.59
C LEU N 146 -34.44 9.68 10.14
N GLN N 147 -33.22 9.67 9.58
CA GLN N 147 -32.95 9.38 8.14
C GLN N 147 -32.46 7.92 7.97
N SER O 1 -34.71 27.64 65.53
CA SER O 1 -34.81 26.19 65.87
C SER O 1 -34.01 25.41 64.80
N VAL O 2 -33.00 24.62 65.17
CA VAL O 2 -32.38 23.66 64.20
C VAL O 2 -33.48 22.74 63.65
N GLU O 3 -34.34 22.21 64.52
CA GLU O 3 -35.41 21.29 64.07
C GLU O 3 -36.24 21.98 62.99
N TRP O 4 -36.43 23.30 63.02
CA TRP O 4 -37.20 24.02 61.97
C TRP O 4 -36.39 24.09 60.68
N GLU O 5 -35.11 24.48 60.77
CA GLU O 5 -34.19 24.66 59.63
C GLU O 5 -34.14 23.33 58.87
N ASN O 6 -34.09 22.21 59.60
CA ASN O 6 -34.06 20.83 59.05
C ASN O 6 -35.39 20.49 58.37
N CYS O 7 -36.50 20.78 59.04
CA CYS O 7 -37.85 20.67 58.45
C CYS O 7 -37.83 21.36 57.10
N VAL O 8 -37.37 22.59 56.99
CA VAL O 8 -37.71 23.31 55.72
C VAL O 8 -36.77 22.81 54.64
N SER O 9 -35.51 22.54 55.00
CA SER O 9 -34.48 21.96 54.08
C SER O 9 -35.10 20.81 53.28
N VAL O 10 -35.67 19.87 54.00
CA VAL O 10 -36.28 18.62 53.49
C VAL O 10 -37.49 18.97 52.62
N ILE O 11 -38.33 19.88 53.08
CA ILE O 11 -39.55 20.27 52.31
C ILE O 11 -39.10 21.01 51.04
N GLU O 12 -38.18 21.99 51.12
CA GLU O 12 -37.66 22.69 49.91
C GLU O 12 -37.17 21.63 48.90
N ALA O 13 -36.25 20.77 49.36
CA ALA O 13 -35.60 19.72 48.55
C ALA O 13 -36.67 18.85 47.90
N ALA O 14 -37.60 18.30 48.68
CA ALA O 14 -38.61 17.36 48.15
C ALA O 14 -39.40 18.03 47.03
N ILE O 15 -39.62 19.32 47.15
CA ILE O 15 -40.47 20.05 46.19
C ILE O 15 -39.66 20.31 44.94
N LEU O 16 -38.42 20.73 45.10
CA LEU O 16 -37.42 20.86 44.02
C LEU O 16 -37.36 19.56 43.21
N LYS O 17 -37.26 18.42 43.88
CA LYS O 17 -37.16 17.13 43.16
C LYS O 17 -38.41 17.00 42.30
N HIS O 18 -39.55 17.34 42.87
CA HIS O 18 -40.88 17.25 42.20
C HIS O 18 -40.91 18.23 41.02
N LYS O 19 -40.35 19.44 41.19
CA LYS O 19 -40.37 20.41 40.08
C LYS O 19 -39.51 19.82 38.94
N TYR O 20 -38.34 19.24 39.24
CA TYR O 20 -37.42 18.69 38.21
C TYR O 20 -38.10 17.54 37.46
N LYS O 21 -38.82 16.63 38.14
CA LYS O 21 -39.56 15.49 37.49
C LYS O 21 -40.63 16.04 36.55
N GLN O 22 -41.33 17.10 36.93
CA GLN O 22 -42.52 17.53 36.15
C GLN O 22 -41.95 18.23 34.90
N LYS O 23 -40.75 18.80 34.96
CA LYS O 23 -40.17 19.39 33.72
C LYS O 23 -39.63 18.29 32.81
N VAL O 24 -39.13 17.14 33.32
CA VAL O 24 -38.76 16.08 32.34
C VAL O 24 -40.05 15.44 31.82
N ASN O 25 -41.07 15.18 32.66
CA ASN O 25 -42.32 14.54 32.19
C ASN O 25 -42.97 15.34 31.05
N LYS O 26 -42.75 16.66 30.95
CA LYS O 26 -43.23 17.45 29.78
C LYS O 26 -42.56 16.93 28.51
N ASN O 27 -41.29 16.55 28.58
CA ASN O 27 -40.43 16.20 27.43
C ASN O 27 -40.41 14.70 27.08
N ILE O 28 -41.13 13.84 27.82
CA ILE O 28 -41.11 12.36 27.61
C ILE O 28 -41.70 11.99 26.25
N PRO O 29 -42.87 12.49 25.83
CA PRO O 29 -43.42 12.15 24.52
C PRO O 29 -42.38 12.31 23.39
N SER O 30 -41.61 13.39 23.46
CA SER O 30 -40.47 13.68 22.56
C SER O 30 -39.45 12.54 22.66
N LEU O 31 -39.09 12.15 23.89
CA LEU O 31 -38.00 11.18 24.13
C LEU O 31 -38.42 9.81 23.59
N LEU O 32 -39.70 9.47 23.67
CA LEU O 32 -40.21 8.21 23.11
C LEU O 32 -39.91 8.11 21.61
N ARG O 33 -39.95 9.24 20.91
CA ARG O 33 -39.75 9.31 19.45
C ARG O 33 -38.27 9.07 19.18
N VAL O 34 -37.39 9.64 19.98
CA VAL O 34 -35.91 9.38 19.86
C VAL O 34 -35.67 7.89 20.09
N GLN O 35 -36.33 7.32 21.09
CA GLN O 35 -36.13 5.90 21.47
C GLN O 35 -36.72 5.05 20.35
N ALA O 36 -37.81 5.50 19.74
CA ALA O 36 -38.50 4.73 18.69
C ALA O 36 -37.64 4.68 17.42
N HIS O 37 -36.93 5.77 17.09
CA HIS O 37 -36.05 5.84 15.91
C HIS O 37 -34.71 5.16 16.23
N ILE O 38 -34.31 5.05 17.50
CA ILE O 38 -33.02 4.37 17.81
C ILE O 38 -33.30 2.88 17.59
N ARG O 39 -34.43 2.42 18.10
CA ARG O 39 -34.87 1.02 17.93
C ARG O 39 -35.03 0.71 16.43
N LYS O 40 -35.57 1.60 15.60
CA LYS O 40 -35.71 1.34 14.13
C LYS O 40 -34.32 1.21 13.50
N LYS O 41 -33.46 2.19 13.74
CA LYS O 41 -32.11 2.23 13.12
C LYS O 41 -31.33 0.97 13.47
N MET O 42 -31.65 0.26 14.55
CA MET O 42 -30.69 -0.73 15.10
C MET O 42 -31.34 -2.12 15.04
N VAL O 43 -32.32 -2.31 14.18
CA VAL O 43 -33.21 -3.52 14.27
C VAL O 43 -32.41 -4.76 13.86
#